data_6NH5
#
_entry.id   6NH5
#
_cell.length_a   59.528
_cell.length_b   152.760
_cell.length_c   108.980
_cell.angle_alpha   90.00
_cell.angle_beta   90.76
_cell.angle_gamma   90.00
#
_symmetry.space_group_name_H-M   'P 1 21 1'
#
loop_
_entity.id
_entity.type
_entity.pdbx_description
1 polymer 'Endothelial nitric oxide synthase splice variant eNOS13A'
2 non-polymer 'PROTOPORPHYRIN IX CONTAINING FE'
3 non-polymer 5,6,7,8-TETRAHYDROBIOPTERIN
4 non-polymer 6-[2-(3-fluoro-5-{2-[(2R,4S)-4-fluoro-1-methylpyrrolidin-2-yl]ethyl}phenyl)ethyl]-4-methylpyridin-2-amine
5 non-polymer 2-[BIS-(2-HYDROXY-ETHYL)-AMINO]-2-HYDROXYMETHYL-PROPANE-1,3-DIOL
6 non-polymer 'ZINC ION'
7 non-polymer GLYCEROL
8 non-polymer 'CHLORIDE ION'
9 non-polymer 'GADOLINIUM ATOM'
10 water water
#
_entity_poly.entity_id   1
_entity_poly.type   'polypeptide(L)'
_entity_poly.pdbx_seq_one_letter_code
;APASLLPPAPEHSPPSSPLTQPPEGPKFPRVKNWEVGSITYDTLSAQAQQDGPCTPRRCLGSLVFPRKLQGRPSPGPPAP
EQLLSQARDFINQYYSSIKRSGSQAHEQRLQEVEAEVAATGTYQLRESELVFGAKQAWRNAPRCVGRIQWGKLQVFDARD
CRSAQEMFTYICNHIKYATNRGNLRSAITVFPQRCPGRGDFRIWNSQLVRYAGYRQQDGSVRGDPANVEITELCIQHGWT
PGNGRFDVLPLLLQAPDEPPELFLLPPELVLEVPLEHPTLEWFAALGLRWYALPAVSNMLLEIGGLEFPAAPFSGWYMST
EIGTRNLCDPHRYNILEDVAVCMDLDTRTTSSLWKDKAAVEINVAVLHSYQLAKVTIVDHHAATASFMKHLENEQKARGG
CPADWAWIVPPISGSLTPVFHQEMVNYFLSPAFRYQPDPW
;
_entity_poly.pdbx_strand_id   A,B,C,D
#
loop_
_chem_comp.id
_chem_comp.type
_chem_comp.name
_chem_comp.formula
BTB non-polymer 2-[BIS-(2-HYDROXY-ETHYL)-AMINO]-2-HYDROXYMETHYL-PROPANE-1,3-DIOL 'C8 H19 N O5'
CL non-polymer 'CHLORIDE ION' 'Cl -1'
GD non-polymer 'GADOLINIUM ATOM' Gd
GOL non-polymer GLYCEROL 'C3 H8 O3'
H4B non-polymer 5,6,7,8-TETRAHYDROBIOPTERIN 'C9 H15 N5 O3'
HEM non-polymer 'PROTOPORPHYRIN IX CONTAINING FE' 'C34 H32 Fe N4 O4'
KLD non-polymer 6-[2-(3-fluoro-5-{2-[(2R,4S)-4-fluoro-1-methylpyrrolidin-2-yl]ethyl}phenyl)ethyl]-4-methylpyridin-2-amine 'C21 H27 F2 N3'
ZN non-polymer 'ZINC ION' 'Zn 2'
#
# COMPACT_ATOMS: atom_id res chain seq x y z
N PHE A 28 13.44 -10.62 -47.83
CA PHE A 28 12.84 -9.62 -46.94
C PHE A 28 12.18 -10.25 -45.72
N PRO A 29 12.84 -10.13 -44.56
CA PRO A 29 12.34 -10.76 -43.35
C PRO A 29 11.04 -10.12 -42.86
N ARG A 30 10.11 -10.97 -42.44
CA ARG A 30 8.85 -10.56 -41.84
C ARG A 30 9.07 -10.33 -40.34
N VAL A 31 8.64 -9.16 -39.87
CA VAL A 31 8.86 -8.73 -38.49
C VAL A 31 7.50 -8.39 -37.90
N LYS A 32 7.16 -9.03 -36.80
CA LYS A 32 5.83 -8.92 -36.20
C LYS A 32 5.94 -8.25 -34.84
N ASN A 33 4.94 -7.43 -34.52
CA ASN A 33 4.76 -6.93 -33.17
C ASN A 33 3.63 -7.70 -32.51
N TRP A 34 3.96 -8.45 -31.45
CA TRP A 34 3.04 -9.39 -30.82
C TRP A 34 2.07 -8.73 -29.85
N GLU A 35 2.23 -7.43 -29.59
CA GLU A 35 1.28 -6.71 -28.74
C GLU A 35 0.10 -6.18 -29.53
N VAL A 36 0.34 -5.73 -30.76
CA VAL A 36 -0.69 -5.17 -31.59
C VAL A 36 -1.11 -6.10 -32.72
N GLY A 37 -0.19 -6.94 -33.21
CA GLY A 37 -0.45 -7.79 -34.34
C GLY A 37 0.04 -7.26 -35.68
N SER A 38 0.62 -6.07 -35.72
CA SER A 38 1.05 -5.47 -36.97
C SER A 38 2.29 -6.17 -37.52
N ILE A 39 2.41 -6.16 -38.84
CA ILE A 39 3.49 -6.82 -39.57
C ILE A 39 4.14 -5.80 -40.49
N THR A 40 5.47 -5.83 -40.55
CA THR A 40 6.25 -5.10 -41.54
C THR A 40 7.31 -6.03 -42.12
N TYR A 41 7.98 -5.54 -43.17
CA TYR A 41 9.09 -6.24 -43.80
C TYR A 41 10.31 -5.34 -43.79
N ASP A 42 11.45 -5.89 -43.36
CA ASP A 42 12.70 -5.14 -43.29
C ASP A 42 13.42 -5.29 -44.62
N THR A 43 13.27 -4.29 -45.50
CA THR A 43 13.99 -4.30 -46.76
C THR A 43 15.37 -3.68 -46.65
N LEU A 44 15.63 -2.93 -45.59
CA LEU A 44 16.94 -2.30 -45.41
C LEU A 44 18.02 -3.33 -45.10
N SER A 45 17.64 -4.46 -44.49
CA SER A 45 18.60 -5.50 -44.14
C SER A 45 19.31 -6.04 -45.37
N ALA A 46 18.63 -6.07 -46.52
CA ALA A 46 19.22 -6.57 -47.76
C ALA A 46 20.45 -5.79 -48.17
N GLN A 47 20.69 -4.62 -47.57
CA GLN A 47 21.77 -3.74 -47.96
C GLN A 47 22.89 -3.72 -46.93
N ALA A 48 23.02 -4.78 -46.14
CA ALA A 48 24.08 -4.87 -45.14
C ALA A 48 25.37 -5.36 -45.78
N GLN A 49 26.49 -4.97 -45.16
CA GLN A 49 27.77 -5.56 -45.54
C GLN A 49 28.37 -6.32 -44.37
N GLN A 50 29.21 -5.64 -43.57
CA GLN A 50 30.06 -6.26 -42.54
C GLN A 50 29.32 -7.37 -41.79
N ASP A 51 29.59 -8.61 -42.17
CA ASP A 51 28.81 -9.74 -41.69
C ASP A 51 28.89 -9.88 -40.18
N GLY A 52 27.75 -10.23 -39.57
CA GLY A 52 27.69 -10.50 -38.16
C GLY A 52 28.10 -11.93 -37.82
N PRO A 53 27.83 -12.35 -36.58
CA PRO A 53 28.39 -13.61 -36.08
C PRO A 53 27.56 -14.86 -36.34
N CYS A 54 26.33 -14.73 -36.81
CA CYS A 54 25.39 -15.84 -36.86
C CYS A 54 25.48 -16.58 -38.19
N THR A 55 25.13 -17.85 -38.14
CA THR A 55 25.04 -18.72 -39.32
C THR A 55 23.74 -19.51 -39.21
N PRO A 56 23.30 -20.13 -40.32
CA PRO A 56 22.13 -21.01 -40.24
C PRO A 56 22.23 -22.09 -39.16
N ARG A 57 23.45 -22.50 -38.79
CA ARG A 57 23.63 -23.55 -37.79
C ARG A 57 23.44 -23.06 -36.36
N ARG A 58 23.68 -21.78 -36.09
CA ARG A 58 23.69 -21.30 -34.72
C ARG A 58 23.59 -19.78 -34.70
N CYS A 59 22.85 -19.25 -33.73
CA CYS A 59 22.72 -17.82 -33.53
C CYS A 59 23.62 -17.40 -32.38
N LEU A 60 24.43 -16.37 -32.62
CA LEU A 60 25.31 -15.79 -31.61
C LEU A 60 24.88 -14.36 -31.31
N GLY A 61 23.57 -14.11 -31.31
CA GLY A 61 23.08 -12.76 -31.11
C GLY A 61 23.36 -12.20 -29.73
N SER A 62 23.49 -13.05 -28.72
CA SER A 62 23.68 -12.58 -27.35
C SER A 62 25.14 -12.26 -27.03
N LEU A 63 26.07 -12.48 -27.96
CA LEU A 63 27.48 -12.26 -27.65
C LEU A 63 27.78 -10.76 -27.65
N VAL A 64 28.44 -10.29 -26.58
CA VAL A 64 28.72 -8.86 -26.45
C VAL A 64 29.66 -8.40 -27.56
N PHE A 65 30.75 -9.14 -27.79
CA PHE A 65 31.67 -8.85 -28.89
C PHE A 65 31.51 -9.88 -29.98
N PRO A 66 30.91 -9.54 -31.12
CA PRO A 66 30.84 -10.49 -32.25
C PRO A 66 32.22 -10.96 -32.73
N ARG A 67 32.57 -12.21 -32.41
CA ARG A 67 33.81 -12.86 -32.84
C ARG A 67 35.00 -12.11 -32.24
N LYS A 68 35.92 -11.57 -33.03
CA LYS A 68 37.04 -10.81 -32.49
C LYS A 68 37.27 -9.57 -33.33
N LEU A 69 38.05 -8.64 -32.77
CA LEU A 69 38.20 -7.29 -33.33
C LEU A 69 39.29 -7.22 -34.40
N ALA A 79 47.78 -2.59 -50.71
CA ALA A 79 46.52 -2.96 -51.37
C ALA A 79 45.35 -2.13 -50.84
N PRO A 80 45.21 -0.89 -51.34
CA PRO A 80 44.17 0.00 -50.82
C PRO A 80 43.05 0.33 -51.79
N GLU A 81 42.62 -0.63 -52.62
CA GLU A 81 41.50 -0.38 -53.50
C GLU A 81 40.15 -0.50 -52.79
N GLN A 82 40.13 -1.08 -51.60
CA GLN A 82 38.88 -1.20 -50.84
C GLN A 82 38.56 0.05 -50.06
N LEU A 83 39.48 1.03 -50.00
CA LEU A 83 39.11 2.34 -49.46
C LEU A 83 38.15 3.06 -50.41
N LEU A 84 38.44 3.00 -51.72
CA LEU A 84 37.58 3.65 -52.70
C LEU A 84 36.18 3.06 -52.72
N SER A 85 36.04 1.77 -52.41
CA SER A 85 34.72 1.14 -52.42
C SER A 85 33.80 1.72 -51.35
N GLN A 86 34.28 1.78 -50.10
CA GLN A 86 33.46 2.29 -49.01
C GLN A 86 33.25 3.80 -49.13
N ALA A 87 34.09 4.50 -49.89
CA ALA A 87 33.95 5.95 -50.03
C ALA A 87 32.89 6.31 -51.07
N ARG A 88 32.86 5.59 -52.20
CA ARG A 88 31.85 5.88 -53.22
C ARG A 88 30.45 5.60 -52.71
N ASP A 89 30.28 4.54 -51.89
CA ASP A 89 28.96 4.26 -51.33
C ASP A 89 28.53 5.39 -50.40
N PHE A 90 29.43 5.81 -49.51
CA PHE A 90 29.10 6.85 -48.55
C PHE A 90 28.73 8.16 -49.25
N ILE A 91 29.45 8.54 -50.30
CA ILE A 91 29.15 9.79 -50.97
C ILE A 91 27.81 9.69 -51.70
N ASN A 92 27.50 8.51 -52.23
CA ASN A 92 26.18 8.29 -52.81
C ASN A 92 25.09 8.41 -51.75
N GLN A 93 25.33 7.88 -50.55
CA GLN A 93 24.40 8.08 -49.43
C GLN A 93 24.16 9.57 -49.18
N TYR A 94 25.25 10.35 -49.09
CA TYR A 94 25.14 11.75 -48.72
C TYR A 94 24.27 12.51 -49.71
N TYR A 95 24.51 12.33 -51.01
CA TYR A 95 23.71 13.05 -51.99
C TYR A 95 22.32 12.47 -52.16
N SER A 96 22.14 11.19 -51.83
CA SER A 96 20.79 10.67 -51.66
C SER A 96 20.00 11.50 -50.66
N SER A 97 20.57 11.68 -49.46
CA SER A 97 19.83 12.31 -48.36
C SER A 97 19.52 13.77 -48.61
N ILE A 98 20.39 14.50 -49.30
CA ILE A 98 20.11 15.89 -49.62
C ILE A 98 19.40 16.01 -50.97
N LYS A 99 18.74 14.94 -51.42
CA LYS A 99 17.92 14.92 -52.63
C LYS A 99 18.72 14.98 -53.93
N ARG A 100 19.91 15.60 -53.92
CA ARG A 100 20.61 15.94 -55.16
C ARG A 100 21.45 14.78 -55.69
N SER A 101 20.79 13.63 -55.91
CA SER A 101 21.39 12.52 -56.62
C SER A 101 21.24 12.74 -58.12
N GLY A 102 22.30 12.40 -58.87
CA GLY A 102 22.28 12.61 -60.30
C GLY A 102 22.56 14.04 -60.70
N SER A 103 23.64 14.25 -61.46
CA SER A 103 24.10 15.54 -61.98
C SER A 103 24.90 16.34 -60.96
N GLN A 104 25.07 17.63 -61.26
CA GLN A 104 25.63 18.68 -60.40
C GLN A 104 26.81 18.23 -59.55
N ALA A 105 26.85 18.70 -58.30
CA ALA A 105 27.96 18.41 -57.39
C ALA A 105 28.10 16.93 -57.07
N HIS A 106 27.07 16.12 -57.31
CA HIS A 106 27.14 14.70 -56.99
C HIS A 106 28.22 14.01 -57.81
N GLU A 107 28.03 13.93 -59.13
CA GLU A 107 29.04 13.28 -59.96
C GLU A 107 30.20 14.24 -60.20
N GLN A 108 30.31 15.29 -59.39
CA GLN A 108 31.51 16.09 -59.28
C GLN A 108 32.35 15.68 -58.08
N ARG A 109 31.73 15.62 -56.90
CA ARG A 109 32.40 15.16 -55.68
C ARG A 109 32.91 13.73 -55.80
N LEU A 110 32.37 12.95 -56.73
CA LEU A 110 32.89 11.60 -56.94
C LEU A 110 34.33 11.64 -57.45
N GLN A 111 34.74 12.73 -58.10
CA GLN A 111 36.04 12.76 -58.76
C GLN A 111 37.18 13.09 -57.81
N GLU A 112 37.01 14.09 -56.94
CA GLU A 112 38.15 14.53 -56.14
C GLU A 112 38.54 13.47 -55.13
N VAL A 113 37.57 12.76 -54.55
CA VAL A 113 37.91 11.63 -53.69
C VAL A 113 38.67 10.57 -54.48
N GLU A 114 38.22 10.29 -55.71
CA GLU A 114 39.00 9.43 -56.60
C GLU A 114 40.42 9.96 -56.79
N ALA A 115 40.54 11.27 -57.04
CA ALA A 115 41.85 11.86 -57.26
C ALA A 115 42.64 12.00 -55.97
N GLU A 116 41.97 12.26 -54.84
CA GLU A 116 42.66 12.38 -53.56
C GLU A 116 43.34 11.06 -53.18
N VAL A 117 42.63 9.95 -53.33
CA VAL A 117 43.22 8.65 -53.01
C VAL A 117 44.23 8.24 -54.07
N ALA A 118 43.95 8.57 -55.34
CA ALA A 118 44.95 8.38 -56.37
C ALA A 118 46.23 9.16 -56.05
N ALA A 119 46.09 10.36 -55.49
CA ALA A 119 47.26 11.17 -55.18
C ALA A 119 47.89 10.79 -53.85
N THR A 120 47.08 10.51 -52.82
CA THR A 120 47.60 10.37 -51.46
C THR A 120 47.28 9.06 -50.77
N GLY A 121 46.40 8.22 -51.32
CA GLY A 121 46.05 6.98 -50.68
C GLY A 121 45.01 7.08 -49.58
N THR A 122 44.55 8.29 -49.27
CA THR A 122 43.45 8.51 -48.35
C THR A 122 42.66 9.71 -48.88
N TYR A 123 41.70 10.19 -48.10
CA TYR A 123 40.97 11.37 -48.52
C TYR A 123 40.41 12.07 -47.29
N GLN A 124 40.06 13.34 -47.48
CA GLN A 124 39.50 14.18 -46.42
C GLN A 124 38.00 14.31 -46.63
N LEU A 125 37.24 14.16 -45.54
CA LEU A 125 35.81 14.41 -45.60
C LEU A 125 35.53 15.91 -45.55
N ARG A 126 34.60 16.36 -46.41
CA ARG A 126 33.96 17.66 -46.23
C ARG A 126 33.28 17.71 -44.86
N GLU A 127 33.16 18.93 -44.34
CA GLU A 127 32.60 19.10 -43.00
C GLU A 127 31.14 18.65 -42.95
N SER A 128 30.36 18.97 -43.99
CA SER A 128 28.97 18.52 -43.99
C SER A 128 28.88 17.00 -44.15
N GLU A 129 29.82 16.39 -44.88
CA GLU A 129 29.88 14.94 -44.96
C GLU A 129 30.23 14.34 -43.62
N LEU A 130 31.21 14.92 -42.92
CA LEU A 130 31.58 14.44 -41.59
C LEU A 130 30.39 14.53 -40.64
N VAL A 131 29.63 15.62 -40.73
CA VAL A 131 28.42 15.77 -39.93
C VAL A 131 27.39 14.70 -40.29
N PHE A 132 27.09 14.59 -41.57
CA PHE A 132 26.13 13.57 -42.02
C PHE A 132 26.58 12.18 -41.63
N GLY A 133 27.88 11.89 -41.72
CA GLY A 133 28.37 10.57 -41.38
C GLY A 133 28.25 10.25 -39.89
N ALA A 134 28.53 11.25 -39.04
CA ALA A 134 28.43 11.04 -37.60
C ALA A 134 27.00 10.76 -37.19
N LYS A 135 26.05 11.48 -37.79
CA LYS A 135 24.64 11.25 -37.49
C LYS A 135 24.19 9.87 -37.97
N GLN A 136 24.67 9.43 -39.14
CA GLN A 136 24.27 8.13 -39.65
C GLN A 136 24.81 6.99 -38.80
N ALA A 137 26.07 7.10 -38.35
CA ALA A 137 26.63 6.07 -37.50
C ALA A 137 25.80 5.90 -36.25
N TRP A 138 25.33 7.01 -35.65
CA TRP A 138 24.40 6.92 -34.53
C TRP A 138 23.09 6.26 -34.95
N ARG A 139 22.47 6.76 -36.02
CA ARG A 139 21.24 6.19 -36.56
C ARG A 139 21.37 4.68 -36.78
N ASN A 140 22.58 4.23 -37.10
CA ASN A 140 22.84 2.86 -37.47
C ASN A 140 23.21 1.97 -36.28
N ALA A 141 23.38 2.52 -35.10
CA ALA A 141 23.84 1.74 -33.95
C ALA A 141 22.74 0.79 -33.49
N PRO A 142 22.84 -0.51 -33.73
CA PRO A 142 21.72 -1.41 -33.38
C PRO A 142 21.45 -1.45 -31.89
N ARG A 143 22.46 -1.25 -31.05
CA ARG A 143 22.27 -1.38 -29.61
C ARG A 143 21.76 -0.09 -28.95
N CYS A 144 21.59 1.01 -29.68
CA CYS A 144 21.21 2.28 -29.07
C CYS A 144 19.69 2.47 -29.11
N VAL A 145 19.09 2.61 -27.93
CA VAL A 145 17.65 2.86 -27.79
C VAL A 145 17.28 4.32 -27.85
N GLY A 146 18.26 5.25 -27.87
CA GLY A 146 17.96 6.67 -27.89
C GLY A 146 17.95 7.28 -29.28
N ARG A 147 17.82 6.44 -30.31
CA ARG A 147 18.05 6.92 -31.66
C ARG A 147 16.92 7.80 -32.21
N ILE A 148 15.79 7.94 -31.50
CA ILE A 148 14.81 8.96 -31.90
C ILE A 148 15.47 10.34 -32.01
N GLN A 149 16.57 10.54 -31.28
CA GLN A 149 17.27 11.82 -31.26
C GLN A 149 18.38 11.92 -32.31
N TRP A 150 18.53 10.92 -33.19
CA TRP A 150 19.72 10.89 -34.04
C TRP A 150 19.86 12.15 -34.90
N GLY A 151 18.76 12.88 -35.15
CA GLY A 151 18.85 14.04 -36.02
C GLY A 151 19.47 15.26 -35.35
N LYS A 152 19.40 15.32 -34.03
CA LYS A 152 19.94 16.43 -33.23
C LYS A 152 21.26 15.96 -32.63
N LEU A 153 22.35 16.26 -33.31
CA LEU A 153 23.68 15.84 -32.88
C LEU A 153 24.67 16.94 -33.24
N GLN A 154 25.41 17.43 -32.24
CA GLN A 154 26.36 18.51 -32.44
C GLN A 154 27.75 17.91 -32.67
N VAL A 155 28.31 18.15 -33.84
CA VAL A 155 29.57 17.54 -34.27
C VAL A 155 30.66 18.60 -34.20
N PHE A 156 31.59 18.44 -33.25
CA PHE A 156 32.79 19.27 -33.18
C PHE A 156 33.89 18.62 -33.99
N ASP A 157 34.48 19.40 -34.89
CA ASP A 157 35.47 18.91 -35.84
C ASP A 157 36.86 19.18 -35.28
N ALA A 158 37.52 18.14 -34.78
CA ALA A 158 38.83 18.26 -34.17
C ALA A 158 39.93 17.63 -35.03
N ARG A 159 39.72 17.62 -36.36
CA ARG A 159 40.66 16.94 -37.25
C ARG A 159 41.97 17.70 -37.47
N ASP A 160 42.05 18.97 -37.08
CA ASP A 160 43.32 19.69 -37.10
C ASP A 160 44.08 19.53 -35.79
N CYS A 161 43.71 18.57 -34.96
CA CYS A 161 44.38 18.36 -33.69
C CYS A 161 45.78 17.82 -33.89
N ARG A 162 46.70 18.21 -33.00
CA ARG A 162 48.11 17.90 -33.20
C ARG A 162 48.79 17.39 -31.94
N SER A 163 48.32 17.79 -30.76
CA SER A 163 48.95 17.40 -29.50
C SER A 163 47.92 16.84 -28.54
N ALA A 164 48.42 16.20 -27.47
CA ALA A 164 47.53 15.70 -26.43
C ALA A 164 46.96 16.83 -25.58
N GLN A 165 47.73 17.90 -25.36
CA GLN A 165 47.18 19.07 -24.67
C GLN A 165 46.03 19.67 -25.46
N GLU A 166 46.08 19.57 -26.79
CA GLU A 166 45.00 20.08 -27.62
C GLU A 166 43.74 19.23 -27.48
N MET A 167 43.89 17.91 -27.62
CA MET A 167 42.82 16.97 -27.33
C MET A 167 42.11 17.33 -26.03
N PHE A 168 42.89 17.50 -24.96
CA PHE A 168 42.33 17.79 -23.65
C PHE A 168 41.43 19.02 -23.70
N THR A 169 41.88 20.09 -24.37
CA THR A 169 41.04 21.27 -24.51
C THR A 169 39.78 20.95 -25.33
N TYR A 170 39.93 20.19 -26.41
CA TYR A 170 38.75 19.75 -27.18
C TYR A 170 37.80 18.95 -26.30
N ILE A 171 38.33 17.98 -25.56
CA ILE A 171 37.50 17.16 -24.69
C ILE A 171 36.80 18.05 -23.66
N CYS A 172 37.51 19.06 -23.15
CA CYS A 172 36.92 19.94 -22.15
C CYS A 172 35.85 20.85 -22.74
N ASN A 173 36.03 21.30 -23.99
CA ASN A 173 34.97 22.04 -24.66
C ASN A 173 33.71 21.19 -24.82
N HIS A 174 33.88 19.99 -25.38
CA HIS A 174 32.80 19.01 -25.50
C HIS A 174 32.06 18.85 -24.19
N ILE A 175 32.77 18.47 -23.13
CA ILE A 175 32.13 18.22 -21.84
C ILE A 175 31.34 19.45 -21.39
N LYS A 176 31.91 20.65 -21.56
CA LYS A 176 31.20 21.87 -21.18
C LYS A 176 29.95 22.07 -22.03
N TYR A 177 30.10 21.95 -23.35
CA TYR A 177 28.94 22.09 -24.22
C TYR A 177 27.90 21.00 -23.92
N ALA A 178 28.34 19.74 -23.85
CA ALA A 178 27.38 18.65 -23.64
C ALA A 178 26.68 18.78 -22.29
N THR A 179 27.44 19.09 -21.23
CA THR A 179 26.83 19.16 -19.90
C THR A 179 25.83 20.31 -19.82
N ASN A 180 26.27 21.52 -20.19
CA ASN A 180 25.36 22.66 -20.30
C ASN A 180 24.61 22.89 -19.00
N ARG A 181 25.35 22.83 -17.89
CA ARG A 181 24.81 23.05 -16.55
C ARG A 181 23.63 22.10 -16.24
N GLY A 182 23.62 20.94 -16.88
CA GLY A 182 22.64 19.89 -16.61
C GLY A 182 21.56 19.74 -17.67
N ASN A 183 21.50 20.64 -18.64
CA ASN A 183 20.56 20.52 -19.76
C ASN A 183 21.32 19.90 -20.91
N LEU A 184 21.39 18.56 -20.90
CA LEU A 184 22.37 17.85 -21.71
C LEU A 184 22.05 17.94 -23.20
N ARG A 185 23.09 18.01 -24.03
CA ARG A 185 22.94 18.03 -25.47
C ARG A 185 23.87 17.00 -26.09
N SER A 186 23.33 16.16 -26.97
CA SER A 186 24.12 15.16 -27.67
C SER A 186 25.28 15.81 -28.42
N ALA A 187 26.45 15.19 -28.34
CA ALA A 187 27.60 15.79 -29.01
C ALA A 187 28.65 14.72 -29.30
N ILE A 188 29.40 14.96 -30.37
CA ILE A 188 30.51 14.11 -30.80
C ILE A 188 31.67 15.03 -31.17
N THR A 189 32.89 14.61 -30.83
CA THR A 189 34.11 15.31 -31.24
C THR A 189 34.96 14.35 -32.06
N VAL A 190 35.24 14.72 -33.31
CA VAL A 190 35.92 13.83 -34.26
C VAL A 190 37.38 14.26 -34.35
N PHE A 191 38.28 13.41 -33.84
CA PHE A 191 39.70 13.67 -33.88
C PHE A 191 40.26 13.19 -35.22
N PRO A 192 41.54 13.50 -35.53
CA PRO A 192 42.05 13.19 -36.87
C PRO A 192 42.00 11.71 -37.19
N GLN A 193 41.76 11.43 -38.48
CA GLN A 193 41.55 10.08 -38.94
C GLN A 193 42.85 9.28 -38.92
N ARG A 194 42.69 7.96 -38.82
CA ARG A 194 43.82 7.05 -38.89
C ARG A 194 44.57 7.22 -40.21
N CYS A 195 45.90 7.20 -40.12
CA CYS A 195 46.76 7.61 -41.21
C CYS A 195 47.61 6.44 -41.68
N PRO A 196 47.89 6.34 -42.98
CA PRO A 196 48.88 5.37 -43.46
C PRO A 196 50.25 5.63 -42.82
N GLY A 197 50.71 4.69 -41.99
CA GLY A 197 51.87 4.95 -41.16
C GLY A 197 51.54 5.98 -40.08
N ARG A 198 52.44 6.14 -39.10
CA ARG A 198 52.21 7.04 -37.97
C ARG A 198 51.07 6.55 -37.08
N GLY A 199 51.19 6.77 -35.77
CA GLY A 199 50.24 6.26 -34.81
C GLY A 199 48.84 6.84 -34.88
N ASP A 200 48.13 6.78 -33.76
CA ASP A 200 46.72 7.13 -33.70
C ASP A 200 46.42 7.96 -32.47
N PHE A 201 45.52 8.92 -32.63
CA PHE A 201 44.87 9.52 -31.48
C PHE A 201 44.02 8.47 -30.77
N ARG A 202 44.01 8.52 -29.44
CA ARG A 202 43.42 7.46 -28.63
C ARG A 202 43.14 7.99 -27.22
N ILE A 203 41.94 7.73 -26.73
CA ILE A 203 41.59 7.92 -25.33
C ILE A 203 41.60 6.56 -24.65
N TRP A 204 42.38 6.43 -23.58
CA TRP A 204 42.53 5.13 -22.93
C TRP A 204 41.38 4.80 -22.00
N ASN A 205 40.66 5.80 -21.50
CA ASN A 205 39.49 5.55 -20.69
C ASN A 205 38.35 5.11 -21.58
N SER A 206 37.46 4.28 -21.02
CA SER A 206 36.29 3.82 -21.76
C SER A 206 35.23 4.89 -21.89
N GLN A 207 35.11 5.74 -20.87
CA GLN A 207 34.28 6.94 -20.91
C GLN A 207 35.12 8.13 -20.44
N LEU A 208 34.58 9.33 -20.67
CA LEU A 208 35.27 10.53 -20.20
C LEU A 208 35.18 10.65 -18.68
N VAL A 209 34.08 10.21 -18.09
CA VAL A 209 33.91 10.20 -16.64
C VAL A 209 33.85 8.75 -16.17
N ARG A 210 34.83 8.34 -15.37
CA ARG A 210 34.88 7.00 -14.81
C ARG A 210 35.30 7.11 -13.35
N TYR A 211 34.69 6.29 -12.49
CA TYR A 211 35.10 6.25 -11.09
C TYR A 211 36.18 5.21 -10.88
N ALA A 212 37.07 5.48 -9.92
CA ALA A 212 38.20 4.60 -9.67
C ALA A 212 37.77 3.30 -9.01
N GLY A 213 38.65 2.29 -9.12
CA GLY A 213 38.48 1.00 -8.45
C GLY A 213 39.78 0.44 -7.88
N TYR A 214 39.83 0.30 -6.55
CA TYR A 214 41.03 -0.09 -5.83
C TYR A 214 40.81 -1.42 -5.09
N ARG A 215 41.87 -2.23 -4.98
CA ARG A 215 41.79 -3.57 -4.39
C ARG A 215 42.31 -3.62 -2.95
N GLN A 216 42.55 -4.84 -2.45
CA GLN A 216 43.21 -5.08 -1.16
C GLN A 216 43.82 -6.49 -1.19
N GLN A 217 44.42 -6.91 -0.06
CA GLN A 217 44.62 -8.34 0.16
C GLN A 217 43.31 -9.10 0.01
N ASP A 218 42.19 -8.44 0.35
CA ASP A 218 40.86 -9.00 0.12
C ASP A 218 40.66 -9.48 -1.32
N GLY A 219 41.35 -8.86 -2.27
CA GLY A 219 40.92 -8.94 -3.65
C GLY A 219 39.64 -8.19 -3.94
N SER A 220 38.91 -7.79 -2.91
CA SER A 220 37.73 -6.93 -3.03
C SER A 220 38.15 -5.56 -3.57
N VAL A 221 37.15 -4.81 -4.05
CA VAL A 221 37.37 -3.53 -4.71
C VAL A 221 36.59 -2.44 -4.02
N ARG A 222 37.22 -1.28 -3.84
CA ARG A 222 36.58 -0.04 -3.40
C ARG A 222 36.38 0.84 -4.62
N GLY A 223 35.18 1.38 -4.80
CA GLY A 223 34.85 2.05 -6.04
C GLY A 223 34.28 1.13 -7.11
N ASP A 224 34.56 1.44 -8.38
CA ASP A 224 33.94 0.73 -9.49
C ASP A 224 34.81 -0.42 -9.93
N PRO A 225 34.33 -1.66 -9.90
CA PRO A 225 35.15 -2.78 -10.39
C PRO A 225 35.30 -2.79 -11.90
N ALA A 226 34.41 -2.15 -12.65
CA ALA A 226 34.57 -2.05 -14.10
C ALA A 226 35.83 -1.31 -14.50
N ASN A 227 36.39 -0.48 -13.61
CA ASN A 227 37.48 0.43 -13.94
C ASN A 227 38.77 0.09 -13.21
N VAL A 228 38.94 -1.16 -12.78
CA VAL A 228 40.13 -1.55 -12.03
C VAL A 228 41.38 -1.41 -12.89
N GLU A 229 41.31 -1.88 -14.13
CA GLU A 229 42.47 -1.86 -15.01
C GLU A 229 42.95 -0.43 -15.26
N ILE A 230 42.07 0.43 -15.76
CA ILE A 230 42.47 1.79 -16.11
C ILE A 230 42.91 2.56 -14.87
N THR A 231 42.29 2.28 -13.71
CA THR A 231 42.71 2.93 -12.47
C THR A 231 44.17 2.62 -12.17
N GLU A 232 44.62 1.40 -12.46
CA GLU A 232 46.00 1.04 -12.20
C GLU A 232 46.95 1.55 -13.29
N LEU A 233 46.44 1.86 -14.47
CA LEU A 233 47.26 2.55 -15.46
C LEU A 233 47.49 4.00 -15.05
N CYS A 234 46.43 4.69 -14.63
CA CYS A 234 46.56 6.06 -14.13
C CYS A 234 47.63 6.15 -13.04
N ILE A 235 47.60 5.20 -12.09
CA ILE A 235 48.60 5.18 -11.04
C ILE A 235 49.96 4.83 -11.62
N GLN A 236 50.01 3.84 -12.52
CA GLN A 236 51.26 3.47 -13.18
C GLN A 236 51.88 4.67 -13.90
N HIS A 237 51.06 5.61 -14.35
CA HIS A 237 51.54 6.80 -15.03
C HIS A 237 51.49 8.04 -14.14
N GLY A 238 51.53 7.86 -12.82
CA GLY A 238 51.81 8.95 -11.91
C GLY A 238 50.65 9.48 -11.10
N TRP A 239 49.44 8.98 -11.29
CA TRP A 239 48.30 9.51 -10.53
C TRP A 239 48.42 9.14 -9.07
N THR A 240 48.55 10.14 -8.22
CA THR A 240 48.35 9.91 -6.80
C THR A 240 46.90 9.53 -6.58
N PRO A 241 46.60 8.34 -6.06
CA PRO A 241 45.21 7.85 -6.06
C PRO A 241 44.33 8.60 -5.07
N GLY A 242 43.18 8.01 -4.75
CA GLY A 242 42.25 8.58 -3.79
C GLY A 242 41.85 7.57 -2.75
N ASN A 243 40.97 8.01 -1.86
CA ASN A 243 40.59 7.20 -0.71
C ASN A 243 39.40 6.28 -1.00
N GLY A 244 38.38 6.78 -1.70
CA GLY A 244 37.07 6.14 -1.64
C GLY A 244 36.42 5.60 -2.90
N ARG A 245 35.09 5.54 -2.85
CA ARG A 245 34.26 4.78 -3.79
C ARG A 245 33.83 5.57 -5.02
N PHE A 246 34.05 6.89 -5.05
CA PHE A 246 33.61 7.71 -6.17
C PHE A 246 34.67 8.74 -6.50
N ASP A 247 35.86 8.28 -6.88
CA ASP A 247 36.95 9.16 -7.29
C ASP A 247 36.97 9.23 -8.80
N VAL A 248 36.73 10.43 -9.35
CA VAL A 248 36.75 10.61 -10.80
C VAL A 248 38.17 10.40 -11.31
N LEU A 249 38.34 9.45 -12.21
CA LEU A 249 39.67 9.12 -12.69
C LEU A 249 40.22 10.26 -13.56
N PRO A 250 41.54 10.39 -13.66
CA PRO A 250 42.11 11.28 -14.66
C PRO A 250 42.06 10.63 -16.03
N LEU A 251 42.22 11.46 -17.07
CA LEU A 251 42.27 10.93 -18.43
C LEU A 251 43.69 10.51 -18.77
N LEU A 252 43.80 9.50 -19.62
CA LEU A 252 45.05 9.19 -20.32
C LEU A 252 44.82 9.47 -21.79
N LEU A 253 45.41 10.54 -22.29
CA LEU A 253 45.24 10.97 -23.67
C LEU A 253 46.52 10.69 -24.45
N GLN A 254 46.38 10.04 -25.61
CA GLN A 254 47.50 9.49 -26.37
C GLN A 254 47.57 10.23 -27.71
N ALA A 255 48.45 11.22 -27.79
CA ALA A 255 48.78 11.79 -29.08
C ALA A 255 49.54 10.76 -29.91
N PRO A 256 49.48 10.84 -31.23
CA PRO A 256 50.10 9.82 -32.08
C PRO A 256 51.57 9.59 -31.74
N ASP A 257 51.93 8.30 -31.61
CA ASP A 257 53.30 7.82 -31.44
C ASP A 257 53.89 8.10 -30.07
N GLU A 258 53.22 8.87 -29.23
CA GLU A 258 53.79 9.23 -27.93
C GLU A 258 53.10 8.46 -26.81
N PRO A 259 53.77 8.28 -25.67
CA PRO A 259 53.13 7.60 -24.54
C PRO A 259 51.99 8.43 -24.00
N PRO A 260 51.05 7.82 -23.28
CA PRO A 260 49.92 8.58 -22.76
C PRO A 260 50.39 9.64 -21.77
N GLU A 261 49.57 10.68 -21.62
CA GLU A 261 49.80 11.74 -20.66
C GLU A 261 48.57 11.88 -19.78
N LEU A 262 48.78 11.98 -18.47
CA LEU A 262 47.70 12.08 -17.52
C LEU A 262 47.16 13.50 -17.49
N PHE A 263 45.86 13.66 -17.67
CA PHE A 263 45.20 14.95 -17.55
C PHE A 263 44.13 14.87 -16.49
N LEU A 264 44.19 15.77 -15.51
CA LEU A 264 43.22 15.79 -14.42
C LEU A 264 42.03 16.63 -14.85
N LEU A 265 40.82 16.11 -14.61
CA LEU A 265 39.58 16.78 -15.01
C LEU A 265 39.22 17.85 -13.98
N PRO A 266 38.88 19.05 -14.42
CA PRO A 266 38.47 20.10 -13.47
C PRO A 266 37.18 19.71 -12.76
N PRO A 267 37.14 19.83 -11.43
CA PRO A 267 35.91 19.48 -10.70
C PRO A 267 34.70 20.31 -11.12
N GLU A 268 34.94 21.56 -11.54
CA GLU A 268 33.88 22.41 -12.08
C GLU A 268 33.23 21.81 -13.31
N LEU A 269 33.97 21.00 -14.07
CA LEU A 269 33.50 20.51 -15.35
C LEU A 269 32.83 19.15 -15.26
N VAL A 270 32.94 18.45 -14.12
CA VAL A 270 32.35 17.13 -13.97
C VAL A 270 31.10 17.26 -13.09
N LEU A 271 29.94 17.41 -13.73
CA LEU A 271 28.71 17.55 -13.00
C LEU A 271 28.31 16.19 -12.40
N GLU A 272 27.95 16.20 -11.13
CA GLU A 272 27.56 14.95 -10.47
C GLU A 272 26.30 15.16 -9.66
N VAL A 273 25.61 14.06 -9.43
CA VAL A 273 24.30 14.03 -8.79
C VAL A 273 24.40 13.13 -7.56
N PRO A 274 24.39 13.68 -6.36
CA PRO A 274 24.23 12.83 -5.17
C PRO A 274 22.85 12.19 -5.18
N LEU A 275 22.80 10.94 -4.74
CA LEU A 275 21.56 10.16 -4.84
C LEU A 275 20.80 10.22 -3.54
N GLU A 276 19.52 10.57 -3.63
CA GLU A 276 18.61 10.61 -2.50
CA GLU A 276 18.62 10.61 -2.51
C GLU A 276 17.30 9.99 -2.95
N HIS A 277 16.53 9.49 -1.98
CA HIS A 277 15.25 8.89 -2.35
C HIS A 277 14.12 9.78 -1.86
N PRO A 278 13.03 9.92 -2.63
CA PRO A 278 11.96 10.87 -2.24
C PRO A 278 11.27 10.54 -0.92
N THR A 279 11.28 9.29 -0.47
CA THR A 279 10.62 8.95 0.78
C THR A 279 11.47 8.16 1.76
N LEU A 280 12.52 7.46 1.30
CA LEU A 280 13.42 6.73 2.19
C LEU A 280 14.52 7.69 2.63
N GLU A 281 14.26 8.34 3.78
CA GLU A 281 15.13 9.38 4.32
C GLU A 281 16.58 8.92 4.41
N TRP A 282 16.82 7.66 4.77
CA TRP A 282 18.16 7.13 4.99
C TRP A 282 18.95 6.90 3.70
N PHE A 283 18.32 7.00 2.52
CA PHE A 283 19.02 6.63 1.29
C PHE A 283 20.21 7.55 1.00
N ALA A 284 20.03 8.86 1.19
CA ALA A 284 21.13 9.81 0.96
C ALA A 284 22.35 9.45 1.78
N ALA A 285 22.15 8.95 3.00
CA ALA A 285 23.27 8.63 3.87
C ALA A 285 24.09 7.45 3.34
N LEU A 286 23.57 6.70 2.36
CA LEU A 286 24.42 5.71 1.71
C LEU A 286 25.54 6.34 0.90
N GLY A 287 25.54 7.67 0.74
CA GLY A 287 26.66 8.36 0.10
C GLY A 287 26.82 8.05 -1.37
N LEU A 288 25.75 7.63 -2.05
CA LEU A 288 25.84 7.26 -3.45
C LEU A 288 25.77 8.48 -4.35
N ARG A 289 26.52 8.44 -5.45
CA ARG A 289 26.55 9.49 -6.44
C ARG A 289 26.68 8.86 -7.82
N TRP A 290 26.25 9.59 -8.85
CA TRP A 290 26.65 9.24 -10.21
C TRP A 290 26.83 10.53 -11.01
N TYR A 291 27.59 10.44 -12.09
CA TYR A 291 27.86 11.63 -12.89
C TYR A 291 26.77 11.86 -13.92
N ALA A 292 26.74 13.10 -14.44
CA ALA A 292 25.69 13.53 -15.36
C ALA A 292 25.94 13.05 -16.78
N LEU A 293 27.19 13.04 -17.24
CA LEU A 293 27.46 12.92 -18.67
C LEU A 293 27.89 11.50 -19.05
N PRO A 294 27.07 10.74 -19.82
CA PRO A 294 27.57 9.48 -20.40
C PRO A 294 28.28 9.73 -21.71
N ALA A 295 29.62 9.61 -21.72
CA ALA A 295 30.41 9.94 -22.91
C ALA A 295 31.34 8.79 -23.24
N VAL A 296 31.04 8.06 -24.31
CA VAL A 296 31.79 6.87 -24.70
C VAL A 296 33.03 7.29 -25.47
N SER A 297 34.22 6.95 -24.95
CA SER A 297 35.47 7.49 -25.49
C SER A 297 36.45 6.40 -25.93
N ASN A 298 35.96 5.23 -26.34
CA ASN A 298 36.91 4.22 -26.80
C ASN A 298 36.42 3.47 -28.04
N MET A 299 35.41 3.98 -28.73
CA MET A 299 34.91 3.33 -29.93
C MET A 299 35.43 4.03 -31.16
N LEU A 300 35.54 3.27 -32.24
CA LEU A 300 36.07 3.76 -33.51
C LEU A 300 34.91 4.16 -34.39
N LEU A 301 34.91 5.43 -34.81
CA LEU A 301 33.95 5.92 -35.78
C LEU A 301 34.49 5.63 -37.17
N GLU A 302 33.66 5.01 -38.01
CA GLU A 302 34.04 4.61 -39.35
C GLU A 302 33.09 5.28 -40.33
N ILE A 303 33.63 6.17 -41.16
CA ILE A 303 32.84 6.86 -42.18
C ILE A 303 33.56 6.75 -43.51
N GLY A 304 32.84 6.26 -44.54
CA GLY A 304 33.37 6.13 -45.88
C GLY A 304 34.74 5.49 -45.94
N GLY A 305 34.92 4.40 -45.21
CA GLY A 305 36.20 3.72 -45.21
C GLY A 305 37.29 4.39 -44.39
N LEU A 306 37.04 5.56 -43.84
CA LEU A 306 37.98 6.20 -42.94
C LEU A 306 37.68 5.80 -41.50
N GLU A 307 38.73 5.79 -40.69
CA GLU A 307 38.66 5.31 -39.33
C GLU A 307 39.11 6.40 -38.37
N PHE A 308 38.28 6.70 -37.38
CA PHE A 308 38.58 7.72 -36.37
C PHE A 308 38.63 7.02 -35.02
N PRO A 309 39.81 6.49 -34.62
CA PRO A 309 39.90 5.80 -33.32
C PRO A 309 39.64 6.70 -32.12
N ALA A 310 39.60 8.01 -32.30
CA ALA A 310 39.24 8.95 -31.23
C ALA A 310 38.09 9.82 -31.74
N ALA A 311 36.87 9.47 -31.34
CA ALA A 311 35.67 10.25 -31.66
C ALA A 311 34.68 10.08 -30.52
N PRO A 312 34.95 10.68 -29.36
CA PRO A 312 34.08 10.47 -28.20
C PRO A 312 32.73 11.15 -28.38
N PHE A 313 31.66 10.39 -28.14
CA PHE A 313 30.30 10.89 -28.25
C PHE A 313 29.61 10.83 -26.90
N SER A 314 28.64 11.72 -26.70
CA SER A 314 27.91 11.78 -25.46
C SER A 314 26.44 12.10 -25.74
N GLY A 315 25.59 11.65 -24.82
CA GLY A 315 24.19 11.99 -24.83
C GLY A 315 23.70 12.24 -23.43
N TRP A 316 22.60 11.60 -23.05
CA TRP A 316 22.15 11.60 -21.66
C TRP A 316 21.71 10.19 -21.28
N TYR A 317 21.66 9.95 -19.98
CA TYR A 317 21.45 8.62 -19.45
C TYR A 317 19.99 8.19 -19.56
N MET A 318 19.79 6.89 -19.73
CA MET A 318 18.58 6.22 -19.30
C MET A 318 18.81 5.75 -17.87
N SER A 319 17.79 5.94 -17.02
CA SER A 319 18.00 5.73 -15.58
C SER A 319 18.36 4.29 -15.22
N THR A 320 17.90 3.30 -16.00
CA THR A 320 18.26 1.92 -15.67
C THR A 320 19.75 1.67 -15.86
N GLU A 321 20.41 2.44 -16.73
CA GLU A 321 21.85 2.29 -16.86
C GLU A 321 22.55 2.55 -15.53
N ILE A 322 22.14 3.61 -14.85
CA ILE A 322 22.77 3.96 -13.58
C ILE A 322 22.21 3.10 -12.46
N GLY A 323 20.89 3.07 -12.35
CA GLY A 323 20.27 2.41 -11.22
C GLY A 323 20.43 0.90 -11.30
N THR A 324 20.12 0.33 -12.46
CA THR A 324 20.14 -1.12 -12.48
C THR A 324 21.51 -1.68 -12.79
N ARG A 325 22.16 -1.20 -13.84
CA ARG A 325 23.40 -1.86 -14.21
C ARG A 325 24.60 -1.35 -13.38
N ASN A 326 24.80 -0.03 -13.31
CA ASN A 326 26.02 0.44 -12.68
C ASN A 326 26.00 0.21 -11.18
N LEU A 327 24.85 0.39 -10.55
CA LEU A 327 24.76 0.27 -9.11
C LEU A 327 24.40 -1.14 -8.62
N CYS A 328 23.67 -1.94 -9.43
CA CYS A 328 23.19 -3.23 -8.95
C CYS A 328 23.82 -4.46 -9.59
N ASP A 329 24.55 -4.33 -10.68
CA ASP A 329 25.23 -5.49 -11.24
C ASP A 329 26.14 -6.10 -10.16
N PRO A 330 26.21 -7.42 -10.08
CA PRO A 330 27.08 -8.04 -9.06
C PRO A 330 28.54 -7.72 -9.26
N HIS A 331 28.95 -7.47 -10.50
CA HIS A 331 30.33 -7.11 -10.80
C HIS A 331 30.55 -5.61 -10.89
N ARG A 332 29.55 -4.82 -10.51
CA ARG A 332 29.67 -3.37 -10.43
C ARG A 332 29.59 -2.94 -8.96
N TYR A 333 28.83 -1.89 -8.62
CA TYR A 333 28.81 -1.45 -7.23
C TYR A 333 28.03 -2.40 -6.32
N ASN A 334 27.19 -3.27 -6.89
CA ASN A 334 26.57 -4.39 -6.17
C ASN A 334 25.93 -3.95 -4.84
N ILE A 335 25.08 -2.92 -4.92
CA ILE A 335 24.54 -2.29 -3.71
C ILE A 335 23.21 -2.90 -3.30
N LEU A 336 22.71 -3.87 -4.05
CA LEU A 336 21.33 -4.32 -3.92
C LEU A 336 21.02 -4.80 -2.50
N GLU A 337 21.87 -5.65 -1.94
CA GLU A 337 21.58 -6.21 -0.63
C GLU A 337 21.66 -5.13 0.46
N ASP A 338 22.54 -4.16 0.28
CA ASP A 338 22.66 -3.11 1.28
C ASP A 338 21.37 -2.28 1.36
N VAL A 339 20.77 -1.98 0.21
CA VAL A 339 19.51 -1.24 0.19
C VAL A 339 18.37 -2.08 0.77
N ALA A 340 18.34 -3.38 0.46
CA ALA A 340 17.28 -4.24 0.97
C ALA A 340 17.31 -4.34 2.49
N VAL A 341 18.51 -4.39 3.09
CA VAL A 341 18.62 -4.41 4.54
C VAL A 341 18.03 -3.14 5.15
N CYS A 342 18.31 -1.98 4.53
CA CYS A 342 17.79 -0.71 5.01
C CYS A 342 16.28 -0.60 4.87
N MET A 343 15.71 -1.27 3.86
CA MET A 343 14.26 -1.34 3.67
C MET A 343 13.62 -2.44 4.48
N ASP A 344 14.38 -3.13 5.33
CA ASP A 344 13.87 -4.23 6.17
C ASP A 344 13.17 -5.32 5.34
N LEU A 345 13.75 -5.70 4.20
CA LEU A 345 13.16 -6.73 3.34
C LEU A 345 13.64 -8.13 3.71
N ASP A 346 12.83 -9.12 3.38
CA ASP A 346 13.16 -10.51 3.74
C ASP A 346 14.16 -11.05 2.73
N THR A 347 15.42 -10.76 2.98
CA THR A 347 16.50 -11.27 2.15
C THR A 347 16.78 -12.74 2.38
N ARG A 348 16.00 -13.42 3.21
CA ARG A 348 16.24 -14.82 3.53
C ARG A 348 15.59 -15.78 2.55
N THR A 349 14.74 -15.29 1.65
CA THR A 349 14.13 -16.13 0.64
C THR A 349 14.02 -15.34 -0.67
N THR A 350 14.41 -15.97 -1.78
CA THR A 350 14.31 -15.28 -3.06
C THR A 350 12.87 -14.93 -3.40
N SER A 351 11.91 -15.73 -2.93
CA SER A 351 10.51 -15.58 -3.31
C SER A 351 9.83 -14.37 -2.68
N SER A 352 10.51 -13.68 -1.76
CA SER A 352 10.03 -12.38 -1.32
C SER A 352 10.17 -11.31 -2.40
N LEU A 353 10.96 -11.59 -3.45
CA LEU A 353 11.28 -10.62 -4.50
C LEU A 353 11.99 -9.40 -3.92
N TRP A 354 12.78 -9.61 -2.87
CA TRP A 354 13.48 -8.48 -2.27
C TRP A 354 14.42 -7.80 -3.25
N LYS A 355 15.06 -8.58 -4.15
CA LYS A 355 15.94 -7.96 -5.14
C LYS A 355 15.14 -7.02 -6.04
N ASP A 356 14.00 -7.50 -6.55
CA ASP A 356 13.18 -6.68 -7.43
C ASP A 356 12.71 -5.41 -6.73
N LYS A 357 12.30 -5.53 -5.47
CA LYS A 357 11.79 -4.36 -4.75
C LYS A 357 12.90 -3.34 -4.52
N ALA A 358 14.09 -3.79 -4.11
CA ALA A 358 15.14 -2.81 -3.87
C ALA A 358 15.63 -2.19 -5.16
N ALA A 359 15.63 -2.96 -6.25
CA ALA A 359 16.09 -2.43 -7.52
C ALA A 359 15.18 -1.32 -8.01
N VAL A 360 13.86 -1.49 -7.85
CA VAL A 360 12.93 -0.46 -8.31
C VAL A 360 13.17 0.83 -7.54
N GLU A 361 13.38 0.71 -6.23
CA GLU A 361 13.57 1.89 -5.40
C GLU A 361 14.88 2.60 -5.74
N ILE A 362 15.92 1.83 -6.08
CA ILE A 362 17.16 2.46 -6.53
C ILE A 362 16.90 3.25 -7.82
N ASN A 363 16.13 2.68 -8.75
CA ASN A 363 15.79 3.43 -9.95
C ASN A 363 14.95 4.66 -9.62
N VAL A 364 14.02 4.55 -8.67
CA VAL A 364 13.23 5.72 -8.28
C VAL A 364 14.15 6.80 -7.72
N ALA A 365 15.15 6.40 -6.92
CA ALA A 365 16.08 7.39 -6.38
C ALA A 365 16.90 8.02 -7.49
N VAL A 366 17.30 7.25 -8.51
CA VAL A 366 18.07 7.83 -9.60
C VAL A 366 17.24 8.89 -10.34
N LEU A 367 16.02 8.53 -10.76
CA LEU A 367 15.18 9.49 -11.47
C LEU A 367 14.88 10.73 -10.62
N HIS A 368 14.54 10.51 -9.35
CA HIS A 368 14.26 11.63 -8.47
C HIS A 368 15.48 12.55 -8.33
N SER A 369 16.66 11.97 -8.13
CA SER A 369 17.86 12.76 -7.87
C SER A 369 18.28 13.56 -9.08
N TYR A 370 18.13 12.99 -10.28
CA TYR A 370 18.52 13.74 -11.48
C TYR A 370 17.53 14.86 -11.78
N GLN A 371 16.24 14.61 -11.59
CA GLN A 371 15.25 15.67 -11.79
C GLN A 371 15.45 16.80 -10.78
N LEU A 372 15.69 16.45 -9.51
CA LEU A 372 15.86 17.49 -8.51
C LEU A 372 17.10 18.32 -8.80
N ALA A 373 18.15 17.68 -9.34
CA ALA A 373 19.35 18.39 -9.76
C ALA A 373 19.19 19.08 -11.11
N LYS A 374 18.04 18.95 -11.76
CA LYS A 374 17.83 19.47 -13.12
C LYS A 374 18.92 18.99 -14.08
N VAL A 375 19.15 17.67 -14.06
CA VAL A 375 20.03 16.99 -15.00
C VAL A 375 19.18 16.08 -15.87
N THR A 376 19.31 16.26 -17.19
CA THR A 376 18.52 15.47 -18.14
C THR A 376 18.68 13.96 -17.90
N ILE A 377 17.56 13.24 -17.81
CA ILE A 377 17.56 11.79 -17.70
C ILE A 377 16.23 11.29 -18.25
N VAL A 378 16.22 10.06 -18.76
CA VAL A 378 14.99 9.48 -19.31
C VAL A 378 14.77 8.10 -18.69
N ASP A 379 13.55 7.85 -18.24
CA ASP A 379 13.24 6.52 -17.72
C ASP A 379 13.07 5.53 -18.86
N HIS A 380 13.14 4.24 -18.52
CA HIS A 380 13.12 3.21 -19.56
C HIS A 380 11.76 3.07 -20.22
N HIS A 381 10.67 3.52 -19.60
CA HIS A 381 9.37 3.51 -20.27
C HIS A 381 9.31 4.59 -21.34
N ALA A 382 9.75 5.80 -21.00
CA ALA A 382 9.76 6.88 -21.97
C ALA A 382 10.72 6.57 -23.12
N ALA A 383 11.90 6.04 -22.79
CA ALA A 383 12.88 5.74 -23.82
C ALA A 383 12.35 4.71 -24.80
N THR A 384 11.83 3.58 -24.29
CA THR A 384 11.40 2.52 -25.20
C THR A 384 10.19 2.96 -26.02
N ALA A 385 9.28 3.73 -25.43
CA ALA A 385 8.17 4.25 -26.24
C ALA A 385 8.68 5.15 -27.36
N SER A 386 9.73 5.94 -27.10
CA SER A 386 10.30 6.77 -28.14
CA SER A 386 10.28 6.77 -28.15
C SER A 386 10.97 5.92 -29.22
N PHE A 387 11.53 4.78 -28.82
CA PHE A 387 12.20 3.95 -29.80
C PHE A 387 11.19 3.26 -30.71
N MET A 388 10.01 2.92 -30.18
CA MET A 388 8.94 2.42 -31.04
C MET A 388 8.57 3.46 -32.08
N LYS A 389 8.43 4.73 -31.67
CA LYS A 389 8.14 5.78 -32.63
C LYS A 389 9.26 5.90 -33.64
N HIS A 390 10.50 5.70 -33.20
CA HIS A 390 11.62 5.72 -34.13
C HIS A 390 11.54 4.56 -35.13
N LEU A 391 11.13 3.37 -34.66
CA LEU A 391 10.98 2.26 -35.59
C LEU A 391 9.94 2.58 -36.65
N GLU A 392 8.81 3.17 -36.24
CA GLU A 392 7.80 3.60 -37.21
C GLU A 392 8.38 4.60 -38.20
N ASN A 393 9.14 5.59 -37.69
CA ASN A 393 9.77 6.58 -38.57
C ASN A 393 10.73 5.92 -39.55
N GLU A 394 11.61 5.05 -39.05
CA GLU A 394 12.61 4.43 -39.91
C GLU A 394 11.98 3.50 -40.93
N GLN A 395 10.83 2.92 -40.60
CA GLN A 395 10.13 2.07 -41.56
C GLN A 395 9.72 2.90 -42.78
N LYS A 396 8.97 3.98 -42.54
CA LYS A 396 8.62 4.90 -43.62
C LYS A 396 9.85 5.35 -44.40
N ALA A 397 10.91 5.75 -43.70
CA ALA A 397 11.99 6.49 -44.36
C ALA A 397 12.98 5.58 -45.07
N ARG A 398 13.36 4.45 -44.44
CA ARG A 398 14.41 3.59 -44.98
C ARG A 398 13.99 2.13 -45.15
N GLY A 399 12.77 1.76 -44.76
CA GLY A 399 12.34 0.38 -44.88
C GLY A 399 12.84 -0.54 -43.79
N GLY A 400 13.08 -0.02 -42.58
CA GLY A 400 13.50 -0.86 -41.50
C GLY A 400 14.59 -0.26 -40.66
N CYS A 401 15.03 -0.98 -39.64
CA CYS A 401 15.94 -0.41 -38.67
C CYS A 401 16.70 -1.53 -37.99
N PRO A 402 18.04 -1.51 -38.02
CA PRO A 402 18.82 -2.53 -37.31
C PRO A 402 18.68 -2.33 -35.81
N ALA A 403 18.25 -3.38 -35.11
CA ALA A 403 18.02 -3.28 -33.69
C ALA A 403 18.44 -4.58 -33.04
N ASP A 404 19.13 -4.47 -31.91
CA ASP A 404 19.65 -5.59 -31.15
C ASP A 404 18.72 -5.78 -29.98
N TRP A 405 17.83 -6.78 -30.09
CA TRP A 405 16.74 -6.93 -29.13
C TRP A 405 17.25 -7.00 -27.70
N ALA A 406 18.31 -7.78 -27.48
CA ALA A 406 18.87 -7.96 -26.14
C ALA A 406 19.36 -6.65 -25.52
N TRP A 407 19.82 -5.71 -26.34
CA TRP A 407 20.27 -4.42 -25.80
C TRP A 407 19.18 -3.37 -25.80
N ILE A 408 18.16 -3.49 -26.64
CA ILE A 408 17.10 -2.49 -26.68
C ILE A 408 16.16 -2.69 -25.51
N VAL A 409 15.84 -3.94 -25.18
CA VAL A 409 14.94 -4.23 -24.06
C VAL A 409 15.64 -3.88 -22.74
N PRO A 410 14.98 -3.12 -21.86
CA PRO A 410 15.66 -2.62 -20.67
C PRO A 410 15.99 -3.72 -19.68
N PRO A 411 16.98 -3.54 -18.81
CA PRO A 411 17.43 -4.62 -17.93
C PRO A 411 16.54 -4.84 -16.71
N ILE A 412 15.54 -4.00 -16.47
CA ILE A 412 14.46 -4.28 -15.54
C ILE A 412 13.17 -4.10 -16.29
N SER A 413 12.14 -4.82 -15.86
CA SER A 413 10.77 -4.62 -16.34
C SER A 413 10.64 -4.77 -17.85
N GLY A 414 11.47 -5.60 -18.47
CA GLY A 414 11.47 -5.80 -19.92
C GLY A 414 10.11 -5.93 -20.59
N SER A 415 9.28 -6.91 -20.18
CA SER A 415 8.00 -7.08 -20.87
C SER A 415 6.98 -6.02 -20.54
N LEU A 416 7.26 -5.10 -19.61
CA LEU A 416 6.35 -3.99 -19.39
C LEU A 416 6.57 -2.86 -20.39
N THR A 417 7.60 -2.96 -21.22
CA THR A 417 7.89 -1.96 -22.23
C THR A 417 7.47 -2.46 -23.60
N PRO A 418 7.15 -1.57 -24.53
CA PRO A 418 6.65 -2.02 -25.85
C PRO A 418 7.69 -2.75 -26.70
N VAL A 419 8.99 -2.45 -26.54
CA VAL A 419 9.98 -3.09 -27.40
C VAL A 419 10.12 -4.59 -27.13
N PHE A 420 9.67 -5.08 -25.96
CA PHE A 420 9.79 -6.50 -25.66
C PHE A 420 9.00 -7.34 -26.65
N HIS A 421 7.82 -6.87 -27.03
CA HIS A 421 6.94 -7.65 -27.88
C HIS A 421 7.16 -7.34 -29.36
N GLN A 422 8.18 -6.54 -29.67
CA GLN A 422 8.55 -6.19 -31.03
C GLN A 422 9.68 -7.10 -31.49
N GLU A 423 9.42 -7.87 -32.56
CA GLU A 423 10.50 -8.59 -33.23
C GLU A 423 11.44 -7.60 -33.92
N MET A 424 12.73 -7.92 -33.94
CA MET A 424 13.74 -7.02 -34.44
C MET A 424 14.73 -7.79 -35.31
N VAL A 425 15.34 -7.05 -36.24
CA VAL A 425 16.37 -7.59 -37.13
C VAL A 425 17.67 -6.83 -36.87
N ASN A 426 18.74 -7.58 -36.65
CA ASN A 426 20.05 -7.02 -36.35
C ASN A 426 20.99 -7.24 -37.53
N TYR A 427 21.61 -6.15 -38.00
CA TYR A 427 22.55 -6.21 -39.10
C TYR A 427 23.42 -4.95 -39.04
N PHE A 428 24.46 -4.93 -39.87
CA PHE A 428 25.49 -3.90 -39.84
C PHE A 428 25.38 -3.03 -41.08
N LEU A 429 25.10 -1.74 -40.89
CA LEU A 429 25.19 -0.73 -41.93
C LEU A 429 26.37 0.20 -41.64
N SER A 430 26.86 0.85 -42.71
CA SER A 430 27.88 1.88 -42.59
C SER A 430 27.29 3.24 -42.98
N PRO A 431 27.71 4.35 -42.36
CA PRO A 431 28.68 4.58 -41.28
C PRO A 431 28.34 3.86 -39.98
N ALA A 432 29.33 3.69 -39.10
CA ALA A 432 29.09 2.91 -37.90
C ALA A 432 30.11 3.26 -36.82
N PHE A 433 29.67 3.09 -35.58
CA PHE A 433 30.57 2.92 -34.45
C PHE A 433 30.93 1.45 -34.30
N ARG A 434 32.22 1.16 -34.24
CA ARG A 434 32.72 -0.20 -34.07
C ARG A 434 33.57 -0.27 -32.81
N TYR A 435 33.61 -1.46 -32.20
CA TYR A 435 34.56 -1.71 -31.14
C TYR A 435 35.97 -1.83 -31.71
N GLN A 436 36.96 -1.61 -30.86
CA GLN A 436 38.34 -1.63 -31.33
C GLN A 436 39.24 -2.14 -30.22
N PRO A 437 40.42 -2.67 -30.55
CA PRO A 437 41.32 -3.16 -29.51
C PRO A 437 41.78 -2.04 -28.59
N ASP A 438 42.00 -2.38 -27.33
CA ASP A 438 42.65 -1.44 -26.43
C ASP A 438 44.14 -1.34 -26.78
N PRO A 439 44.73 -0.15 -26.70
CA PRO A 439 46.14 -0.02 -27.10
C PRO A 439 47.12 -0.63 -26.11
N TRP A 440 46.83 -1.84 -25.62
CA TRP A 440 47.67 -2.52 -24.64
C TRP A 440 48.06 -3.92 -25.13
N LYS B 27 37.40 -23.53 -33.93
CA LYS B 27 36.38 -22.74 -34.63
C LYS B 27 35.02 -22.92 -33.96
N PHE B 28 35.05 -23.16 -32.66
CA PHE B 28 33.83 -23.21 -31.85
C PHE B 28 33.63 -21.89 -31.13
N PRO B 29 32.38 -21.46 -30.97
CA PRO B 29 32.11 -20.12 -30.40
C PRO B 29 32.58 -20.03 -28.95
N ARG B 30 33.29 -18.94 -28.64
CA ARG B 30 33.66 -18.64 -27.27
C ARG B 30 32.50 -17.92 -26.59
N VAL B 31 32.14 -18.38 -25.39
CA VAL B 31 30.97 -17.91 -24.66
C VAL B 31 31.44 -17.40 -23.31
N LYS B 32 31.19 -16.13 -23.01
CA LYS B 32 31.66 -15.50 -21.78
C LYS B 32 30.49 -15.25 -20.83
N ASN B 33 30.74 -15.45 -19.53
CA ASN B 33 29.86 -14.95 -18.47
C ASN B 33 30.45 -13.65 -17.95
N TRP B 34 29.67 -12.57 -18.00
CA TRP B 34 30.21 -11.26 -17.64
C TRP B 34 30.15 -10.97 -16.15
N GLU B 35 29.23 -11.60 -15.43
CA GLU B 35 29.21 -11.45 -13.98
C GLU B 35 30.51 -11.96 -13.36
N VAL B 36 30.92 -13.18 -13.74
CA VAL B 36 32.01 -13.87 -13.07
C VAL B 36 33.30 -13.83 -13.87
N GLY B 37 33.24 -13.72 -15.19
CA GLY B 37 34.43 -13.82 -16.01
C GLY B 37 34.71 -15.19 -16.60
N SER B 38 33.81 -16.16 -16.41
CA SER B 38 33.95 -17.47 -17.01
C SER B 38 34.03 -17.39 -18.52
N ILE B 39 34.80 -18.31 -19.12
CA ILE B 39 34.86 -18.48 -20.55
C ILE B 39 34.77 -19.98 -20.84
N THR B 40 33.88 -20.37 -21.76
CA THR B 40 33.84 -21.71 -22.30
C THR B 40 33.67 -21.63 -23.81
N TYR B 41 33.75 -22.80 -24.46
CA TYR B 41 33.55 -22.91 -25.90
C TYR B 41 32.46 -23.94 -26.14
N ASP B 42 31.49 -23.59 -26.98
CA ASP B 42 30.36 -24.48 -27.23
C ASP B 42 30.69 -25.35 -28.44
N THR B 43 31.26 -26.52 -28.16
CA THR B 43 31.58 -27.46 -29.23
C THR B 43 30.35 -28.24 -29.69
N LEU B 44 29.31 -28.33 -28.86
CA LEU B 44 28.10 -29.03 -29.26
C LEU B 44 27.42 -28.37 -30.44
N SER B 45 27.52 -27.03 -30.54
CA SER B 45 26.90 -26.31 -31.64
C SER B 45 27.31 -26.86 -33.00
N ALA B 46 28.53 -27.40 -33.11
CA ALA B 46 28.99 -27.96 -34.38
C ALA B 46 28.24 -29.21 -34.82
N GLN B 47 27.36 -29.76 -33.98
CA GLN B 47 26.58 -30.94 -34.34
C GLN B 47 25.12 -30.60 -34.62
N ALA B 48 24.79 -29.32 -34.80
CA ALA B 48 23.41 -28.88 -35.01
C ALA B 48 22.89 -29.43 -36.34
N GLN B 49 21.93 -30.35 -36.27
CA GLN B 49 21.49 -31.11 -37.44
C GLN B 49 20.26 -30.50 -38.12
N GLN B 50 19.93 -29.24 -37.82
CA GLN B 50 18.99 -28.48 -38.64
C GLN B 50 19.35 -27.01 -38.50
N ASP B 51 18.84 -26.19 -39.43
CA ASP B 51 19.32 -24.82 -39.57
C ASP B 51 18.22 -23.82 -39.23
N GLY B 52 18.62 -22.72 -38.57
CA GLY B 52 17.73 -21.67 -38.14
C GLY B 52 17.71 -20.47 -39.05
N PRO B 53 17.13 -19.35 -38.59
CA PRO B 53 16.85 -18.21 -39.49
C PRO B 53 17.96 -17.18 -39.66
N CYS B 54 19.04 -17.27 -38.90
CA CYS B 54 20.08 -16.27 -38.99
C CYS B 54 21.04 -16.55 -40.13
N THR B 55 21.66 -15.48 -40.64
CA THR B 55 22.75 -15.57 -41.59
C THR B 55 23.86 -14.62 -41.15
N PRO B 56 25.06 -14.70 -41.74
CA PRO B 56 26.06 -13.66 -41.46
C PRO B 56 25.58 -12.28 -41.83
N ARG B 57 24.62 -12.18 -42.75
CA ARG B 57 24.08 -10.88 -43.12
C ARG B 57 23.25 -10.28 -41.99
N ARG B 58 22.38 -11.08 -41.37
CA ARG B 58 21.41 -10.54 -40.42
C ARG B 58 21.02 -11.59 -39.40
N CYS B 59 20.82 -11.15 -38.15
CA CYS B 59 20.37 -12.02 -37.08
C CYS B 59 18.86 -11.87 -36.91
N LEU B 60 18.16 -13.01 -36.90
CA LEU B 60 16.73 -13.09 -36.65
C LEU B 60 16.45 -13.82 -35.34
N GLY B 61 17.42 -13.78 -34.42
CA GLY B 61 17.29 -14.49 -33.17
C GLY B 61 16.02 -14.16 -32.41
N SER B 62 15.51 -12.94 -32.55
CA SER B 62 14.34 -12.50 -31.79
C SER B 62 13.00 -12.95 -32.38
N LEU B 63 12.99 -13.59 -33.55
CA LEU B 63 11.72 -13.99 -34.15
C LEU B 63 11.09 -15.11 -33.31
N VAL B 64 9.78 -15.00 -33.09
CA VAL B 64 9.09 -15.99 -32.27
C VAL B 64 8.99 -17.32 -33.01
N PHE B 65 8.68 -17.28 -34.29
CA PHE B 65 8.68 -18.48 -35.12
C PHE B 65 9.88 -18.45 -36.06
N PRO B 66 10.95 -19.15 -35.73
CA PRO B 66 12.16 -19.08 -36.56
C PRO B 66 12.05 -19.96 -37.78
N ARG B 67 11.81 -21.27 -37.58
CA ARG B 67 11.52 -22.18 -38.68
C ARG B 67 10.08 -21.99 -39.11
N LYS B 68 9.87 -21.82 -40.42
CA LYS B 68 8.54 -21.48 -40.96
C LYS B 68 7.98 -20.25 -40.25
N ALA B 79 12.85 -39.05 -49.23
CA ALA B 79 12.12 -39.29 -47.98
C ALA B 79 12.64 -40.49 -47.17
N PRO B 80 12.97 -41.62 -47.82
CA PRO B 80 13.49 -42.75 -47.02
C PRO B 80 14.91 -42.56 -46.50
N GLU B 81 15.83 -42.07 -47.34
CA GLU B 81 17.23 -41.98 -46.92
C GLU B 81 17.42 -40.93 -45.84
N GLN B 82 16.61 -39.88 -45.84
CA GLN B 82 16.75 -38.87 -44.81
C GLN B 82 16.04 -39.30 -43.54
N LEU B 83 14.98 -40.10 -43.66
CA LEU B 83 14.44 -40.79 -42.49
C LEU B 83 15.49 -41.72 -41.89
N LEU B 84 16.25 -42.40 -42.75
CA LEU B 84 17.27 -43.34 -42.27
C LEU B 84 18.39 -42.62 -41.52
N SER B 85 18.86 -41.48 -42.04
CA SER B 85 20.00 -40.81 -41.42
C SER B 85 19.59 -40.21 -40.08
N GLN B 86 18.39 -39.65 -39.99
CA GLN B 86 17.88 -39.21 -38.70
C GLN B 86 17.75 -40.40 -37.74
N ALA B 87 17.22 -41.52 -38.22
CA ALA B 87 17.08 -42.69 -37.36
C ALA B 87 18.45 -43.15 -36.85
N ARG B 88 19.44 -43.20 -37.74
CA ARG B 88 20.74 -43.73 -37.36
C ARG B 88 21.40 -42.83 -36.32
N ASP B 89 21.26 -41.52 -36.47
CA ASP B 89 21.82 -40.60 -35.48
C ASP B 89 21.18 -40.80 -34.12
N PHE B 90 19.86 -40.95 -34.06
CA PHE B 90 19.21 -41.15 -32.77
C PHE B 90 19.59 -42.49 -32.14
N ILE B 91 19.61 -43.57 -32.93
CA ILE B 91 20.03 -44.86 -32.41
C ILE B 91 21.45 -44.76 -31.84
N ASN B 92 22.33 -44.08 -32.58
CA ASN B 92 23.68 -43.82 -32.08
C ASN B 92 23.63 -43.08 -30.74
N GLN B 93 22.78 -42.07 -30.63
CA GLN B 93 22.64 -41.35 -29.36
C GLN B 93 22.16 -42.29 -28.26
N TYR B 94 21.19 -43.15 -28.58
CA TYR B 94 20.61 -43.99 -27.55
C TYR B 94 21.64 -44.96 -27.01
N TYR B 95 22.38 -45.62 -27.91
CA TYR B 95 23.41 -46.55 -27.46
C TYR B 95 24.62 -45.85 -26.84
N SER B 96 24.81 -44.56 -27.10
CA SER B 96 25.81 -43.80 -26.34
C SER B 96 25.41 -43.65 -24.88
N SER B 97 24.15 -43.28 -24.64
CA SER B 97 23.70 -42.98 -23.29
C SER B 97 23.72 -44.22 -22.40
N ILE B 98 23.55 -45.40 -22.98
CA ILE B 98 23.57 -46.64 -22.20
C ILE B 98 24.96 -47.29 -22.25
N LYS B 99 26.00 -46.51 -22.54
CA LYS B 99 27.39 -46.97 -22.55
C LYS B 99 27.56 -48.29 -23.28
N ARG B 100 26.95 -48.36 -24.48
CA ARG B 100 26.98 -49.58 -25.28
C ARG B 100 27.19 -49.23 -26.76
N SER B 101 27.78 -48.07 -27.06
CA SER B 101 28.04 -47.69 -28.44
CA SER B 101 28.06 -47.69 -28.43
C SER B 101 28.93 -48.73 -29.13
N GLY B 102 28.58 -49.05 -30.38
CA GLY B 102 29.35 -49.97 -31.20
C GLY B 102 29.15 -51.45 -30.92
N SER B 103 28.30 -51.82 -29.97
CA SER B 103 28.12 -53.23 -29.63
C SER B 103 27.28 -53.95 -30.67
N GLN B 104 27.22 -55.28 -30.55
CA GLN B 104 26.36 -56.08 -31.41
C GLN B 104 24.92 -55.60 -31.34
N ALA B 105 24.41 -55.40 -30.13
CA ALA B 105 23.06 -54.89 -29.95
C ALA B 105 22.86 -53.58 -30.69
N HIS B 106 23.89 -52.73 -30.71
CA HIS B 106 23.82 -51.46 -31.43
C HIS B 106 23.64 -51.70 -32.92
N GLU B 107 24.50 -52.54 -33.50
CA GLU B 107 24.44 -52.74 -34.96
C GLU B 107 23.20 -53.52 -35.38
N GLN B 108 22.72 -54.46 -34.55
CA GLN B 108 21.49 -55.15 -34.92
C GLN B 108 20.33 -54.18 -34.96
N ARG B 109 20.29 -53.24 -34.01
CA ARG B 109 19.24 -52.22 -34.03
C ARG B 109 19.31 -51.35 -35.28
N LEU B 110 20.52 -50.93 -35.66
CA LEU B 110 20.68 -50.19 -36.91
C LEU B 110 20.17 -51.00 -38.10
N GLN B 111 20.57 -52.26 -38.19
CA GLN B 111 20.15 -53.05 -39.34
C GLN B 111 18.66 -53.39 -39.27
N GLU B 112 18.12 -53.56 -38.06
CA GLU B 112 16.68 -53.70 -37.93
C GLU B 112 15.94 -52.49 -38.49
N VAL B 113 16.41 -51.28 -38.16
CA VAL B 113 15.69 -50.08 -38.59
C VAL B 113 15.72 -49.96 -40.11
N GLU B 114 16.92 -50.09 -40.69
CA GLU B 114 17.04 -50.00 -42.14
C GLU B 114 16.12 -50.99 -42.84
N ALA B 115 16.03 -52.20 -42.30
CA ALA B 115 15.13 -53.21 -42.88
C ALA B 115 13.68 -52.81 -42.71
N GLU B 116 13.31 -52.26 -41.55
CA GLU B 116 11.94 -51.85 -41.33
C GLU B 116 11.55 -50.68 -42.23
N VAL B 117 12.46 -49.71 -42.41
CA VAL B 117 12.16 -48.59 -43.30
C VAL B 117 12.01 -49.06 -44.75
N ALA B 118 12.70 -50.15 -45.11
CA ALA B 118 12.59 -50.67 -46.48
C ALA B 118 11.29 -51.43 -46.70
N ALA B 119 10.81 -52.15 -45.69
CA ALA B 119 9.58 -52.92 -45.84
C ALA B 119 8.32 -52.09 -45.61
N THR B 120 8.37 -51.08 -44.74
CA THR B 120 7.18 -50.33 -44.36
C THR B 120 7.29 -48.83 -44.59
N GLY B 121 8.44 -48.31 -44.99
CA GLY B 121 8.62 -46.86 -45.08
C GLY B 121 8.78 -46.15 -43.76
N THR B 122 8.75 -46.86 -42.64
CA THR B 122 8.84 -46.24 -41.33
C THR B 122 9.37 -47.29 -40.35
N TYR B 123 9.45 -46.92 -39.08
CA TYR B 123 9.85 -47.86 -38.05
C TYR B 123 9.20 -47.50 -36.72
N GLN B 124 9.32 -48.41 -35.77
CA GLN B 124 8.74 -48.26 -34.44
C GLN B 124 9.86 -48.13 -33.41
N LEU B 125 9.71 -47.19 -32.47
CA LEU B 125 10.62 -47.11 -31.33
C LEU B 125 10.32 -48.19 -30.30
N ARG B 126 11.37 -48.73 -29.70
CA ARG B 126 11.23 -49.50 -28.47
C ARG B 126 10.88 -48.57 -27.32
N GLU B 127 10.25 -49.12 -26.28
CA GLU B 127 9.79 -48.27 -25.18
C GLU B 127 10.94 -47.50 -24.55
N SER B 128 12.08 -48.17 -24.34
CA SER B 128 13.23 -47.51 -23.72
CA SER B 128 13.22 -47.50 -23.72
C SER B 128 13.76 -46.38 -24.60
N GLU B 129 13.70 -46.54 -25.92
CA GLU B 129 14.15 -45.49 -26.83
C GLU B 129 13.20 -44.30 -26.78
N LEU B 130 11.89 -44.57 -26.63
CA LEU B 130 10.92 -43.48 -26.55
C LEU B 130 11.12 -42.66 -25.29
N VAL B 131 11.36 -43.33 -24.15
CA VAL B 131 11.61 -42.61 -22.91
C VAL B 131 12.87 -41.75 -23.04
N PHE B 132 13.93 -42.30 -23.60
CA PHE B 132 15.16 -41.52 -23.77
C PHE B 132 14.96 -40.37 -24.75
N GLY B 133 14.26 -40.63 -25.86
CA GLY B 133 14.03 -39.57 -26.84
C GLY B 133 13.19 -38.42 -26.30
N ALA B 134 12.20 -38.71 -25.45
CA ALA B 134 11.37 -37.64 -24.90
C ALA B 134 12.16 -36.76 -23.95
N LYS B 135 12.97 -37.38 -23.08
CA LYS B 135 13.84 -36.60 -22.20
C LYS B 135 14.83 -35.77 -22.99
N GLN B 136 15.41 -36.33 -24.06
CA GLN B 136 16.36 -35.58 -24.86
C GLN B 136 15.71 -34.36 -25.51
N ALA B 137 14.44 -34.52 -25.94
CA ALA B 137 13.75 -33.40 -26.55
C ALA B 137 13.57 -32.26 -25.56
N TRP B 138 13.27 -32.58 -24.30
CA TRP B 138 13.22 -31.53 -23.29
C TRP B 138 14.62 -30.96 -23.05
N ARG B 139 15.60 -31.83 -22.84
CA ARG B 139 16.98 -31.39 -22.66
C ARG B 139 17.42 -30.44 -23.77
N ASN B 140 16.99 -30.68 -25.01
CA ASN B 140 17.42 -29.94 -26.20
C ASN B 140 16.63 -28.65 -26.44
N ALA B 141 15.59 -28.35 -25.65
CA ALA B 141 14.68 -27.24 -25.94
C ALA B 141 15.33 -25.89 -25.55
N PRO B 142 15.70 -25.05 -26.51
CA PRO B 142 16.52 -23.87 -26.17
C PRO B 142 15.80 -22.80 -25.37
N ARG B 143 14.47 -22.75 -25.44
CA ARG B 143 13.72 -21.73 -24.74
C ARG B 143 13.27 -22.13 -23.34
N CYS B 144 13.67 -23.32 -22.84
CA CYS B 144 13.18 -23.81 -21.55
C CYS B 144 14.18 -23.51 -20.43
N VAL B 145 13.74 -22.72 -19.45
CA VAL B 145 14.60 -22.39 -18.32
C VAL B 145 14.55 -23.48 -17.26
N GLY B 146 13.57 -24.40 -17.34
CA GLY B 146 13.44 -25.46 -16.36
C GLY B 146 14.22 -26.74 -16.62
N ARG B 147 15.16 -26.75 -17.57
CA ARG B 147 15.80 -27.99 -18.01
C ARG B 147 16.70 -28.64 -16.96
N ILE B 148 16.98 -28.01 -15.81
CA ILE B 148 17.73 -28.75 -14.78
C ILE B 148 17.02 -30.05 -14.42
N GLN B 149 15.69 -30.09 -14.60
CA GLN B 149 14.82 -31.22 -14.31
C GLN B 149 14.75 -32.28 -15.42
N TRP B 150 15.52 -32.14 -16.51
CA TRP B 150 15.18 -32.87 -17.73
C TRP B 150 15.18 -34.40 -17.53
N GLY B 151 16.11 -34.92 -16.72
CA GLY B 151 16.16 -36.36 -16.53
C GLY B 151 15.04 -36.92 -15.67
N LYS B 152 14.27 -36.07 -14.99
CA LYS B 152 13.18 -36.47 -14.11
C LYS B 152 11.87 -36.16 -14.83
N LEU B 153 11.55 -37.00 -15.81
CA LEU B 153 10.37 -36.84 -16.64
C LEU B 153 9.66 -38.18 -16.72
N GLN B 154 8.37 -38.16 -16.42
CA GLN B 154 7.53 -39.35 -16.48
C GLN B 154 6.95 -39.46 -17.89
N VAL B 155 7.22 -40.56 -18.58
CA VAL B 155 6.79 -40.76 -19.96
C VAL B 155 5.66 -41.78 -19.96
N PHE B 156 4.47 -41.34 -20.37
CA PHE B 156 3.33 -42.24 -20.57
C PHE B 156 3.27 -42.65 -22.04
N ASP B 157 3.32 -43.96 -22.29
CA ASP B 157 3.31 -44.50 -23.65
C ASP B 157 1.85 -44.71 -24.04
N ALA B 158 1.29 -43.80 -24.83
CA ALA B 158 -0.08 -43.95 -25.32
C ALA B 158 -0.11 -44.28 -26.82
N ARG B 159 0.94 -44.91 -27.32
CA ARG B 159 1.02 -45.15 -28.75
C ARG B 159 0.04 -46.22 -29.22
N ASP B 160 -0.59 -46.97 -28.32
CA ASP B 160 -1.66 -47.91 -28.65
C ASP B 160 -3.03 -47.25 -28.66
N CYS B 161 -3.10 -45.93 -28.47
CA CYS B 161 -4.38 -45.23 -28.48
C CYS B 161 -5.13 -45.44 -29.80
N ARG B 162 -6.45 -45.63 -29.68
CA ARG B 162 -7.26 -46.01 -30.83
C ARG B 162 -8.35 -45.01 -31.19
N SER B 163 -8.72 -44.11 -30.28
CA SER B 163 -9.83 -43.22 -30.59
C SER B 163 -9.65 -41.93 -29.82
N ALA B 164 -10.52 -40.96 -30.13
CA ALA B 164 -10.53 -39.73 -29.35
C ALA B 164 -11.01 -39.98 -27.92
N GLN B 165 -11.86 -40.99 -27.73
CA GLN B 165 -12.36 -41.28 -26.40
C GLN B 165 -11.27 -41.85 -25.50
N GLU B 166 -10.48 -42.80 -26.02
CA GLU B 166 -9.32 -43.29 -25.29
C GLU B 166 -8.30 -42.18 -25.08
N MET B 167 -8.07 -41.36 -26.11
CA MET B 167 -7.18 -40.20 -25.97
C MET B 167 -7.57 -39.34 -24.78
N PHE B 168 -8.87 -39.09 -24.62
CA PHE B 168 -9.33 -38.26 -23.51
C PHE B 168 -9.01 -38.89 -22.15
N THR B 169 -9.19 -40.21 -22.03
CA THR B 169 -8.88 -40.90 -20.79
C THR B 169 -7.40 -40.80 -20.45
N TYR B 170 -6.54 -41.01 -21.45
CA TYR B 170 -5.10 -40.85 -21.27
C TYR B 170 -4.76 -39.43 -20.81
N ILE B 171 -5.42 -38.42 -21.37
CA ILE B 171 -5.12 -37.04 -21.01
C ILE B 171 -5.54 -36.78 -19.56
N CYS B 172 -6.72 -37.27 -19.18
CA CYS B 172 -7.21 -37.07 -17.82
C CYS B 172 -6.28 -37.72 -16.81
N ASN B 173 -5.79 -38.94 -17.13
CA ASN B 173 -4.80 -39.60 -16.28
C ASN B 173 -3.52 -38.79 -16.19
N HIS B 174 -3.08 -38.21 -17.31
CA HIS B 174 -1.90 -37.34 -17.30
C HIS B 174 -2.12 -36.18 -16.34
N ILE B 175 -3.24 -35.45 -16.50
CA ILE B 175 -3.53 -34.31 -15.64
C ILE B 175 -3.54 -34.72 -14.18
N LYS B 176 -4.18 -35.86 -13.87
CA LYS B 176 -4.24 -36.32 -12.49
C LYS B 176 -2.86 -36.62 -11.95
N TYR B 177 -2.05 -37.36 -12.70
CA TYR B 177 -0.71 -37.73 -12.23
C TYR B 177 0.19 -36.49 -12.07
N ALA B 178 0.20 -35.61 -13.09
CA ALA B 178 1.06 -34.44 -13.06
C ALA B 178 0.67 -33.46 -11.94
N THR B 179 -0.63 -33.23 -11.77
CA THR B 179 -1.10 -32.32 -10.73
C THR B 179 -0.77 -32.83 -9.34
N ASN B 180 -1.14 -34.09 -9.06
CA ASN B 180 -0.74 -34.76 -7.83
C ASN B 180 -1.06 -33.92 -6.58
N ARG B 181 -2.27 -33.36 -6.57
CA ARG B 181 -2.82 -32.57 -5.46
C ARG B 181 -2.00 -31.33 -5.13
N GLY B 182 -1.27 -30.77 -6.08
CA GLY B 182 -0.46 -29.59 -5.90
C GLY B 182 1.04 -29.86 -5.85
N ASN B 183 1.46 -31.09 -5.57
CA ASN B 183 2.88 -31.43 -5.60
C ASN B 183 3.23 -31.91 -7.01
N LEU B 184 3.43 -30.95 -7.90
CA LEU B 184 3.43 -31.24 -9.34
C LEU B 184 4.63 -32.10 -9.77
N ARG B 185 4.38 -32.94 -10.78
CA ARG B 185 5.37 -33.84 -11.35
C ARG B 185 5.42 -33.66 -12.85
N SER B 186 6.63 -33.56 -13.40
CA SER B 186 6.82 -33.41 -14.84
C SER B 186 6.40 -34.69 -15.60
N ALA B 187 5.65 -34.51 -16.68
CA ALA B 187 5.16 -35.70 -17.40
C ALA B 187 4.96 -35.36 -18.86
N ILE B 188 4.96 -36.40 -19.70
CA ILE B 188 4.57 -36.28 -21.09
C ILE B 188 3.80 -37.56 -21.47
N THR B 189 2.71 -37.40 -22.23
CA THR B 189 2.00 -38.53 -22.81
C THR B 189 2.19 -38.51 -24.33
N VAL B 190 2.60 -39.64 -24.90
CA VAL B 190 2.96 -39.75 -26.31
C VAL B 190 1.88 -40.57 -27.02
N PHE B 191 1.12 -39.92 -27.89
CA PHE B 191 0.10 -40.58 -28.69
C PHE B 191 0.73 -41.12 -29.96
N PRO B 192 -0.02 -41.92 -30.76
CA PRO B 192 0.62 -42.61 -31.90
C PRO B 192 1.30 -41.64 -32.86
N GLN B 193 2.38 -42.12 -33.48
CA GLN B 193 3.18 -41.33 -34.40
C GLN B 193 2.48 -41.11 -35.73
N ARG B 194 2.91 -40.05 -36.43
CA ARG B 194 2.51 -39.87 -37.80
C ARG B 194 2.92 -41.10 -38.60
N CYS B 195 2.01 -41.54 -39.48
N CYS B 195 2.02 -41.54 -39.48
CA CYS B 195 2.17 -42.78 -40.22
CA CYS B 195 2.30 -42.72 -40.27
C CYS B 195 1.52 -42.61 -41.58
C CYS B 195 1.55 -42.61 -41.58
N PRO B 196 2.08 -43.21 -42.64
CA PRO B 196 1.41 -43.12 -43.94
C PRO B 196 0.14 -43.97 -43.96
N GLY B 197 -0.95 -43.35 -44.40
CA GLY B 197 -2.21 -44.05 -44.50
C GLY B 197 -3.37 -43.41 -43.76
N ARG B 198 -3.10 -42.94 -42.55
CA ARG B 198 -4.13 -42.36 -41.68
C ARG B 198 -3.72 -40.94 -41.30
N GLY B 199 -4.70 -40.13 -40.95
CA GLY B 199 -4.43 -38.80 -40.46
C GLY B 199 -3.73 -38.83 -39.11
N ASP B 200 -3.55 -37.65 -38.54
CA ASP B 200 -2.84 -37.48 -37.27
C ASP B 200 -3.80 -37.45 -36.10
N PHE B 201 -3.34 -37.97 -34.96
CA PHE B 201 -3.87 -37.51 -33.68
C PHE B 201 -3.44 -36.07 -33.45
N ARG B 202 -4.39 -35.20 -33.10
CA ARG B 202 -4.08 -33.82 -32.73
C ARG B 202 -4.93 -33.41 -31.55
N ILE B 203 -4.32 -32.63 -30.65
CA ILE B 203 -5.01 -31.85 -29.64
C ILE B 203 -5.09 -30.42 -30.16
N TRP B 204 -6.32 -29.92 -30.41
CA TRP B 204 -6.45 -28.59 -31.00
C TRP B 204 -6.07 -27.49 -30.01
N ASN B 205 -6.33 -27.73 -28.72
CA ASN B 205 -5.99 -26.75 -27.68
C ASN B 205 -4.49 -26.59 -27.58
N SER B 206 -4.05 -25.34 -27.33
CA SER B 206 -2.63 -25.06 -27.20
C SER B 206 -2.07 -25.51 -25.85
N GLN B 207 -2.89 -25.49 -24.80
CA GLN B 207 -2.57 -26.14 -23.54
C GLN B 207 -3.78 -26.93 -23.06
N LEU B 208 -3.53 -27.90 -22.19
CA LEU B 208 -4.65 -28.70 -21.67
C LEU B 208 -5.59 -27.87 -20.80
N VAL B 209 -5.06 -26.90 -20.05
CA VAL B 209 -5.90 -25.99 -19.27
C VAL B 209 -5.77 -24.58 -19.86
N ARG B 210 -6.90 -24.03 -20.32
CA ARG B 210 -6.90 -22.66 -20.85
C ARG B 210 -8.20 -22.01 -20.45
N TYR B 211 -8.18 -20.68 -20.29
CA TYR B 211 -9.40 -19.95 -20.00
C TYR B 211 -10.00 -19.39 -21.27
N ALA B 212 -11.33 -19.41 -21.35
CA ALA B 212 -12.01 -18.94 -22.54
C ALA B 212 -11.78 -17.44 -22.78
N GLY B 213 -11.86 -17.04 -24.05
CA GLY B 213 -11.81 -15.65 -24.43
C GLY B 213 -12.97 -15.28 -25.32
N TYR B 214 -13.89 -14.46 -24.81
CA TYR B 214 -15.11 -14.08 -25.52
C TYR B 214 -15.00 -12.66 -26.06
N ARG B 215 -15.05 -12.50 -27.38
CA ARG B 215 -15.31 -11.17 -27.95
C ARG B 215 -16.61 -10.62 -27.39
N GLN B 216 -16.75 -9.30 -27.40
CA GLN B 216 -17.80 -8.68 -26.61
C GLN B 216 -18.41 -7.50 -27.33
N GLN B 217 -19.29 -6.81 -26.60
CA GLN B 217 -19.98 -5.62 -27.11
C GLN B 217 -18.98 -4.54 -27.50
N ASP B 218 -18.14 -4.13 -26.55
CA ASP B 218 -17.14 -3.08 -26.76
C ASP B 218 -16.12 -3.43 -27.84
N GLY B 219 -16.30 -4.55 -28.55
CA GLY B 219 -15.23 -5.14 -29.31
C GLY B 219 -14.10 -5.70 -28.46
N SER B 220 -14.22 -5.59 -27.14
CA SER B 220 -13.23 -6.07 -26.20
C SER B 220 -13.29 -7.60 -26.09
N VAL B 221 -12.36 -8.15 -25.32
CA VAL B 221 -12.33 -9.58 -25.01
C VAL B 221 -12.56 -9.74 -23.52
N ARG B 222 -13.50 -10.63 -23.17
CA ARG B 222 -13.75 -11.02 -21.79
C ARG B 222 -13.03 -12.35 -21.55
N GLY B 223 -12.13 -12.38 -20.57
CA GLY B 223 -11.33 -13.57 -20.33
C GLY B 223 -9.95 -13.44 -20.96
N ASP B 224 -9.39 -14.55 -21.44
CA ASP B 224 -8.01 -14.54 -21.91
C ASP B 224 -7.96 -14.23 -23.41
N PRO B 225 -7.49 -13.05 -23.83
CA PRO B 225 -7.48 -12.74 -25.27
C PRO B 225 -6.60 -13.66 -26.11
N ALA B 226 -5.63 -14.37 -25.53
CA ALA B 226 -4.81 -15.28 -26.30
C ALA B 226 -5.61 -16.48 -26.82
N ASN B 227 -6.85 -16.67 -26.35
CA ASN B 227 -7.59 -17.91 -26.56
C ASN B 227 -8.91 -17.68 -27.30
N VAL B 228 -9.05 -16.55 -28.01
CA VAL B 228 -10.31 -16.28 -28.69
C VAL B 228 -10.55 -17.28 -29.82
N GLU B 229 -9.49 -17.69 -30.52
CA GLU B 229 -9.65 -18.60 -31.65
C GLU B 229 -10.19 -19.94 -31.17
N ILE B 230 -9.42 -20.61 -30.32
CA ILE B 230 -9.84 -21.91 -29.78
C ILE B 230 -11.20 -21.81 -29.10
N THR B 231 -11.48 -20.69 -28.41
CA THR B 231 -12.81 -20.49 -27.84
C THR B 231 -13.89 -20.48 -28.91
N GLU B 232 -13.65 -19.76 -30.01
CA GLU B 232 -14.64 -19.73 -31.10
C GLU B 232 -14.83 -21.12 -31.70
N LEU B 233 -13.74 -21.88 -31.84
CA LEU B 233 -13.85 -23.24 -32.34
C LEU B 233 -14.70 -24.11 -31.43
N CYS B 234 -14.44 -24.08 -30.12
CA CYS B 234 -15.21 -24.91 -29.20
C CYS B 234 -16.70 -24.65 -29.33
N ILE B 235 -17.08 -23.37 -29.46
CA ILE B 235 -18.48 -23.00 -29.59
C ILE B 235 -19.07 -23.56 -30.88
N GLN B 236 -18.31 -23.42 -31.99
CA GLN B 236 -18.72 -24.04 -33.25
C GLN B 236 -19.01 -25.51 -33.07
N HIS B 237 -18.18 -26.20 -32.28
CA HIS B 237 -18.31 -27.64 -32.10
C HIS B 237 -19.25 -28.01 -30.96
N GLY B 238 -20.17 -27.12 -30.62
CA GLY B 238 -21.25 -27.43 -29.71
C GLY B 238 -21.05 -27.05 -28.26
N TRP B 239 -19.89 -26.51 -27.90
CA TRP B 239 -19.69 -26.09 -26.52
C TRP B 239 -20.67 -24.98 -26.16
N THR B 240 -21.30 -25.11 -24.99
CA THR B 240 -22.17 -24.06 -24.50
C THR B 240 -21.30 -23.08 -23.70
N PRO B 241 -21.05 -21.88 -24.21
CA PRO B 241 -20.04 -21.02 -23.59
C PRO B 241 -20.52 -20.43 -22.28
N GLY B 242 -19.54 -20.07 -21.44
CA GLY B 242 -19.81 -19.29 -20.25
C GLY B 242 -19.75 -17.80 -20.55
N ASN B 243 -19.68 -17.01 -19.48
CA ASN B 243 -19.52 -15.57 -19.62
C ASN B 243 -18.58 -14.99 -18.58
N GLY B 244 -17.77 -15.82 -17.92
CA GLY B 244 -16.81 -15.35 -16.95
C GLY B 244 -15.44 -15.09 -17.55
N ARG B 245 -14.54 -14.60 -16.70
CA ARG B 245 -13.18 -14.29 -17.09
C ARG B 245 -12.22 -15.47 -16.94
N PHE B 246 -12.60 -16.47 -16.18
CA PHE B 246 -11.73 -17.62 -15.92
C PHE B 246 -12.47 -18.94 -16.18
N ASP B 247 -13.20 -19.01 -17.30
CA ASP B 247 -13.91 -20.23 -17.70
C ASP B 247 -12.94 -21.21 -18.37
N VAL B 248 -12.80 -22.42 -17.78
CA VAL B 248 -11.88 -23.43 -18.31
C VAL B 248 -12.46 -24.03 -19.59
N LEU B 249 -11.63 -24.11 -20.63
CA LEU B 249 -12.14 -24.57 -21.94
C LEU B 249 -12.24 -26.09 -22.00
N PRO B 250 -13.12 -26.61 -22.85
CA PRO B 250 -13.09 -28.05 -23.13
C PRO B 250 -11.98 -28.39 -24.11
N LEU B 251 -11.66 -29.68 -24.19
CA LEU B 251 -10.69 -30.18 -25.15
C LEU B 251 -11.37 -30.52 -26.47
N LEU B 252 -10.75 -30.07 -27.56
CA LEU B 252 -11.07 -30.50 -28.90
C LEU B 252 -10.02 -31.52 -29.31
N LEU B 253 -10.43 -32.77 -29.46
CA LEU B 253 -9.51 -33.88 -29.63
C LEU B 253 -9.83 -34.55 -30.98
N GLN B 254 -8.80 -34.72 -31.80
CA GLN B 254 -8.92 -35.17 -33.17
C GLN B 254 -8.24 -36.53 -33.29
N ALA B 255 -9.04 -37.55 -33.54
CA ALA B 255 -8.58 -38.86 -33.96
C ALA B 255 -8.28 -38.86 -35.46
N PRO B 256 -7.42 -39.76 -35.93
CA PRO B 256 -7.09 -39.82 -37.35
C PRO B 256 -8.33 -39.81 -38.24
N ASP B 257 -8.38 -38.84 -39.16
CA ASP B 257 -9.39 -38.80 -40.20
C ASP B 257 -10.80 -38.64 -39.63
N GLU B 258 -10.89 -38.07 -38.44
CA GLU B 258 -12.13 -37.71 -37.78
C GLU B 258 -12.18 -36.20 -37.57
N PRO B 259 -13.37 -35.59 -37.60
CA PRO B 259 -13.49 -34.24 -37.06
C PRO B 259 -13.12 -34.23 -35.59
N PRO B 260 -12.71 -33.08 -35.06
CA PRO B 260 -12.41 -33.03 -33.62
C PRO B 260 -13.68 -33.26 -32.82
N GLU B 261 -13.50 -33.84 -31.64
CA GLU B 261 -14.61 -34.11 -30.73
C GLU B 261 -14.38 -33.35 -29.45
N LEU B 262 -15.48 -32.86 -28.88
CA LEU B 262 -15.45 -32.02 -27.71
C LEU B 262 -15.50 -32.86 -26.44
N PHE B 263 -14.63 -32.57 -25.49
CA PHE B 263 -14.64 -33.25 -24.20
C PHE B 263 -14.53 -32.22 -23.09
N LEU B 264 -15.44 -32.30 -22.13
CA LEU B 264 -15.39 -31.43 -20.96
C LEU B 264 -14.41 -32.00 -19.94
N LEU B 265 -13.58 -31.15 -19.39
CA LEU B 265 -12.71 -31.60 -18.29
C LEU B 265 -13.51 -31.63 -16.99
N PRO B 266 -13.46 -32.71 -16.23
CA PRO B 266 -14.10 -32.71 -14.92
C PRO B 266 -13.52 -31.60 -14.07
N PRO B 267 -14.38 -30.77 -13.47
CA PRO B 267 -13.85 -29.63 -12.71
C PRO B 267 -12.88 -30.05 -11.60
N GLU B 268 -13.13 -31.19 -10.97
CA GLU B 268 -12.23 -31.65 -9.90
C GLU B 268 -10.87 -32.08 -10.43
N LEU B 269 -10.70 -32.24 -11.75
CA LEU B 269 -9.39 -32.52 -12.30
C LEU B 269 -8.52 -31.27 -12.45
N VAL B 270 -9.14 -30.09 -12.59
CA VAL B 270 -8.42 -28.85 -12.90
C VAL B 270 -8.19 -28.11 -11.58
N LEU B 271 -6.98 -28.23 -11.04
CA LEU B 271 -6.61 -27.54 -9.82
C LEU B 271 -6.33 -26.07 -10.12
N GLU B 272 -6.97 -25.17 -9.36
CA GLU B 272 -6.83 -23.73 -9.56
C GLU B 272 -6.43 -23.06 -8.25
N VAL B 273 -5.85 -21.86 -8.37
CA VAL B 273 -5.34 -21.07 -7.24
C VAL B 273 -5.99 -19.69 -7.26
N PRO B 274 -6.83 -19.35 -6.29
CA PRO B 274 -7.26 -17.95 -6.15
C PRO B 274 -6.06 -17.07 -5.82
N LEU B 275 -6.01 -15.88 -6.40
CA LEU B 275 -4.88 -15.00 -6.18
C LEU B 275 -5.20 -13.97 -5.10
N GLU B 276 -4.36 -13.93 -4.08
CA GLU B 276 -4.43 -12.91 -3.04
C GLU B 276 -3.03 -12.38 -2.76
N HIS B 277 -2.97 -11.25 -2.08
CA HIS B 277 -1.68 -10.65 -1.80
C HIS B 277 -1.44 -10.65 -0.30
N PRO B 278 -0.22 -10.97 0.16
CA PRO B 278 0.00 -11.14 1.61
C PRO B 278 -0.29 -9.90 2.43
N THR B 279 -0.09 -8.72 1.86
CA THR B 279 -0.38 -7.48 2.57
C THR B 279 -1.34 -6.55 1.83
N LEU B 280 -1.66 -6.75 0.56
CA LEU B 280 -2.64 -5.86 -0.08
C LEU B 280 -3.98 -6.58 -0.06
N GLU B 281 -4.76 -6.36 1.00
CA GLU B 281 -5.93 -7.22 1.23
C GLU B 281 -7.02 -7.01 0.19
N TRP B 282 -7.07 -5.84 -0.45
CA TRP B 282 -8.03 -5.61 -1.52
C TRP B 282 -7.72 -6.43 -2.76
N PHE B 283 -6.52 -7.02 -2.85
CA PHE B 283 -6.12 -7.76 -4.03
C PHE B 283 -7.03 -8.97 -4.25
N ALA B 284 -7.42 -9.66 -3.17
CA ALA B 284 -8.28 -10.83 -3.33
C ALA B 284 -9.62 -10.47 -3.97
N ALA B 285 -10.07 -9.21 -3.81
CA ALA B 285 -11.38 -8.84 -4.36
C ALA B 285 -11.34 -8.56 -5.85
N LEU B 286 -10.17 -8.57 -6.48
CA LEU B 286 -10.10 -8.55 -7.93
C LEU B 286 -10.64 -9.84 -8.55
N GLY B 287 -10.73 -10.91 -7.78
CA GLY B 287 -11.25 -12.16 -8.27
C GLY B 287 -10.33 -12.90 -9.21
N LEU B 288 -9.03 -12.66 -9.13
CA LEU B 288 -8.11 -13.29 -10.07
C LEU B 288 -7.79 -14.73 -9.64
N ARG B 289 -7.57 -15.58 -10.64
CA ARG B 289 -7.25 -16.99 -10.45
C ARG B 289 -6.23 -17.37 -11.50
N TRP B 290 -5.48 -18.44 -11.25
CA TRP B 290 -4.79 -19.12 -12.33
C TRP B 290 -4.78 -20.61 -12.02
N TYR B 291 -4.39 -21.42 -13.00
CA TYR B 291 -4.42 -22.87 -12.82
C TYR B 291 -3.04 -23.41 -12.43
N ALA B 292 -3.07 -24.58 -11.81
CA ALA B 292 -1.82 -25.15 -11.30
C ALA B 292 -0.93 -25.71 -12.40
N LEU B 293 -1.50 -26.26 -13.47
CA LEU B 293 -0.75 -27.14 -14.35
C LEU B 293 -0.47 -26.52 -15.72
N PRO B 294 0.79 -26.18 -16.04
CA PRO B 294 1.13 -25.74 -17.40
C PRO B 294 1.41 -26.97 -18.25
N ALA B 295 0.53 -27.24 -19.20
CA ALA B 295 0.63 -28.45 -20.04
C ALA B 295 0.50 -28.06 -21.51
N VAL B 296 1.62 -27.97 -22.21
CA VAL B 296 1.63 -27.59 -23.62
C VAL B 296 1.20 -28.80 -24.47
N SER B 297 0.22 -28.58 -25.35
CA SER B 297 -0.44 -29.69 -26.04
C SER B 297 -0.46 -29.58 -27.57
N ASN B 298 0.08 -28.51 -28.15
CA ASN B 298 0.06 -28.37 -29.60
C ASN B 298 1.45 -28.43 -30.24
N MET B 299 2.47 -28.90 -29.53
CA MET B 299 3.78 -29.03 -30.14
C MET B 299 4.00 -30.44 -30.69
N LEU B 300 4.85 -30.54 -31.70
CA LEU B 300 5.20 -31.81 -32.31
C LEU B 300 6.50 -32.32 -31.71
N LEU B 301 6.51 -33.58 -31.28
CA LEU B 301 7.71 -34.22 -30.76
C LEU B 301 8.37 -35.00 -31.89
N GLU B 302 9.65 -34.73 -32.14
CA GLU B 302 10.40 -35.42 -33.18
C GLU B 302 11.49 -36.25 -32.53
N ILE B 303 11.53 -37.55 -32.86
CA ILE B 303 12.54 -38.47 -32.34
C ILE B 303 13.01 -39.32 -33.52
N GLY B 304 14.31 -39.24 -33.83
CA GLY B 304 14.92 -40.09 -34.83
C GLY B 304 14.21 -40.10 -36.17
N GLY B 305 13.71 -38.93 -36.60
CA GLY B 305 12.98 -38.83 -37.84
C GLY B 305 11.50 -39.12 -37.75
N LEU B 306 11.03 -39.74 -36.66
CA LEU B 306 9.62 -39.98 -36.48
C LEU B 306 8.97 -38.76 -35.83
N GLU B 307 7.72 -38.52 -36.18
CA GLU B 307 7.02 -37.33 -35.71
C GLU B 307 5.78 -37.73 -34.91
N PHE B 308 5.63 -37.15 -33.74
CA PHE B 308 4.46 -37.38 -32.90
C PHE B 308 3.70 -36.06 -32.80
N PRO B 309 2.69 -35.85 -33.65
CA PRO B 309 1.95 -34.58 -33.62
C PRO B 309 1.13 -34.38 -32.35
N ALA B 310 0.92 -35.42 -31.55
CA ALA B 310 0.19 -35.27 -30.29
C ALA B 310 1.02 -35.90 -29.19
N ALA B 311 1.62 -35.04 -28.34
CA ALA B 311 2.43 -35.50 -27.22
C ALA B 311 2.48 -34.40 -26.16
N PRO B 312 1.37 -34.17 -25.46
CA PRO B 312 1.33 -33.06 -24.51
C PRO B 312 2.28 -33.31 -23.35
N PHE B 313 2.91 -32.23 -22.87
CA PHE B 313 3.85 -32.33 -21.77
C PHE B 313 3.58 -31.21 -20.75
N SER B 314 3.93 -31.47 -19.48
CA SER B 314 3.61 -30.52 -18.42
C SER B 314 4.71 -30.50 -17.37
N GLY B 315 4.87 -29.35 -16.71
CA GLY B 315 5.79 -29.25 -15.61
C GLY B 315 5.14 -28.50 -14.46
N TRP B 316 5.78 -27.41 -14.05
CA TRP B 316 5.15 -26.49 -13.12
C TRP B 316 5.60 -25.07 -13.50
N TYR B 317 4.86 -24.10 -13.00
CA TYR B 317 5.03 -22.73 -13.47
C TYR B 317 6.22 -22.04 -12.83
N MET B 318 6.85 -21.16 -13.59
CA MET B 318 7.65 -20.07 -13.04
C MET B 318 6.74 -18.87 -12.87
N SER B 319 6.87 -18.17 -11.72
CA SER B 319 5.85 -17.21 -11.32
C SER B 319 5.72 -16.04 -12.29
N THR B 320 6.80 -15.64 -12.97
CA THR B 320 6.69 -14.53 -13.92
C THR B 320 5.81 -14.89 -15.11
N GLU B 321 5.69 -16.18 -15.47
CA GLU B 321 4.79 -16.49 -16.57
C GLU B 321 3.37 -16.10 -16.24
N ILE B 322 2.97 -16.30 -14.99
CA ILE B 322 1.63 -15.96 -14.56
C ILE B 322 1.52 -14.47 -14.28
N GLY B 323 2.42 -13.97 -13.43
CA GLY B 323 2.26 -12.62 -12.91
C GLY B 323 2.59 -11.56 -13.94
N THR B 324 3.73 -11.71 -14.60
CA THR B 324 4.13 -10.71 -15.59
C THR B 324 3.44 -10.96 -16.93
N ARG B 325 3.61 -12.15 -17.50
CA ARG B 325 3.13 -12.33 -18.87
C ARG B 325 1.62 -12.48 -18.91
N ASN B 326 1.06 -13.44 -18.16
CA ASN B 326 -0.35 -13.78 -18.39
C ASN B 326 -1.28 -12.70 -17.88
N LEU B 327 -0.96 -12.08 -16.74
CA LEU B 327 -1.84 -11.06 -16.16
C LEU B 327 -1.51 -9.63 -16.60
N CYS B 328 -0.25 -9.31 -16.90
CA CYS B 328 0.14 -7.93 -17.16
C CYS B 328 0.36 -7.58 -18.64
N ASP B 329 0.62 -8.55 -19.50
CA ASP B 329 0.77 -8.23 -20.92
C ASP B 329 -0.42 -7.40 -21.39
N PRO B 330 -0.20 -6.29 -22.09
CA PRO B 330 -1.34 -5.48 -22.54
C PRO B 330 -2.31 -6.26 -23.41
N HIS B 331 -1.84 -7.29 -24.12
CA HIS B 331 -2.71 -8.08 -24.98
C HIS B 331 -3.26 -9.33 -24.28
N ARG B 332 -3.06 -9.44 -22.97
CA ARG B 332 -3.61 -10.54 -22.18
C ARG B 332 -4.61 -9.96 -21.18
N TYR B 333 -4.58 -10.37 -19.91
CA TYR B 333 -5.53 -9.86 -18.94
C TYR B 333 -5.31 -8.39 -18.62
N ASN B 334 -4.10 -7.87 -18.84
CA ASN B 334 -3.84 -6.42 -18.85
C ASN B 334 -4.30 -5.72 -17.56
N ILE B 335 -3.91 -6.28 -16.42
CA ILE B 335 -4.41 -5.76 -15.14
C ILE B 335 -3.51 -4.66 -14.54
N LEU B 336 -2.39 -4.34 -15.18
CA LEU B 336 -1.35 -3.55 -14.51
C LEU B 336 -1.89 -2.20 -14.02
N GLU B 337 -2.60 -1.46 -14.88
CA GLU B 337 -3.06 -0.14 -14.45
C GLU B 337 -4.08 -0.26 -13.34
N ASP B 338 -4.98 -1.24 -13.43
CA ASP B 338 -5.96 -1.43 -12.37
C ASP B 338 -5.30 -1.69 -11.02
N VAL B 339 -4.26 -2.52 -11.01
CA VAL B 339 -3.52 -2.76 -9.76
C VAL B 339 -2.82 -1.48 -9.30
N ALA B 340 -2.18 -0.75 -10.23
CA ALA B 340 -1.45 0.46 -9.86
C ALA B 340 -2.38 1.50 -9.26
N VAL B 341 -3.56 1.68 -9.87
CA VAL B 341 -4.52 2.64 -9.36
C VAL B 341 -4.99 2.23 -7.96
N CYS B 342 -5.17 0.93 -7.74
CA CYS B 342 -5.59 0.47 -6.42
C CYS B 342 -4.47 0.69 -5.39
N MET B 343 -3.22 0.49 -5.79
CA MET B 343 -2.10 0.74 -4.89
C MET B 343 -1.88 2.22 -4.61
N ASP B 344 -2.69 3.10 -5.19
CA ASP B 344 -2.52 4.55 -5.08
C ASP B 344 -1.15 5.00 -5.58
N LEU B 345 -0.68 4.39 -6.65
CA LEU B 345 0.49 4.91 -7.32
C LEU B 345 0.10 6.05 -8.26
N ASP B 346 1.10 6.85 -8.63
CA ASP B 346 0.91 7.99 -9.53
C ASP B 346 1.03 7.50 -10.97
N THR B 347 -0.11 7.25 -11.61
CA THR B 347 -0.11 6.73 -12.98
C THR B 347 -0.13 7.83 -14.03
N ARG B 348 0.06 9.09 -13.64
CA ARG B 348 0.07 10.17 -14.60
C ARG B 348 1.42 10.36 -15.28
N THR B 349 2.50 9.85 -14.69
CA THR B 349 3.85 9.98 -15.24
C THR B 349 4.57 8.63 -15.14
N THR B 350 5.38 8.32 -16.16
CA THR B 350 6.08 7.04 -16.14
C THR B 350 7.28 7.06 -15.20
N SER B 351 7.85 8.23 -14.94
CA SER B 351 9.05 8.31 -14.11
C SER B 351 8.78 7.95 -12.64
N SER B 352 7.53 7.79 -12.23
CA SER B 352 7.26 7.26 -10.90
C SER B 352 7.47 5.75 -10.83
N LEU B 353 7.71 5.10 -11.97
CA LEU B 353 7.90 3.65 -12.06
C LEU B 353 6.70 2.88 -11.50
N TRP B 354 5.49 3.42 -11.70
CA TRP B 354 4.30 2.75 -11.20
C TRP B 354 4.11 1.38 -11.86
N LYS B 355 4.49 1.24 -13.13
CA LYS B 355 4.34 -0.05 -13.80
C LYS B 355 5.21 -1.10 -13.15
N ASP B 356 6.49 -0.78 -12.94
CA ASP B 356 7.40 -1.70 -12.28
C ASP B 356 6.92 -2.06 -10.87
N LYS B 357 6.45 -1.08 -10.09
CA LYS B 357 5.99 -1.34 -8.74
C LYS B 357 4.74 -2.21 -8.72
N ALA B 358 3.79 -1.94 -9.62
CA ALA B 358 2.59 -2.77 -9.68
C ALA B 358 2.95 -4.20 -10.10
N ALA B 359 3.85 -4.36 -11.07
CA ALA B 359 4.15 -5.71 -11.54
C ALA B 359 4.86 -6.53 -10.47
N VAL B 360 5.76 -5.90 -9.71
CA VAL B 360 6.44 -6.62 -8.63
C VAL B 360 5.42 -7.18 -7.65
N GLU B 361 4.42 -6.38 -7.27
CA GLU B 361 3.46 -6.87 -6.27
C GLU B 361 2.53 -7.94 -6.85
N ILE B 362 2.24 -7.87 -8.15
CA ILE B 362 1.47 -8.95 -8.78
C ILE B 362 2.24 -10.26 -8.70
N ASN B 363 3.55 -10.21 -8.96
CA ASN B 363 4.35 -11.43 -8.86
C ASN B 363 4.39 -11.96 -7.42
N VAL B 364 4.56 -11.05 -6.45
CA VAL B 364 4.46 -11.43 -5.04
C VAL B 364 3.17 -12.16 -4.76
N ALA B 365 2.04 -11.62 -5.25
CA ALA B 365 0.75 -12.24 -5.02
C ALA B 365 0.69 -13.66 -5.58
N VAL B 366 1.25 -13.86 -6.77
CA VAL B 366 1.22 -15.18 -7.38
C VAL B 366 2.00 -16.18 -6.52
N LEU B 367 3.23 -15.79 -6.15
CA LEU B 367 4.08 -16.67 -5.35
C LEU B 367 3.43 -16.98 -4.02
N HIS B 368 2.92 -15.95 -3.35
CA HIS B 368 2.26 -16.15 -2.07
C HIS B 368 1.06 -17.08 -2.22
N SER B 369 0.25 -16.84 -3.25
CA SER B 369 -0.98 -17.59 -3.42
C SER B 369 -0.69 -19.06 -3.68
N TYR B 370 0.29 -19.35 -4.54
CA TYR B 370 0.60 -20.75 -4.87
C TYR B 370 1.23 -21.46 -3.69
N GLN B 371 2.14 -20.79 -2.97
CA GLN B 371 2.68 -21.38 -1.76
C GLN B 371 1.57 -21.62 -0.73
N LEU B 372 0.65 -20.67 -0.58
CA LEU B 372 -0.44 -20.82 0.38
C LEU B 372 -1.34 -22.01 0.02
N ALA B 373 -1.62 -22.19 -1.26
CA ALA B 373 -2.41 -23.31 -1.76
C ALA B 373 -1.62 -24.61 -1.84
N LYS B 374 -0.33 -24.59 -1.52
CA LYS B 374 0.54 -25.78 -1.58
C LYS B 374 0.61 -26.36 -3.00
N VAL B 375 0.80 -25.47 -3.98
CA VAL B 375 0.95 -25.85 -5.38
C VAL B 375 2.34 -25.43 -5.82
N THR B 376 3.10 -26.38 -6.39
CA THR B 376 4.48 -26.13 -6.79
C THR B 376 4.60 -24.88 -7.67
N ILE B 377 5.57 -24.02 -7.34
CA ILE B 377 5.88 -22.85 -8.14
C ILE B 377 7.32 -22.49 -7.87
N VAL B 378 7.99 -21.90 -8.87
CA VAL B 378 9.36 -21.44 -8.73
C VAL B 378 9.43 -19.97 -9.15
N ASP B 379 10.14 -19.15 -8.36
CA ASP B 379 10.32 -17.77 -8.75
C ASP B 379 11.48 -17.65 -9.74
N HIS B 380 11.60 -16.49 -10.40
CA HIS B 380 12.57 -16.35 -11.47
C HIS B 380 14.02 -16.33 -10.98
N HIS B 381 14.27 -15.91 -9.72
CA HIS B 381 15.61 -16.03 -9.17
C HIS B 381 16.02 -17.48 -8.96
N ALA B 382 15.16 -18.29 -8.31
CA ALA B 382 15.49 -19.69 -8.11
C ALA B 382 15.63 -20.41 -9.45
N ALA B 383 14.76 -20.12 -10.39
CA ALA B 383 14.75 -20.86 -11.65
C ALA B 383 15.98 -20.53 -12.49
N THR B 384 16.37 -19.24 -12.59
CA THR B 384 17.55 -18.92 -13.38
C THR B 384 18.82 -19.38 -12.70
N ALA B 385 18.84 -19.43 -11.37
CA ALA B 385 20.00 -20.02 -10.70
C ALA B 385 20.12 -21.51 -10.99
N SER B 386 19.00 -22.21 -11.04
CA SER B 386 19.10 -23.63 -11.40
C SER B 386 19.46 -23.81 -12.86
N PHE B 387 19.02 -22.90 -13.74
CA PHE B 387 19.43 -23.01 -15.13
C PHE B 387 20.94 -22.83 -15.27
N MET B 388 21.52 -21.92 -14.48
CA MET B 388 22.98 -21.76 -14.51
C MET B 388 23.68 -23.06 -14.12
N LYS B 389 23.17 -23.74 -13.09
CA LYS B 389 23.71 -25.05 -12.75
C LYS B 389 23.56 -26.02 -13.93
N HIS B 390 22.41 -25.97 -14.62
CA HIS B 390 22.19 -26.80 -15.80
C HIS B 390 23.25 -26.56 -16.87
N LEU B 391 23.52 -25.29 -17.18
CA LEU B 391 24.55 -24.95 -18.16
C LEU B 391 25.89 -25.57 -17.80
N GLU B 392 26.25 -25.50 -16.51
CA GLU B 392 27.53 -26.06 -16.07
C GLU B 392 27.53 -27.58 -16.20
N ASN B 393 26.43 -28.24 -15.81
CA ASN B 393 26.35 -29.69 -16.01
C ASN B 393 26.48 -30.03 -17.48
N GLU B 394 25.79 -29.27 -18.34
CA GLU B 394 25.75 -29.59 -19.76
C GLU B 394 27.08 -29.34 -20.44
N GLN B 395 27.82 -28.32 -20.01
CA GLN B 395 29.15 -28.11 -20.58
C GLN B 395 30.06 -29.30 -20.31
N LYS B 396 29.96 -29.89 -19.13
CA LYS B 396 30.75 -31.09 -18.86
C LYS B 396 30.23 -32.29 -19.65
N ALA B 397 28.92 -32.46 -19.71
CA ALA B 397 28.35 -33.67 -20.31
C ALA B 397 28.47 -33.65 -21.82
N ARG B 398 28.18 -32.52 -22.46
CA ARG B 398 27.97 -32.50 -23.90
C ARG B 398 28.81 -31.47 -24.64
N GLY B 399 29.58 -30.65 -23.94
CA GLY B 399 30.37 -29.62 -24.60
C GLY B 399 29.59 -28.39 -24.96
N GLY B 400 28.54 -28.06 -24.19
CA GLY B 400 27.71 -26.94 -24.52
C GLY B 400 26.24 -27.16 -24.22
N CYS B 401 25.42 -26.15 -24.48
CA CYS B 401 23.99 -26.23 -24.25
C CYS B 401 23.24 -25.21 -25.10
N PRO B 402 22.30 -25.65 -25.94
CA PRO B 402 21.52 -24.69 -26.73
C PRO B 402 20.56 -23.91 -25.86
N ALA B 403 20.61 -22.58 -25.98
CA ALA B 403 19.82 -21.69 -25.14
C ALA B 403 19.49 -20.41 -25.90
N ASP B 404 18.24 -19.99 -25.76
CA ASP B 404 17.70 -18.80 -26.43
C ASP B 404 17.64 -17.70 -25.38
N TRP B 405 18.63 -16.79 -25.42
CA TRP B 405 18.81 -15.80 -24.37
C TRP B 405 17.52 -15.01 -24.12
N ALA B 406 16.87 -14.56 -25.19
CA ALA B 406 15.69 -13.72 -25.03
C ALA B 406 14.53 -14.44 -24.36
N TRP B 407 14.52 -15.77 -24.39
CA TRP B 407 13.48 -16.55 -23.72
C TRP B 407 13.92 -17.03 -22.34
N ILE B 408 15.22 -17.24 -22.13
CA ILE B 408 15.73 -17.69 -20.83
C ILE B 408 15.73 -16.53 -19.82
N VAL B 409 16.11 -15.32 -20.23
CA VAL B 409 16.08 -14.16 -19.35
C VAL B 409 14.63 -13.79 -19.02
N PRO B 410 14.26 -13.76 -17.73
CA PRO B 410 12.87 -13.48 -17.33
C PRO B 410 12.40 -12.11 -17.79
N PRO B 411 11.09 -11.93 -17.94
CA PRO B 411 10.54 -10.68 -18.47
C PRO B 411 10.45 -9.53 -17.48
N ILE B 412 10.72 -9.76 -16.19
CA ILE B 412 11.03 -8.69 -15.27
C ILE B 412 12.38 -8.98 -14.65
N SER B 413 13.03 -7.91 -14.18
CA SER B 413 14.24 -8.02 -13.36
C SER B 413 15.34 -8.80 -14.06
N GLY B 414 15.44 -8.67 -15.39
CA GLY B 414 16.33 -9.53 -16.15
C GLY B 414 17.76 -9.53 -15.65
N SER B 415 18.33 -8.35 -15.42
CA SER B 415 19.76 -8.29 -15.09
C SER B 415 20.03 -8.59 -13.62
N LEU B 416 18.98 -8.68 -12.79
CA LEU B 416 19.09 -9.16 -11.42
C LEU B 416 19.28 -10.67 -11.34
N THR B 417 18.99 -11.41 -12.41
CA THR B 417 19.22 -12.85 -12.48
C THR B 417 20.56 -13.14 -13.14
N PRO B 418 21.20 -14.26 -12.82
CA PRO B 418 22.53 -14.55 -13.40
C PRO B 418 22.50 -14.94 -14.88
N VAL B 419 21.35 -15.33 -15.44
CA VAL B 419 21.38 -15.69 -16.86
C VAL B 419 21.61 -14.47 -17.74
N PHE B 420 21.24 -13.27 -17.26
CA PHE B 420 21.40 -12.06 -18.06
C PHE B 420 22.84 -11.86 -18.52
N HIS B 421 23.79 -12.13 -17.64
CA HIS B 421 25.20 -11.85 -17.92
C HIS B 421 25.90 -13.04 -18.56
N GLN B 422 25.15 -14.08 -18.89
CA GLN B 422 25.68 -15.28 -19.55
C GLN B 422 25.41 -15.18 -21.04
N GLU B 423 26.46 -15.13 -21.85
CA GLU B 423 26.27 -15.29 -23.28
C GLU B 423 25.73 -16.69 -23.55
N MET B 424 24.91 -16.80 -24.60
CA MET B 424 24.35 -18.10 -24.96
C MET B 424 24.45 -18.32 -26.47
N VAL B 425 24.42 -19.59 -26.86
CA VAL B 425 24.46 -20.03 -28.25
C VAL B 425 23.17 -20.79 -28.52
N ASN B 426 22.42 -20.34 -29.52
CA ASN B 426 21.13 -20.93 -29.86
C ASN B 426 21.28 -21.77 -31.14
N TYR B 427 20.83 -23.02 -31.08
CA TYR B 427 20.87 -23.94 -32.22
C TYR B 427 19.90 -25.09 -31.97
N PHE B 428 19.68 -25.89 -33.02
CA PHE B 428 18.64 -26.90 -33.02
C PHE B 428 19.24 -28.31 -33.01
N LEU B 429 19.03 -29.05 -31.92
CA LEU B 429 19.34 -30.46 -31.83
C LEU B 429 18.06 -31.28 -31.90
N SER B 430 18.21 -32.55 -32.33
CA SER B 430 17.14 -33.53 -32.30
C SER B 430 17.55 -34.68 -31.38
N PRO B 431 16.61 -35.32 -30.66
CA PRO B 431 15.15 -35.11 -30.61
C PRO B 431 14.73 -33.70 -30.19
N ALA B 432 13.52 -33.31 -30.53
CA ALA B 432 13.14 -31.91 -30.40
C ALA B 432 11.63 -31.79 -30.28
N PHE B 433 11.20 -30.74 -29.56
CA PHE B 433 9.85 -30.23 -29.67
C PHE B 433 9.85 -29.10 -30.68
N ARG B 434 8.96 -29.18 -31.66
CA ARG B 434 8.88 -28.20 -32.74
C ARG B 434 7.47 -27.62 -32.76
N TYR B 435 7.36 -26.39 -33.26
CA TYR B 435 6.05 -25.85 -33.58
C TYR B 435 5.48 -26.57 -34.81
N GLN B 436 4.15 -26.57 -34.92
CA GLN B 436 3.47 -27.13 -36.07
C GLN B 436 2.25 -26.26 -36.36
N PRO B 437 1.72 -26.31 -37.59
CA PRO B 437 0.54 -25.48 -37.89
C PRO B 437 -0.69 -25.95 -37.13
N ASP B 438 -1.62 -25.02 -36.95
CA ASP B 438 -2.89 -25.38 -36.33
C ASP B 438 -3.65 -26.33 -37.26
N PRO B 439 -4.31 -27.35 -36.70
CA PRO B 439 -5.02 -28.31 -37.55
C PRO B 439 -6.20 -27.72 -38.29
N TRP B 440 -6.57 -26.47 -38.05
CA TRP B 440 -7.74 -25.91 -38.72
C TRP B 440 -7.39 -24.88 -39.80
N LYS C 27 -25.26 15.92 48.25
CA LYS C 27 -26.06 16.54 47.19
C LYS C 27 -26.35 15.53 46.08
N PHE C 28 -27.44 15.76 45.38
CA PHE C 28 -27.88 14.83 44.33
C PHE C 28 -27.66 15.47 42.97
N PRO C 29 -26.71 14.97 42.16
CA PRO C 29 -26.40 15.61 40.87
C PRO C 29 -27.61 15.71 39.96
N ARG C 30 -27.84 16.91 39.42
CA ARG C 30 -28.85 17.14 38.40
C ARG C 30 -28.34 16.62 37.06
N VAL C 31 -29.17 15.86 36.35
CA VAL C 31 -28.79 15.21 35.08
C VAL C 31 -29.82 15.59 34.03
N LYS C 32 -29.35 16.22 32.95
CA LYS C 32 -30.24 16.76 31.93
C LYS C 32 -30.09 16.00 30.61
N ASN C 33 -31.20 15.84 29.90
CA ASN C 33 -31.20 15.39 28.50
C ASN C 33 -31.39 16.62 27.62
N TRP C 34 -30.43 16.87 26.72
CA TRP C 34 -30.39 18.12 26.00
C TRP C 34 -31.23 18.10 24.73
N GLU C 35 -31.63 16.91 24.26
CA GLU C 35 -32.57 16.80 23.16
C GLU C 35 -34.00 17.07 23.61
N VAL C 36 -34.36 16.63 24.82
CA VAL C 36 -35.73 16.69 25.29
C VAL C 36 -35.90 17.84 26.29
N GLY C 37 -34.82 18.18 26.99
CA GLY C 37 -34.89 19.14 28.07
C GLY C 37 -35.32 18.56 29.39
N SER C 38 -35.51 17.24 29.47
CA SER C 38 -35.96 16.62 30.70
C SER C 38 -34.83 16.51 31.71
N ILE C 39 -35.20 16.64 32.98
CA ILE C 39 -34.30 16.64 34.12
C ILE C 39 -34.65 15.48 35.04
N THR C 40 -33.63 14.79 35.54
CA THR C 40 -33.78 13.92 36.71
C THR C 40 -32.63 14.20 37.67
N TYR C 41 -32.77 13.65 38.87
CA TYR C 41 -31.74 13.70 39.89
C TYR C 41 -31.26 12.29 40.18
N ASP C 42 -29.95 12.08 40.18
CA ASP C 42 -29.37 10.80 40.54
C ASP C 42 -29.18 10.77 42.05
N THR C 43 -29.99 9.97 42.74
CA THR C 43 -29.81 9.74 44.16
C THR C 43 -29.08 8.44 44.46
N LEU C 44 -28.87 7.59 43.44
CA LEU C 44 -28.19 6.33 43.66
C LEU C 44 -26.68 6.52 43.79
N SER C 45 -26.12 7.59 43.20
CA SER C 45 -24.68 7.82 43.28
C SER C 45 -24.22 8.07 44.71
N ALA C 46 -25.11 8.57 45.57
CA ALA C 46 -24.75 8.76 46.98
C ALA C 46 -24.30 7.46 47.64
N GLN C 47 -24.70 6.30 47.11
CA GLN C 47 -24.41 5.00 47.70
C GLN C 47 -23.29 4.27 46.96
N ALA C 48 -22.43 4.99 46.25
CA ALA C 48 -21.32 4.37 45.55
C ALA C 48 -20.31 3.85 46.55
N GLN C 49 -19.98 2.57 46.45
CA GLN C 49 -19.13 1.92 47.43
C GLN C 49 -17.70 2.41 47.32
N GLN C 50 -16.94 1.87 46.37
CA GLN C 50 -15.53 2.18 46.24
C GLN C 50 -15.34 3.53 45.53
N ASP C 51 -14.10 3.97 45.43
CA ASP C 51 -13.79 5.27 44.86
C ASP C 51 -13.21 5.14 43.46
N GLY C 52 -13.57 6.07 42.59
CA GLY C 52 -13.06 6.14 41.25
C GLY C 52 -11.90 7.12 41.11
N PRO C 53 -11.55 7.42 39.86
CA PRO C 53 -10.29 8.12 39.58
C PRO C 53 -10.33 9.64 39.63
N CYS C 54 -11.51 10.26 39.61
CA CYS C 54 -11.64 11.70 39.46
C CYS C 54 -11.52 12.41 40.80
N THR C 55 -11.03 13.65 40.78
CA THR C 55 -11.03 14.54 41.93
C THR C 55 -11.60 15.89 41.49
N PRO C 56 -11.91 16.78 42.45
CA PRO C 56 -12.31 18.15 42.05
C PRO C 56 -11.26 18.84 41.19
N ARG C 57 -9.99 18.46 41.35
CA ARG C 57 -8.93 19.09 40.57
C ARG C 57 -8.94 18.64 39.11
N ARG C 58 -9.28 17.38 38.84
CA ARG C 58 -9.13 16.85 37.49
C ARG C 58 -10.03 15.64 37.28
N CYS C 59 -10.61 15.53 36.09
CA CYS C 59 -11.45 14.40 35.70
C CYS C 59 -10.64 13.41 34.89
N LEU C 60 -10.61 12.15 35.35
CA LEU C 60 -9.98 11.05 34.63
C LEU C 60 -11.01 10.07 34.08
N GLY C 61 -12.22 10.57 33.80
CA GLY C 61 -13.27 9.72 33.25
C GLY C 61 -12.90 8.98 31.97
N SER C 62 -12.04 9.56 31.13
CA SER C 62 -11.74 8.89 29.86
C SER C 62 -10.73 7.75 30.00
N LEU C 63 -10.15 7.52 31.17
CA LEU C 63 -9.13 6.49 31.28
C LEU C 63 -9.77 5.11 31.24
N VAL C 64 -9.16 4.21 30.47
CA VAL C 64 -9.67 2.84 30.35
C VAL C 64 -9.56 2.11 31.68
N PHE C 65 -8.38 2.12 32.28
CA PHE C 65 -8.15 1.47 33.57
C PHE C 65 -8.08 2.50 34.68
N PRO C 66 -9.13 2.64 35.50
CA PRO C 66 -9.03 3.56 36.65
C PRO C 66 -8.54 2.90 37.95
N ALA C 79 -7.80 -10.06 56.53
CA ALA C 79 -8.72 -9.11 57.14
C ALA C 79 -10.12 -9.69 57.26
N PRO C 80 -10.37 -10.37 58.39
CA PRO C 80 -11.73 -10.87 58.64
C PRO C 80 -12.78 -9.77 58.81
N GLU C 81 -12.42 -8.67 59.47
CA GLU C 81 -13.34 -7.55 59.62
C GLU C 81 -13.74 -6.98 58.26
N GLN C 82 -12.79 -6.90 57.33
CA GLN C 82 -13.05 -6.29 56.03
C GLN C 82 -14.02 -7.14 55.20
N LEU C 83 -13.89 -8.46 55.28
CA LEU C 83 -14.78 -9.34 54.53
C LEU C 83 -16.21 -9.29 55.08
N LEU C 84 -16.35 -9.27 56.40
CA LEU C 84 -17.68 -9.32 57.01
C LEU C 84 -18.51 -8.09 56.64
N SER C 85 -17.86 -6.93 56.52
CA SER C 85 -18.60 -5.71 56.27
C SER C 85 -19.20 -5.72 54.87
N GLN C 86 -18.41 -6.13 53.86
CA GLN C 86 -18.95 -6.26 52.52
C GLN C 86 -19.97 -7.38 52.44
N ALA C 87 -19.69 -8.51 53.11
CA ALA C 87 -20.64 -9.62 53.10
C ALA C 87 -21.96 -9.22 53.73
N ARG C 88 -21.90 -8.55 54.89
CA ARG C 88 -23.11 -8.04 55.53
C ARG C 88 -23.89 -7.12 54.59
N ASP C 89 -23.19 -6.23 53.88
CA ASP C 89 -23.87 -5.27 53.03
C ASP C 89 -24.61 -5.95 51.89
N PHE C 90 -24.02 -6.99 51.30
CA PHE C 90 -24.67 -7.67 50.19
C PHE C 90 -25.90 -8.45 50.64
N ILE C 91 -25.83 -9.09 51.82
CA ILE C 91 -26.99 -9.83 52.33
C ILE C 91 -28.17 -8.88 52.52
N ASN C 92 -27.89 -7.68 53.00
CA ASN C 92 -28.95 -6.69 53.20
C ASN C 92 -29.55 -6.26 51.87
N GLN C 93 -28.69 -6.01 50.87
CA GLN C 93 -29.18 -5.73 49.51
C GLN C 93 -30.12 -6.83 49.03
N TYR C 94 -29.68 -8.08 49.16
CA TYR C 94 -30.46 -9.20 48.66
C TYR C 94 -31.84 -9.25 49.32
N TYR C 95 -31.90 -9.20 50.65
CA TYR C 95 -33.19 -9.38 51.31
C TYR C 95 -34.09 -8.17 51.09
N SER C 96 -33.51 -6.98 50.94
CA SER C 96 -34.30 -5.83 50.51
C SER C 96 -34.93 -6.08 49.15
N SER C 97 -34.15 -6.63 48.22
CA SER C 97 -34.60 -6.81 46.85
C SER C 97 -35.67 -7.89 46.70
N ILE C 98 -35.87 -8.76 47.69
CA ILE C 98 -36.96 -9.73 47.65
C ILE C 98 -38.02 -9.40 48.69
N LYS C 99 -37.99 -8.17 49.22
CA LYS C 99 -38.99 -7.66 50.17
C LYS C 99 -39.05 -8.53 51.43
N ARG C 100 -37.88 -8.96 51.92
CA ARG C 100 -37.82 -9.82 53.10
C ARG C 100 -36.69 -9.41 54.04
N SER C 101 -36.37 -8.12 54.12
CA SER C 101 -35.35 -7.66 55.04
C SER C 101 -35.94 -7.52 56.44
N GLY C 102 -35.07 -7.62 57.44
CA GLY C 102 -35.49 -7.61 58.82
C GLY C 102 -36.34 -8.79 59.21
N SER C 103 -36.44 -9.77 58.32
CA SER C 103 -37.28 -10.94 58.53
C SER C 103 -36.51 -12.03 59.26
N GLN C 104 -37.26 -13.00 59.79
CA GLN C 104 -36.68 -14.20 60.37
C GLN C 104 -36.20 -15.13 59.27
N ALA C 105 -35.16 -14.69 58.58
CA ALA C 105 -34.50 -15.37 57.48
C ALA C 105 -33.32 -14.49 57.12
N HIS C 106 -33.57 -13.17 57.13
CA HIS C 106 -32.48 -12.20 57.05
C HIS C 106 -31.51 -12.39 58.20
N GLU C 107 -32.04 -12.55 59.41
CA GLU C 107 -31.17 -12.69 60.59
C GLU C 107 -30.43 -14.02 60.57
N GLN C 108 -31.10 -15.11 60.17
CA GLN C 108 -30.45 -16.40 60.11
C GLN C 108 -29.25 -16.35 59.17
N ARG C 109 -29.45 -15.87 57.95
CA ARG C 109 -28.36 -15.82 56.98
C ARG C 109 -27.22 -14.94 57.49
N LEU C 110 -27.54 -13.81 58.15
CA LEU C 110 -26.50 -12.95 58.69
C LEU C 110 -25.59 -13.72 59.64
N GLN C 111 -26.17 -14.50 60.54
CA GLN C 111 -25.40 -15.19 61.57
C GLN C 111 -24.58 -16.35 61.01
N GLU C 112 -25.07 -17.08 60.00
CA GLU C 112 -24.25 -18.18 59.53
C GLU C 112 -23.08 -17.69 58.68
N VAL C 113 -23.23 -16.56 57.99
CA VAL C 113 -22.06 -15.95 57.34
C VAL C 113 -21.00 -15.60 58.38
N GLU C 114 -21.42 -14.94 59.47
CA GLU C 114 -20.50 -14.64 60.56
C GLU C 114 -19.75 -15.88 61.05
N ALA C 115 -20.48 -16.97 61.33
CA ALA C 115 -19.82 -18.17 61.83
C ALA C 115 -18.94 -18.82 60.77
N GLU C 116 -19.33 -18.72 59.49
CA GLU C 116 -18.57 -19.34 58.41
C GLU C 116 -17.20 -18.69 58.27
N VAL C 117 -17.14 -17.36 58.31
CA VAL C 117 -15.85 -16.68 58.21
C VAL C 117 -15.02 -16.89 59.48
N ALA C 118 -15.69 -17.08 60.62
CA ALA C 118 -14.98 -17.36 61.86
C ALA C 118 -14.25 -18.71 61.78
N ALA C 119 -14.93 -19.74 61.30
CA ALA C 119 -14.34 -21.07 61.25
C ALA C 119 -13.36 -21.24 60.08
N THR C 120 -13.55 -20.51 58.98
CA THR C 120 -12.79 -20.80 57.78
C THR C 120 -12.15 -19.60 57.09
N GLY C 121 -12.54 -18.37 57.42
CA GLY C 121 -11.98 -17.20 56.78
C GLY C 121 -12.73 -16.69 55.56
N THR C 122 -13.69 -17.46 55.05
CA THR C 122 -14.51 -17.04 53.92
C THR C 122 -15.94 -17.50 54.19
N TYR C 123 -16.79 -17.45 53.17
CA TYR C 123 -18.12 -18.01 53.30
C TYR C 123 -18.66 -18.33 51.91
N GLN C 124 -19.69 -19.17 51.89
CA GLN C 124 -20.29 -19.64 50.65
C GLN C 124 -21.58 -18.88 50.35
N LEU C 125 -21.78 -18.53 49.08
CA LEU C 125 -23.05 -17.99 48.64
C LEU C 125 -24.07 -19.11 48.44
N ARG C 126 -25.31 -18.86 48.83
CA ARG C 126 -26.43 -19.67 48.38
C ARG C 126 -26.59 -19.50 46.87
N GLU C 127 -27.09 -20.54 46.20
CA GLU C 127 -27.23 -20.48 44.75
C GLU C 127 -28.07 -19.29 44.32
N SER C 128 -29.12 -18.98 45.08
CA SER C 128 -29.95 -17.83 44.73
C SER C 128 -29.18 -16.52 44.90
N GLU C 129 -28.45 -16.39 46.02
CA GLU C 129 -27.57 -15.23 46.21
C GLU C 129 -26.58 -15.09 45.06
N LEU C 130 -26.02 -16.21 44.59
CA LEU C 130 -25.09 -16.17 43.47
C LEU C 130 -25.76 -15.66 42.20
N VAL C 131 -27.00 -16.10 41.94
CA VAL C 131 -27.76 -15.61 40.79
C VAL C 131 -28.03 -14.12 40.92
N PHE C 132 -28.56 -13.70 42.08
CA PHE C 132 -28.80 -12.29 42.30
C PHE C 132 -27.50 -11.47 42.15
N GLY C 133 -26.38 -12.00 42.63
CA GLY C 133 -25.13 -11.24 42.62
C GLY C 133 -24.53 -11.07 41.24
N ALA C 134 -24.59 -12.13 40.42
CA ALA C 134 -24.15 -12.03 39.04
C ALA C 134 -25.02 -11.07 38.24
N LYS C 135 -26.34 -11.14 38.42
CA LYS C 135 -27.25 -10.24 37.71
C LYS C 135 -26.97 -8.79 38.11
N GLN C 136 -26.79 -8.54 39.40
CA GLN C 136 -26.54 -7.18 39.87
C GLN C 136 -25.23 -6.62 39.33
N ALA C 137 -24.21 -7.47 39.25
CA ALA C 137 -22.92 -7.01 38.77
C ALA C 137 -23.02 -6.56 37.32
N TRP C 138 -23.82 -7.26 36.50
CA TRP C 138 -24.13 -6.78 35.15
C TRP C 138 -24.92 -5.47 35.21
N ARG C 139 -26.00 -5.45 36.00
CA ARG C 139 -26.83 -4.26 36.09
C ARG C 139 -26.02 -3.03 36.51
N ASN C 140 -24.93 -3.22 37.23
CA ASN C 140 -24.15 -2.10 37.74
C ASN C 140 -22.98 -1.72 36.84
N ALA C 141 -22.72 -2.48 35.79
CA ALA C 141 -21.56 -2.22 34.94
C ALA C 141 -21.74 -0.94 34.15
N PRO C 142 -20.99 0.13 34.44
CA PRO C 142 -21.31 1.43 33.82
C PRO C 142 -21.05 1.48 32.33
N ARG C 143 -20.15 0.65 31.81
CA ARG C 143 -19.80 0.72 30.40
C ARG C 143 -20.64 -0.19 29.49
N CYS C 144 -21.64 -0.90 30.00
CA CYS C 144 -22.44 -1.82 29.19
C CYS C 144 -23.72 -1.16 28.72
N VAL C 145 -23.87 -1.03 27.39
CA VAL C 145 -25.09 -0.49 26.78
C VAL C 145 -26.22 -1.51 26.66
N GLY C 146 -25.94 -2.79 26.89
CA GLY C 146 -26.99 -3.81 26.74
C GLY C 146 -27.76 -4.16 28.00
N ARG C 147 -27.81 -3.24 28.97
CA ARG C 147 -28.29 -3.62 30.30
C ARG C 147 -29.80 -3.73 30.43
N ILE C 148 -30.57 -3.28 29.43
CA ILE C 148 -32.02 -3.50 29.43
C ILE C 148 -32.31 -4.99 29.64
N GLN C 149 -31.35 -5.84 29.28
CA GLN C 149 -31.45 -7.30 29.35
C GLN C 149 -31.05 -7.89 30.70
N TRP C 150 -30.71 -7.04 31.70
CA TRP C 150 -29.96 -7.52 32.87
C TRP C 150 -30.74 -8.55 33.67
N GLY C 151 -32.07 -8.56 33.59
CA GLY C 151 -32.83 -9.53 34.33
C GLY C 151 -32.80 -10.94 33.75
N LYS C 152 -32.45 -11.07 32.47
CA LYS C 152 -32.45 -12.36 31.79
C LYS C 152 -30.99 -12.79 31.61
N LEU C 153 -30.51 -13.63 32.51
CA LEU C 153 -29.13 -14.10 32.52
C LEU C 153 -29.10 -15.51 33.08
N GLN C 154 -28.48 -16.42 32.34
CA GLN C 154 -28.33 -17.81 32.77
C GLN C 154 -27.06 -17.95 33.60
N VAL C 155 -27.21 -18.30 34.87
CA VAL C 155 -26.08 -18.41 35.78
C VAL C 155 -25.75 -19.89 35.94
N PHE C 156 -24.59 -20.31 35.43
CA PHE C 156 -24.15 -21.68 35.57
C PHE C 156 -23.19 -21.76 36.76
N ASP C 157 -23.51 -22.61 37.71
CA ASP C 157 -22.75 -22.71 38.96
C ASP C 157 -21.70 -23.80 38.80
N ALA C 158 -20.46 -23.39 38.55
CA ALA C 158 -19.33 -24.29 38.40
C ALA C 158 -18.39 -24.23 39.60
N ARG C 159 -18.91 -23.87 40.77
CA ARG C 159 -18.07 -23.79 41.95
C ARG C 159 -17.58 -25.16 42.45
N ASP C 160 -18.01 -26.25 41.83
CA ASP C 160 -17.48 -27.57 42.18
C ASP C 160 -16.28 -27.97 41.34
N CYS C 161 -15.80 -27.09 40.46
CA CYS C 161 -14.77 -27.47 39.52
C CYS C 161 -13.45 -27.80 40.18
N ARG C 162 -12.79 -28.82 39.65
CA ARG C 162 -11.56 -29.38 40.23
C ARG C 162 -10.38 -29.33 39.29
N SER C 163 -10.53 -29.83 38.07
CA SER C 163 -9.44 -29.84 37.10
C SER C 163 -9.71 -28.85 35.98
N ALA C 164 -8.63 -28.51 35.26
CA ALA C 164 -8.79 -27.69 34.05
C ALA C 164 -9.56 -28.45 32.98
N GLN C 165 -9.47 -29.78 32.97
CA GLN C 165 -10.28 -30.57 32.05
C GLN C 165 -11.76 -30.38 32.31
N GLU C 166 -12.15 -30.24 33.58
CA GLU C 166 -13.55 -29.98 33.90
C GLU C 166 -13.90 -28.52 33.64
N MET C 167 -12.97 -27.61 33.93
CA MET C 167 -13.15 -26.22 33.51
C MET C 167 -13.46 -26.15 32.02
N PHE C 168 -12.73 -26.91 31.21
CA PHE C 168 -13.01 -26.96 29.78
C PHE C 168 -14.40 -27.52 29.49
N THR C 169 -14.87 -28.46 30.33
CA THR C 169 -16.21 -29.00 30.15
C THR C 169 -17.28 -27.95 30.47
N TYR C 170 -17.13 -27.22 31.57
CA TYR C 170 -18.07 -26.16 31.88
C TYR C 170 -18.10 -25.11 30.77
N ILE C 171 -16.93 -24.74 30.26
CA ILE C 171 -16.86 -23.69 29.25
C ILE C 171 -17.58 -24.13 27.98
N CYS C 172 -17.43 -25.39 27.58
CA CYS C 172 -18.09 -25.87 26.37
C CYS C 172 -19.60 -25.94 26.56
N ASN C 173 -20.04 -26.36 27.75
CA ASN C 173 -21.47 -26.28 28.09
C ASN C 173 -21.98 -24.86 27.96
N HIS C 174 -21.23 -23.90 28.49
CA HIS C 174 -21.58 -22.49 28.36
C HIS C 174 -21.72 -22.12 26.89
N ILE C 175 -20.70 -22.41 26.10
CA ILE C 175 -20.67 -21.93 24.72
C ILE C 175 -21.81 -22.54 23.91
N LYS C 176 -22.06 -23.86 24.08
CA LYS C 176 -23.18 -24.47 23.39
C LYS C 176 -24.51 -23.85 23.83
N TYR C 177 -24.68 -23.66 25.15
CA TYR C 177 -25.93 -23.07 25.63
C TYR C 177 -26.09 -21.66 25.10
N ALA C 178 -25.05 -20.83 25.24
CA ALA C 178 -25.17 -19.42 24.91
C ALA C 178 -25.32 -19.20 23.41
N THR C 179 -24.67 -20.05 22.61
CA THR C 179 -24.78 -19.91 21.18
C THR C 179 -26.18 -20.27 20.70
N ASN C 180 -26.64 -21.48 21.07
CA ASN C 180 -28.02 -21.85 20.81
C ASN C 180 -28.35 -21.76 19.31
N ARG C 181 -27.40 -22.22 18.49
CA ARG C 181 -27.58 -22.31 17.04
C ARG C 181 -27.80 -20.93 16.41
N GLY C 182 -27.28 -19.88 17.04
CA GLY C 182 -27.41 -18.54 16.51
C GLY C 182 -28.46 -17.68 17.19
N ASN C 183 -29.35 -18.28 17.97
CA ASN C 183 -30.32 -17.51 18.75
C ASN C 183 -29.71 -17.29 20.13
N LEU C 184 -28.82 -16.29 20.21
CA LEU C 184 -27.94 -16.16 21.37
C LEU C 184 -28.72 -15.86 22.65
N ARG C 185 -28.21 -16.38 23.77
CA ARG C 185 -28.79 -16.24 25.09
C ARG C 185 -27.70 -15.86 26.08
N SER C 186 -27.99 -14.90 26.94
CA SER C 186 -27.00 -14.41 27.88
C SER C 186 -26.68 -15.45 28.94
N ALA C 187 -25.43 -15.53 29.35
CA ALA C 187 -25.07 -16.52 30.35
C ALA C 187 -23.78 -16.13 31.05
N ILE C 188 -23.58 -16.72 32.23
CA ILE C 188 -22.33 -16.62 32.97
C ILE C 188 -22.09 -17.97 33.64
N THR C 189 -20.84 -18.39 33.68
CA THR C 189 -20.43 -19.58 34.42
C THR C 189 -19.48 -19.13 35.52
N VAL C 190 -19.78 -19.53 36.76
CA VAL C 190 -19.04 -19.05 37.93
C VAL C 190 -18.18 -20.20 38.45
N PHE C 191 -16.87 -20.04 38.35
CA PHE C 191 -15.90 -20.99 38.87
C PHE C 191 -15.59 -20.68 40.33
N PRO C 192 -14.85 -21.54 41.04
CA PRO C 192 -14.73 -21.36 42.49
C PRO C 192 -14.09 -20.04 42.88
N GLN C 193 -14.58 -19.47 43.98
CA GLN C 193 -14.11 -18.19 44.49
C GLN C 193 -12.64 -18.27 44.89
N ARG C 194 -12.00 -17.11 44.91
CA ARG C 194 -10.68 -16.98 45.51
C ARG C 194 -10.73 -17.42 46.97
N CYS C 195 -9.72 -18.16 47.39
CA CYS C 195 -9.57 -18.58 48.77
C CYS C 195 -8.15 -18.36 49.23
N PRO C 196 -7.95 -18.09 50.52
CA PRO C 196 -6.59 -18.14 51.07
C PRO C 196 -5.99 -19.54 51.00
N GLY C 197 -4.66 -19.61 50.92
CA GLY C 197 -3.98 -20.84 50.57
C GLY C 197 -3.78 -20.87 49.07
N ARG C 198 -4.90 -20.96 48.36
CA ARG C 198 -5.05 -20.52 46.97
C ARG C 198 -4.42 -21.45 45.93
N GLY C 199 -4.06 -20.86 44.80
CA GLY C 199 -4.18 -21.52 43.52
C GLY C 199 -5.49 -21.09 42.91
N ASP C 200 -5.49 -19.99 42.16
CA ASP C 200 -6.72 -19.46 41.60
C ASP C 200 -7.08 -20.18 40.30
N PHE C 201 -8.37 -20.19 40.00
CA PHE C 201 -8.82 -20.55 38.66
C PHE C 201 -8.73 -19.32 37.76
N ARG C 202 -8.17 -19.49 36.57
CA ARG C 202 -8.00 -18.37 35.66
C ARG C 202 -8.18 -18.84 34.23
N ILE C 203 -8.88 -18.03 33.44
CA ILE C 203 -8.89 -18.15 31.99
C ILE C 203 -7.92 -17.11 31.46
N TRP C 204 -6.82 -17.56 30.86
CA TRP C 204 -5.81 -16.61 30.42
C TRP C 204 -6.28 -15.79 29.21
N ASN C 205 -7.05 -16.42 28.32
CA ASN C 205 -7.56 -15.68 27.16
C ASN C 205 -8.51 -14.59 27.64
N SER C 206 -8.46 -13.43 26.97
CA SER C 206 -9.34 -12.33 27.32
C SER C 206 -10.78 -12.62 26.93
N GLN C 207 -10.99 -13.37 25.85
CA GLN C 207 -12.29 -13.89 25.48
C GLN C 207 -12.17 -15.38 25.18
N LEU C 208 -13.31 -16.06 25.22
CA LEU C 208 -13.33 -17.47 24.88
C LEU C 208 -13.00 -17.71 23.40
N VAL C 209 -13.40 -16.78 22.54
CA VAL C 209 -13.18 -16.89 21.09
C VAL C 209 -12.30 -15.72 20.68
N ARG C 210 -11.07 -16.02 20.26
CA ARG C 210 -10.11 -15.01 19.85
C ARG C 210 -9.35 -15.50 18.63
N TYR C 211 -9.21 -14.64 17.63
CA TYR C 211 -8.39 -14.96 16.47
C TYR C 211 -6.92 -14.76 16.77
N ALA C 212 -6.09 -15.66 16.24
CA ALA C 212 -4.66 -15.57 16.47
C ALA C 212 -4.08 -14.29 15.85
N GLY C 213 -2.96 -13.85 16.42
CA GLY C 213 -2.24 -12.70 15.91
C GLY C 213 -0.78 -13.03 15.72
N TYR C 214 -0.36 -13.21 14.47
CA TYR C 214 0.97 -13.70 14.13
C TYR C 214 1.86 -12.51 13.79
N ARG C 215 2.89 -12.28 14.62
CA ARG C 215 3.90 -11.27 14.29
C ARG C 215 4.75 -11.76 13.12
N GLN C 216 5.16 -10.83 12.26
CA GLN C 216 5.81 -11.18 11.01
C GLN C 216 7.23 -10.62 10.93
N GLN C 217 8.00 -11.17 9.99
CA GLN C 217 9.39 -10.79 9.79
C GLN C 217 9.54 -9.35 9.31
N ASP C 218 8.46 -8.72 8.84
CA ASP C 218 8.47 -7.33 8.43
C ASP C 218 7.87 -6.40 9.47
N GLY C 219 7.73 -6.87 10.72
CA GLY C 219 7.22 -6.09 11.81
C GLY C 219 5.71 -6.14 11.98
N SER C 220 4.96 -6.31 10.90
CA SER C 220 3.51 -6.23 10.95
C SER C 220 2.93 -7.49 11.61
N VAL C 221 1.60 -7.53 11.70
CA VAL C 221 0.87 -8.64 12.28
C VAL C 221 -0.12 -9.18 11.26
N ARG C 222 -0.19 -10.51 11.16
CA ARG C 222 -1.22 -11.19 10.40
C ARG C 222 -2.17 -11.85 11.40
N GLY C 223 -3.42 -11.45 11.35
CA GLY C 223 -4.40 -11.81 12.36
C GLY C 223 -4.83 -10.59 13.16
N ASP C 224 -5.31 -10.87 14.38
CA ASP C 224 -5.79 -9.82 15.27
C ASP C 224 -4.63 -9.28 16.10
N PRO C 225 -4.20 -8.04 15.89
CA PRO C 225 -3.09 -7.50 16.69
C PRO C 225 -3.35 -7.54 18.19
N ALA C 226 -4.61 -7.47 18.61
CA ALA C 226 -4.92 -7.44 20.04
C ALA C 226 -4.51 -8.72 20.74
N ASN C 227 -4.17 -9.77 20.01
CA ASN C 227 -3.96 -11.09 20.59
C ASN C 227 -2.57 -11.63 20.31
N VAL C 228 -1.63 -10.76 19.94
CA VAL C 228 -0.25 -11.17 19.73
C VAL C 228 0.33 -11.80 20.98
N GLU C 229 -0.10 -11.36 22.16
CA GLU C 229 0.46 -11.89 23.40
C GLU C 229 -0.10 -13.26 23.73
N ILE C 230 -1.43 -13.38 23.81
CA ILE C 230 -2.05 -14.68 24.08
C ILE C 230 -1.64 -15.70 23.02
N THR C 231 -1.49 -15.26 21.76
CA THR C 231 -1.04 -16.17 20.71
C THR C 231 0.36 -16.71 21.00
N GLU C 232 1.28 -15.82 21.39
CA GLU C 232 2.64 -16.26 21.71
C GLU C 232 2.66 -17.21 22.89
N LEU C 233 1.89 -16.91 23.93
CA LEU C 233 1.80 -17.84 25.06
C LEU C 233 1.26 -19.19 24.62
N CYS C 234 0.24 -19.18 23.76
CA CYS C 234 -0.30 -20.43 23.23
C CYS C 234 0.79 -21.22 22.51
N ILE C 235 1.56 -20.56 21.66
CA ILE C 235 2.62 -21.24 20.92
C ILE C 235 3.60 -21.91 21.87
N GLN C 236 4.03 -21.17 22.90
CA GLN C 236 5.05 -21.72 23.80
C GLN C 236 4.52 -22.89 24.61
N HIS C 237 3.22 -22.91 24.92
CA HIS C 237 2.60 -24.01 25.63
C HIS C 237 2.16 -25.14 24.71
N GLY C 238 2.76 -25.25 23.52
CA GLY C 238 2.60 -26.39 22.67
C GLY C 238 1.73 -26.18 21.45
N TRP C 239 0.94 -25.11 21.39
CA TRP C 239 0.02 -24.96 20.28
C TRP C 239 0.78 -24.71 18.98
N THR C 240 0.48 -25.53 17.97
CA THR C 240 1.13 -25.41 16.68
C THR C 240 0.38 -24.37 15.85
N PRO C 241 0.99 -23.23 15.53
CA PRO C 241 0.22 -22.09 15.02
C PRO C 241 -0.17 -22.27 13.57
N GLY C 242 -1.35 -21.73 13.24
CA GLY C 242 -1.79 -21.65 11.87
C GLY C 242 -1.09 -20.52 11.12
N ASN C 243 -1.62 -20.24 9.94
CA ASN C 243 -1.07 -19.18 9.08
C ASN C 243 -2.10 -18.13 8.71
N GLY C 244 -3.33 -18.21 9.24
CA GLY C 244 -4.43 -17.41 8.75
C GLY C 244 -4.68 -16.13 9.53
N ARG C 245 -5.47 -15.25 8.91
CA ARG C 245 -5.98 -14.04 9.52
C ARG C 245 -7.11 -14.30 10.51
N PHE C 246 -7.69 -15.49 10.52
CA PHE C 246 -8.80 -15.80 11.41
C PHE C 246 -8.61 -17.19 12.01
N ASP C 247 -7.43 -17.43 12.56
CA ASP C 247 -7.17 -18.67 13.28
C ASP C 247 -7.69 -18.55 14.71
N VAL C 248 -8.74 -19.32 15.03
CA VAL C 248 -9.29 -19.33 16.38
C VAL C 248 -8.27 -19.93 17.33
N LEU C 249 -8.02 -19.23 18.44
CA LEU C 249 -6.98 -19.63 19.36
C LEU C 249 -7.44 -20.76 20.27
N PRO C 250 -6.52 -21.56 20.78
CA PRO C 250 -6.85 -22.49 21.86
C PRO C 250 -7.08 -21.73 23.17
N LEU C 251 -7.62 -22.44 24.14
CA LEU C 251 -7.84 -21.88 25.47
C LEU C 251 -6.68 -22.27 26.37
N LEU C 252 -6.14 -21.31 27.12
CA LEU C 252 -5.12 -21.56 28.14
C LEU C 252 -5.81 -21.47 29.50
N LEU C 253 -6.19 -22.63 30.04
CA LEU C 253 -6.96 -22.70 31.28
C LEU C 253 -6.04 -23.09 32.44
N GLN C 254 -6.12 -22.33 33.52
CA GLN C 254 -5.22 -22.46 34.66
C GLN C 254 -6.02 -22.88 35.88
N ALA C 255 -5.71 -24.05 36.40
CA ALA C 255 -6.28 -24.54 37.65
C ALA C 255 -5.40 -24.16 38.83
N PRO C 256 -5.95 -24.20 40.05
CA PRO C 256 -5.14 -23.98 41.26
C PRO C 256 -3.73 -24.55 41.23
N ASP C 257 -2.76 -23.62 41.21
CA ASP C 257 -1.34 -23.88 41.38
C ASP C 257 -0.72 -24.53 40.15
N GLU C 258 -1.45 -25.40 39.47
CA GLU C 258 -0.92 -26.04 38.28
C GLU C 258 -0.63 -25.00 37.20
N PRO C 259 0.26 -25.31 36.27
CA PRO C 259 0.45 -24.44 35.10
C PRO C 259 -0.77 -24.49 34.19
N PRO C 260 -0.95 -23.50 33.31
CA PRO C 260 -2.08 -23.55 32.40
C PRO C 260 -1.97 -24.73 31.44
N GLU C 261 -3.12 -25.28 31.08
CA GLU C 261 -3.19 -26.40 30.14
C GLU C 261 -3.95 -25.95 28.90
N LEU C 262 -3.43 -26.34 27.74
CA LEU C 262 -3.88 -25.82 26.46
C LEU C 262 -4.96 -26.74 25.90
N PHE C 263 -6.15 -26.18 25.65
CA PHE C 263 -7.28 -26.93 25.13
C PHE C 263 -7.74 -26.33 23.81
N LEU C 264 -8.19 -27.18 22.89
CA LEU C 264 -8.67 -26.75 21.58
C LEU C 264 -10.19 -26.75 21.57
N LEU C 265 -10.77 -25.69 21.03
CA LEU C 265 -12.22 -25.68 20.89
C LEU C 265 -12.63 -26.49 19.66
N PRO C 266 -13.57 -27.42 19.79
CA PRO C 266 -14.08 -28.14 18.61
C PRO C 266 -14.78 -27.17 17.66
N PRO C 267 -14.38 -27.16 16.39
CA PRO C 267 -14.84 -26.08 15.48
C PRO C 267 -16.35 -25.98 15.34
N GLU C 268 -17.07 -27.10 15.39
CA GLU C 268 -18.53 -27.07 15.32
C GLU C 268 -19.17 -26.40 16.52
N LEU C 269 -18.38 -26.14 17.57
CA LEU C 269 -18.89 -25.44 18.75
C LEU C 269 -18.73 -23.92 18.63
N VAL C 270 -17.93 -23.44 17.68
CA VAL C 270 -17.62 -22.03 17.53
C VAL C 270 -18.33 -21.53 16.28
N LEU C 271 -19.48 -20.87 16.46
CA LEU C 271 -20.27 -20.39 15.34
C LEU C 271 -19.62 -19.15 14.73
N GLU C 272 -19.39 -19.17 13.42
CA GLU C 272 -18.73 -18.06 12.74
C GLU C 272 -19.58 -17.56 11.59
N VAL C 273 -19.44 -16.27 11.30
CA VAL C 273 -20.23 -15.61 10.26
C VAL C 273 -19.31 -15.05 9.18
N PRO C 274 -19.28 -15.66 8.01
CA PRO C 274 -18.56 -15.05 6.88
C PRO C 274 -19.27 -13.78 6.46
N LEU C 275 -18.50 -12.72 6.21
CA LEU C 275 -19.09 -11.40 6.00
C LEU C 275 -19.25 -11.13 4.51
N GLU C 276 -20.46 -10.78 4.11
CA GLU C 276 -20.77 -10.38 2.74
C GLU C 276 -21.57 -9.09 2.81
N HIS C 277 -21.71 -8.41 1.66
CA HIS C 277 -22.44 -7.15 1.63
C HIS C 277 -23.66 -7.27 0.72
N PRO C 278 -24.80 -6.67 1.13
CA PRO C 278 -26.03 -6.86 0.34
C PRO C 278 -25.95 -6.39 -1.10
N THR C 279 -25.03 -5.49 -1.45
CA THR C 279 -24.97 -5.04 -2.85
C THR C 279 -23.57 -4.97 -3.44
N LEU C 280 -22.51 -4.90 -2.63
CA LEU C 280 -21.12 -4.91 -3.13
C LEU C 280 -20.68 -6.36 -3.21
N GLU C 281 -20.73 -6.93 -4.43
CA GLU C 281 -20.51 -8.36 -4.58
C GLU C 281 -19.09 -8.77 -4.24
N TRP C 282 -18.12 -7.85 -4.41
CA TRP C 282 -16.72 -8.12 -4.11
C TRP C 282 -16.41 -8.18 -2.62
N PHE C 283 -17.32 -7.71 -1.76
CA PHE C 283 -17.03 -7.71 -0.31
C PHE C 283 -16.77 -9.12 0.19
N ALA C 284 -17.62 -10.08 -0.21
CA ALA C 284 -17.43 -11.46 0.20
C ALA C 284 -16.00 -11.92 -0.04
N ALA C 285 -15.41 -11.54 -1.19
CA ALA C 285 -14.11 -12.07 -1.56
C ALA C 285 -12.99 -11.50 -0.69
N LEU C 286 -13.26 -10.50 0.14
CA LEU C 286 -12.22 -10.03 1.06
C LEU C 286 -11.91 -11.07 2.13
N GLY C 287 -12.72 -12.11 2.26
CA GLY C 287 -12.46 -13.20 3.19
C GLY C 287 -12.69 -12.85 4.64
N LEU C 288 -13.48 -11.82 4.93
CA LEU C 288 -13.68 -11.41 6.31
C LEU C 288 -14.69 -12.33 7.02
N ARG C 289 -14.46 -12.53 8.31
CA ARG C 289 -15.30 -13.37 9.16
C ARG C 289 -15.33 -12.74 10.53
N TRP C 290 -16.35 -13.08 11.32
CA TRP C 290 -16.28 -12.88 12.75
C TRP C 290 -17.14 -13.93 13.43
N TYR C 291 -17.05 -13.99 14.76
CA TYR C 291 -17.71 -15.03 15.53
C TYR C 291 -18.97 -14.52 16.20
N ALA C 292 -19.87 -15.47 16.51
CA ALA C 292 -21.20 -15.13 17.00
C ALA C 292 -21.19 -14.63 18.43
N LEU C 293 -20.38 -15.24 19.29
CA LEU C 293 -20.57 -15.13 20.73
C LEU C 293 -19.52 -14.22 21.37
N PRO C 294 -19.89 -13.03 21.85
CA PRO C 294 -18.93 -12.25 22.64
C PRO C 294 -18.93 -12.76 24.07
N ALA C 295 -17.82 -13.36 24.49
CA ALA C 295 -17.73 -13.95 25.83
C ALA C 295 -16.43 -13.51 26.50
N VAL C 296 -16.56 -12.58 27.45
CA VAL C 296 -15.43 -12.02 28.18
C VAL C 296 -15.01 -12.98 29.28
N SER C 297 -13.73 -13.35 29.32
CA SER C 297 -13.26 -14.40 30.22
C SER C 297 -12.11 -14.01 31.13
N ASN C 298 -11.65 -12.75 31.12
CA ASN C 298 -10.53 -12.35 31.98
C ASN C 298 -10.91 -11.33 33.05
N MET C 299 -12.20 -11.09 33.27
CA MET C 299 -12.65 -10.17 34.31
C MET C 299 -12.96 -10.91 35.61
N LEU C 300 -12.94 -10.15 36.71
CA LEU C 300 -13.13 -10.68 38.05
C LEU C 300 -14.49 -10.26 38.58
N LEU C 301 -15.25 -11.23 39.08
CA LEU C 301 -16.58 -10.97 39.63
C LEU C 301 -16.48 -10.90 41.14
N GLU C 302 -16.97 -9.79 41.71
CA GLU C 302 -16.93 -9.53 43.14
C GLU C 302 -18.36 -9.48 43.66
N ILE C 303 -18.66 -10.31 44.67
CA ILE C 303 -19.99 -10.38 45.27
C ILE C 303 -19.83 -10.43 46.79
N GLY C 304 -20.35 -9.41 47.48
CA GLY C 304 -20.32 -9.36 48.93
C GLY C 304 -18.99 -9.73 49.54
N GLY C 305 -17.93 -9.07 49.07
CA GLY C 305 -16.59 -9.33 49.57
C GLY C 305 -15.92 -10.56 49.01
N LEU C 306 -16.66 -11.42 48.32
CA LEU C 306 -16.09 -12.58 47.66
C LEU C 306 -15.65 -12.20 46.24
N GLU C 307 -14.67 -12.95 45.72
CA GLU C 307 -14.10 -12.62 44.43
C GLU C 307 -13.96 -13.88 43.58
N PHE C 308 -14.44 -13.80 42.35
CA PHE C 308 -14.40 -14.94 41.43
C PHE C 308 -13.52 -14.60 40.24
N PRO C 309 -12.24 -14.97 40.27
CA PRO C 309 -11.34 -14.58 39.18
C PRO C 309 -11.63 -15.28 37.86
N ALA C 310 -12.48 -16.30 37.86
CA ALA C 310 -12.94 -16.97 36.63
C ALA C 310 -14.47 -17.02 36.67
N ALA C 311 -15.10 -16.10 35.93
CA ALA C 311 -16.56 -16.06 35.80
C ALA C 311 -16.89 -15.51 34.42
N PRO C 312 -16.64 -16.29 33.37
CA PRO C 312 -16.85 -15.78 32.02
C PRO C 312 -18.33 -15.61 31.72
N PHE C 313 -18.64 -14.50 31.05
CA PHE C 313 -20.01 -14.14 30.70
C PHE C 313 -20.09 -13.81 29.22
N SER C 314 -21.30 -13.93 28.66
CA SER C 314 -21.49 -13.71 27.24
C SER C 314 -22.88 -13.14 26.99
N GLY C 315 -22.99 -12.37 25.92
CA GLY C 315 -24.28 -11.86 25.48
C GLY C 315 -24.42 -12.04 23.99
N TRP C 316 -24.62 -10.94 23.27
CA TRP C 316 -24.54 -10.93 21.82
C TRP C 316 -24.00 -9.59 21.39
N TYR C 317 -23.53 -9.52 20.14
CA TYR C 317 -22.81 -8.33 19.71
C TYR C 317 -23.75 -7.19 19.33
N MET C 318 -23.28 -5.99 19.61
CA MET C 318 -23.72 -4.80 18.88
C MET C 318 -22.83 -4.66 17.64
N SER C 319 -23.46 -4.31 16.52
CA SER C 319 -22.78 -4.39 15.23
C SER C 319 -21.55 -3.50 15.16
N THR C 320 -21.56 -2.34 15.84
CA THR C 320 -20.40 -1.45 15.74
C THR C 320 -19.19 -2.03 16.45
N GLU C 321 -19.37 -2.96 17.39
CA GLU C 321 -18.21 -3.60 18.00
C GLU C 321 -17.41 -4.36 16.97
N ILE C 322 -18.10 -5.07 16.08
CA ILE C 322 -17.45 -5.84 15.03
C ILE C 322 -17.00 -4.94 13.89
N GLY C 323 -17.94 -4.17 13.34
CA GLY C 323 -17.65 -3.46 12.10
C GLY C 323 -16.72 -2.27 12.30
N THR C 324 -16.97 -1.50 13.36
CA THR C 324 -16.15 -0.31 13.55
C THR C 324 -14.89 -0.59 14.36
N ARG C 325 -15.03 -1.20 15.53
CA ARG C 325 -13.85 -1.32 16.38
C ARG C 325 -12.96 -2.51 15.97
N ASN C 326 -13.51 -3.72 15.87
CA ASN C 326 -12.64 -4.86 15.62
C ASN C 326 -12.07 -4.83 14.19
N LEU C 327 -12.86 -4.39 13.22
CA LEU C 327 -12.39 -4.42 11.83
C LEU C 327 -11.74 -3.12 11.39
N CYS C 328 -12.15 -1.96 11.93
CA CYS C 328 -11.64 -0.69 11.43
C CYS C 328 -10.64 0.02 12.34
N ASP C 329 -10.42 -0.43 13.58
CA ASP C 329 -9.44 0.26 14.41
C ASP C 329 -8.06 0.16 13.77
N PRO C 330 -7.25 1.21 13.89
CA PRO C 330 -5.90 1.16 13.30
C PRO C 330 -5.00 0.13 13.96
N HIS C 331 -5.27 -0.23 15.21
CA HIS C 331 -4.52 -1.26 15.90
C HIS C 331 -5.24 -2.60 15.92
N ARG C 332 -6.32 -2.75 15.17
CA ARG C 332 -7.01 -4.02 15.00
C ARG C 332 -6.82 -4.49 13.56
N TYR C 333 -7.84 -5.01 12.89
CA TYR C 333 -7.66 -5.50 11.52
C TYR C 333 -7.41 -4.37 10.53
N ASN C 334 -7.90 -3.16 10.81
CA ASN C 334 -7.48 -1.95 10.08
C ASN C 334 -7.81 -2.06 8.59
N ILE C 335 -9.03 -2.51 8.29
CA ILE C 335 -9.42 -2.83 6.91
C ILE C 335 -10.01 -1.62 6.18
N LEU C 336 -10.15 -0.48 6.86
CA LEU C 336 -10.91 0.65 6.30
C LEU C 336 -10.42 1.01 4.90
N GLU C 337 -9.10 1.12 4.72
CA GLU C 337 -8.60 1.61 3.45
C GLU C 337 -8.72 0.54 2.37
N ASP C 338 -8.62 -0.74 2.75
CA ASP C 338 -8.87 -1.83 1.81
C ASP C 338 -10.26 -1.73 1.21
N VAL C 339 -11.28 -1.58 2.05
CA VAL C 339 -12.66 -1.43 1.59
C VAL C 339 -12.83 -0.17 0.75
N ALA C 340 -12.22 0.94 1.18
CA ALA C 340 -12.38 2.19 0.45
C ALA C 340 -11.82 2.10 -0.97
N VAL C 341 -10.69 1.43 -1.13
CA VAL C 341 -10.14 1.21 -2.47
C VAL C 341 -11.09 0.37 -3.32
N CYS C 342 -11.79 -0.58 -2.71
CA CYS C 342 -12.71 -1.41 -3.48
C CYS C 342 -13.95 -0.62 -3.89
N MET C 343 -14.35 0.38 -3.10
CA MET C 343 -15.49 1.22 -3.41
C MET C 343 -15.13 2.34 -4.39
N ASP C 344 -13.86 2.44 -4.77
CA ASP C 344 -13.37 3.48 -5.67
C ASP C 344 -13.55 4.88 -5.08
N LEU C 345 -13.22 5.02 -3.81
CA LEU C 345 -13.35 6.29 -3.12
C LEU C 345 -12.04 7.08 -3.22
N ASP C 346 -12.16 8.40 -3.06
CA ASP C 346 -10.99 9.27 -3.17
C ASP C 346 -10.26 9.28 -1.83
N THR C 347 -9.27 8.40 -1.69
CA THR C 347 -8.52 8.32 -0.45
C THR C 347 -7.41 9.36 -0.39
N ARG C 348 -7.28 10.19 -1.44
CA ARG C 348 -6.23 11.22 -1.48
C ARG C 348 -6.49 12.34 -0.47
N THR C 349 -7.75 12.62 -0.15
CA THR C 349 -8.09 13.77 0.69
C THR C 349 -9.09 13.36 1.76
N THR C 350 -8.85 13.83 2.99
CA THR C 350 -9.74 13.48 4.09
C THR C 350 -11.14 14.03 3.87
N SER C 351 -11.27 15.09 3.08
CA SER C 351 -12.56 15.77 3.01
C SER C 351 -13.57 15.09 2.10
N SER C 352 -13.18 14.05 1.36
CA SER C 352 -14.19 13.20 0.71
C SER C 352 -14.96 12.34 1.69
N LEU C 353 -14.51 12.27 2.96
CA LEU C 353 -15.13 11.42 3.98
C LEU C 353 -15.13 9.96 3.55
N TRP C 354 -14.06 9.55 2.87
CA TRP C 354 -13.93 8.17 2.45
C TRP C 354 -13.86 7.23 3.65
N LYS C 355 -13.26 7.67 4.75
CA LYS C 355 -13.23 6.80 5.93
C LYS C 355 -14.64 6.54 6.43
N ASP C 356 -15.47 7.58 6.47
CA ASP C 356 -16.83 7.46 6.99
C ASP C 356 -17.69 6.60 6.07
N LYS C 357 -17.53 6.76 4.76
CA LYS C 357 -18.33 5.97 3.83
C LYS C 357 -17.96 4.50 3.89
N ALA C 358 -16.65 4.20 4.00
CA ALA C 358 -16.25 2.80 4.06
C ALA C 358 -16.69 2.16 5.38
N ALA C 359 -16.55 2.90 6.49
CA ALA C 359 -16.99 2.40 7.79
C ALA C 359 -18.47 2.01 7.75
N VAL C 360 -19.31 2.87 7.21
CA VAL C 360 -20.74 2.61 7.21
C VAL C 360 -21.05 1.35 6.42
N GLU C 361 -20.41 1.16 5.25
CA GLU C 361 -20.68 -0.06 4.50
C GLU C 361 -20.16 -1.30 5.21
N ILE C 362 -19.07 -1.18 5.97
CA ILE C 362 -18.61 -2.36 6.70
C ILE C 362 -19.61 -2.76 7.77
N ASN C 363 -20.15 -1.78 8.50
CA ASN C 363 -21.23 -2.07 9.44
C ASN C 363 -22.49 -2.58 8.75
N VAL C 364 -22.79 -2.10 7.54
CA VAL C 364 -23.95 -2.63 6.81
C VAL C 364 -23.71 -4.10 6.49
N ALA C 365 -22.48 -4.44 6.10
CA ALA C 365 -22.14 -5.82 5.80
C ALA C 365 -22.26 -6.71 7.04
N VAL C 366 -21.85 -6.20 8.21
CA VAL C 366 -21.93 -6.98 9.44
C VAL C 366 -23.38 -7.29 9.78
N LEU C 367 -24.24 -6.27 9.75
CA LEU C 367 -25.64 -6.48 10.09
C LEU C 367 -26.31 -7.42 9.10
N HIS C 368 -26.13 -7.18 7.80
CA HIS C 368 -26.71 -8.06 6.78
C HIS C 368 -26.24 -9.49 6.93
N SER C 369 -24.95 -9.67 7.18
CA SER C 369 -24.38 -11.02 7.24
C SER C 369 -24.89 -11.77 8.46
N TYR C 370 -24.97 -11.11 9.62
CA TYR C 370 -25.50 -11.77 10.81
C TYR C 370 -26.98 -12.09 10.65
N GLN C 371 -27.76 -11.13 10.16
CA GLN C 371 -29.19 -11.41 9.95
C GLN C 371 -29.37 -12.59 9.00
N LEU C 372 -28.56 -12.66 7.94
CA LEU C 372 -28.73 -13.72 6.95
C LEU C 372 -28.37 -15.08 7.56
N ALA C 373 -27.30 -15.13 8.35
CA ALA C 373 -26.89 -16.34 9.05
C ALA C 373 -27.80 -16.67 10.24
N LYS C 374 -28.78 -15.83 10.55
CA LYS C 374 -29.71 -16.04 11.65
C LYS C 374 -28.97 -16.10 13.00
N VAL C 375 -28.03 -15.19 13.17
CA VAL C 375 -27.27 -15.04 14.41
C VAL C 375 -27.68 -13.72 15.07
N THR C 376 -27.93 -13.74 16.37
CA THR C 376 -28.38 -12.53 17.06
C THR C 376 -27.35 -11.41 16.96
N ILE C 377 -27.82 -10.23 16.54
CA ILE C 377 -27.03 -9.01 16.55
C ILE C 377 -27.97 -7.82 16.71
N VAL C 378 -27.45 -6.71 17.21
CA VAL C 378 -28.25 -5.51 17.38
C VAL C 378 -27.47 -4.32 16.84
N ASP C 379 -28.14 -3.44 16.11
CA ASP C 379 -27.42 -2.29 15.60
C ASP C 379 -27.35 -1.21 16.69
N HIS C 380 -26.45 -0.24 16.48
CA HIS C 380 -26.23 0.75 17.54
C HIS C 380 -27.42 1.69 17.71
N HIS C 381 -28.33 1.80 16.74
CA HIS C 381 -29.50 2.64 16.97
C HIS C 381 -30.50 1.94 17.87
N ALA C 382 -30.81 0.67 17.58
CA ALA C 382 -31.74 -0.07 18.43
C ALA C 382 -31.17 -0.20 19.83
N ALA C 383 -29.86 -0.40 19.94
CA ALA C 383 -29.24 -0.62 21.25
C ALA C 383 -29.32 0.64 22.12
N THR C 384 -28.91 1.79 21.57
CA THR C 384 -28.95 3.01 22.35
C THR C 384 -30.39 3.40 22.71
N ALA C 385 -31.35 3.10 21.84
CA ALA C 385 -32.75 3.36 22.21
C ALA C 385 -33.18 2.45 23.36
N SER C 386 -32.68 1.21 23.39
CA SER C 386 -33.03 0.33 24.50
CA SER C 386 -33.01 0.31 24.50
C SER C 386 -32.34 0.76 25.79
N PHE C 387 -31.12 1.32 25.68
CA PHE C 387 -30.47 1.79 26.90
C PHE C 387 -31.19 3.01 27.47
N MET C 388 -31.71 3.87 26.61
CA MET C 388 -32.54 4.98 27.09
C MET C 388 -33.72 4.47 27.90
N LYS C 389 -34.40 3.43 27.40
CA LYS C 389 -35.49 2.83 28.18
C LYS C 389 -34.96 2.27 29.49
N HIS C 390 -33.78 1.64 29.47
CA HIS C 390 -33.19 1.15 30.70
C HIS C 390 -32.94 2.28 31.70
N LEU C 391 -32.49 3.45 31.21
CA LEU C 391 -32.27 4.60 32.09
C LEU C 391 -33.55 5.01 32.79
N GLU C 392 -34.64 5.06 32.04
CA GLU C 392 -35.94 5.44 32.60
C GLU C 392 -36.41 4.41 33.64
N ASN C 393 -36.32 3.12 33.31
CA ASN C 393 -36.72 2.08 34.26
C ASN C 393 -35.88 2.17 35.54
N GLU C 394 -34.57 2.35 35.39
CA GLU C 394 -33.70 2.42 36.56
C GLU C 394 -33.94 3.69 37.36
N GLN C 395 -34.37 4.77 36.70
CA GLN C 395 -34.69 5.98 37.45
C GLN C 395 -35.81 5.71 38.45
N LYS C 396 -36.85 4.98 38.01
CA LYS C 396 -37.93 4.61 38.93
C LYS C 396 -37.52 3.49 39.87
N ALA C 397 -36.70 2.54 39.40
CA ALA C 397 -36.38 1.38 40.23
C ALA C 397 -35.47 1.75 41.39
N ARG C 398 -34.36 2.45 41.12
CA ARG C 398 -33.41 2.67 42.21
C ARG C 398 -32.85 4.09 42.22
N GLY C 399 -33.50 5.04 41.58
CA GLY C 399 -33.11 6.43 41.68
C GLY C 399 -31.91 6.85 40.86
N GLY C 400 -31.54 6.10 39.85
CA GLY C 400 -30.42 6.48 39.01
C GLY C 400 -29.81 5.26 38.35
N CYS C 401 -28.70 5.50 37.67
CA CYS C 401 -28.07 4.43 36.95
C CYS C 401 -26.64 4.82 36.58
N PRO C 402 -25.65 4.08 37.06
CA PRO C 402 -24.25 4.40 36.72
C PRO C 402 -24.00 4.17 35.24
N ALA C 403 -23.40 5.17 34.58
CA ALA C 403 -23.18 5.08 33.14
C ALA C 403 -21.93 5.86 32.74
N ASP C 404 -21.13 5.26 31.88
CA ASP C 404 -19.87 5.82 31.40
C ASP C 404 -20.14 6.34 29.98
N TRP C 405 -20.37 7.66 29.88
CA TRP C 405 -20.82 8.26 28.63
C TRP C 405 -19.95 7.84 27.46
N ALA C 406 -18.62 7.85 27.68
CA ALA C 406 -17.68 7.58 26.60
C ALA C 406 -17.81 6.18 26.05
N TRP C 407 -18.31 5.22 26.85
CA TRP C 407 -18.50 3.86 26.41
C TRP C 407 -19.94 3.56 25.95
N ILE C 408 -20.91 4.35 26.41
CA ILE C 408 -22.30 4.17 26.00
C ILE C 408 -22.56 4.72 24.59
N VAL C 409 -22.01 5.90 24.27
CA VAL C 409 -22.16 6.48 22.93
C VAL C 409 -21.43 5.60 21.91
N PRO C 410 -22.09 5.15 20.84
CA PRO C 410 -21.43 4.29 19.81
C PRO C 410 -20.25 4.99 19.15
N PRO C 411 -19.29 4.21 18.62
CA PRO C 411 -18.10 4.79 17.99
C PRO C 411 -18.29 5.28 16.56
N ILE C 412 -19.46 5.12 15.96
CA ILE C 412 -19.83 5.84 14.75
C ILE C 412 -21.22 6.42 14.99
N SER C 413 -21.52 7.52 14.31
CA SER C 413 -22.85 8.14 14.35
C SER C 413 -23.28 8.51 15.77
N GLY C 414 -22.30 8.86 16.61
CA GLY C 414 -22.55 9.20 18.01
C GLY C 414 -23.79 10.02 18.25
N SER C 415 -23.82 11.23 17.70
CA SER C 415 -24.88 12.18 17.99
C SER C 415 -26.18 11.89 17.29
N LEU C 416 -26.19 10.89 16.39
CA LEU C 416 -27.43 10.42 15.79
C LEU C 416 -28.21 9.48 16.71
N THR C 417 -27.61 9.07 17.84
CA THR C 417 -28.22 8.19 18.81
C THR C 417 -28.65 8.99 20.04
N PRO C 418 -29.73 8.59 20.71
CA PRO C 418 -30.28 9.43 21.79
C PRO C 418 -29.43 9.49 23.05
N VAL C 419 -28.44 8.61 23.21
CA VAL C 419 -27.63 8.66 24.42
C VAL C 419 -26.63 9.83 24.36
N PHE C 420 -26.21 10.24 23.17
CA PHE C 420 -25.23 11.32 23.02
C PHE C 420 -25.66 12.57 23.78
N HIS C 421 -26.93 12.92 23.69
CA HIS C 421 -27.41 14.16 24.28
C HIS C 421 -27.85 13.96 25.73
N GLN C 422 -27.63 12.77 26.29
CA GLN C 422 -28.01 12.42 27.66
C GLN C 422 -26.82 12.58 28.60
N GLU C 423 -26.94 13.47 29.58
CA GLU C 423 -25.93 13.54 30.62
C GLU C 423 -25.96 12.27 31.45
N MET C 424 -24.78 11.80 31.86
CA MET C 424 -24.69 10.59 32.66
C MET C 424 -23.76 10.79 33.86
N VAL C 425 -24.02 10.01 34.92
CA VAL C 425 -23.21 9.99 36.13
C VAL C 425 -22.55 8.62 36.24
N ASN C 426 -21.24 8.60 36.43
CA ASN C 426 -20.48 7.36 36.51
C ASN C 426 -19.99 7.14 37.95
N TYR C 427 -20.23 5.95 38.48
CA TYR C 427 -19.81 5.56 39.83
C TYR C 427 -19.82 4.04 39.94
N PHE C 428 -19.20 3.53 41.02
CA PHE C 428 -18.96 2.10 41.18
C PHE C 428 -19.88 1.52 42.26
N LEU C 429 -20.80 0.64 41.86
CA LEU C 429 -21.61 -0.10 42.83
C LEU C 429 -21.12 -1.54 42.91
N SER C 430 -21.39 -2.16 44.05
CA SER C 430 -21.15 -3.60 44.21
C SER C 430 -22.48 -4.34 44.36
N PRO C 431 -22.60 -5.60 43.88
CA PRO C 431 -21.66 -6.44 43.13
C PRO C 431 -21.19 -5.85 41.79
N ALA C 432 -20.06 -6.34 41.29
CA ALA C 432 -19.37 -5.66 40.21
C ALA C 432 -18.44 -6.61 39.46
N PHE C 433 -18.31 -6.34 38.16
CA PHE C 433 -17.24 -6.91 37.34
C PHE C 433 -16.05 -5.95 37.37
N ARG C 434 -14.86 -6.49 37.66
CA ARG C 434 -13.65 -5.68 37.76
C ARG C 434 -12.58 -6.23 36.81
N TYR C 435 -11.70 -5.34 36.38
CA TYR C 435 -10.48 -5.77 35.70
C TYR C 435 -9.53 -6.38 36.70
N GLN C 436 -8.60 -7.19 36.22
CA GLN C 436 -7.68 -7.86 37.12
C GLN C 436 -6.33 -7.98 36.43
N PRO C 437 -5.24 -8.08 37.20
CA PRO C 437 -3.94 -8.28 36.56
C PRO C 437 -3.94 -9.59 35.79
N ASP C 438 -3.13 -9.63 34.74
CA ASP C 438 -2.97 -10.87 34.00
C ASP C 438 -2.25 -11.91 34.88
N PRO C 439 -2.47 -13.20 34.62
CA PRO C 439 -1.85 -14.23 35.45
C PRO C 439 -0.34 -14.36 35.27
N TRP C 440 0.24 -13.79 34.23
CA TRP C 440 1.69 -13.74 34.12
C TRP C 440 2.24 -12.43 34.68
N PHE D 28 0.98 11.95 39.64
CA PHE D 28 0.71 12.44 38.29
C PHE D 28 -0.01 11.39 37.44
N PRO D 29 -1.17 11.76 36.87
CA PRO D 29 -1.96 10.77 36.12
C PRO D 29 -1.22 10.25 34.89
N ARG D 30 -1.22 8.93 34.74
CA ARG D 30 -0.68 8.26 33.57
C ARG D 30 -1.73 8.23 32.47
N VAL D 31 -1.31 8.56 31.24
CA VAL D 31 -2.21 8.79 30.12
C VAL D 31 -1.69 7.98 28.93
N LYS D 32 -2.56 7.17 28.33
CA LYS D 32 -2.17 6.23 27.29
C LYS D 32 -2.89 6.51 25.98
N ASN D 33 -2.16 6.38 24.88
CA ASN D 33 -2.78 6.34 23.56
C ASN D 33 -2.93 4.88 23.16
N TRP D 34 -4.16 4.46 22.87
CA TRP D 34 -4.42 3.05 22.60
C TRP D 34 -4.19 2.66 21.14
N GLU D 35 -4.03 3.62 20.24
CA GLU D 35 -3.70 3.30 18.86
C GLU D 35 -2.22 2.97 18.72
N VAL D 36 -1.37 3.83 19.26
CA VAL D 36 0.08 3.70 19.16
C VAL D 36 0.68 2.91 20.32
N GLY D 37 0.01 2.87 21.47
CA GLY D 37 0.54 2.21 22.65
C GLY D 37 1.41 3.06 23.54
N SER D 38 1.46 4.36 23.29
CA SER D 38 2.38 5.25 24.00
C SER D 38 1.75 5.83 25.27
N ILE D 39 2.63 6.28 26.19
CA ILE D 39 2.24 6.66 27.54
C ILE D 39 2.93 7.96 27.92
N THR D 40 2.17 8.87 28.50
CA THR D 40 2.69 10.11 29.04
C THR D 40 2.09 10.31 30.43
N TYR D 41 2.57 11.33 31.13
CA TYR D 41 2.06 11.74 32.43
C TYR D 41 1.69 13.21 32.37
N ASP D 42 0.48 13.54 32.78
CA ASP D 42 0.02 14.93 32.77
C ASP D 42 0.44 15.57 34.09
N THR D 43 1.62 16.17 34.12
CA THR D 43 2.04 16.92 35.30
C THR D 43 1.36 18.28 35.37
N LEU D 44 0.88 18.80 34.25
CA LEU D 44 0.26 20.13 34.23
C LEU D 44 -0.98 20.18 35.11
N SER D 45 -1.78 19.11 35.13
CA SER D 45 -3.03 19.08 35.87
C SER D 45 -2.86 19.42 37.33
N ALA D 46 -1.68 19.20 37.90
CA ALA D 46 -1.44 19.51 39.30
C ALA D 46 -1.62 20.99 39.60
N GLN D 47 -1.60 21.84 38.59
CA GLN D 47 -1.69 23.29 38.75
C GLN D 47 -3.08 23.84 38.52
N ALA D 48 -4.09 22.98 38.36
CA ALA D 48 -5.45 23.47 38.26
C ALA D 48 -5.87 24.15 39.56
N GLN D 49 -6.40 25.36 39.45
CA GLN D 49 -6.75 26.15 40.63
C GLN D 49 -8.25 26.38 40.80
N GLN D 50 -9.07 26.01 39.82
CA GLN D 50 -10.52 25.97 40.00
C GLN D 50 -10.98 24.51 40.01
N ASP D 51 -11.84 24.17 40.95
CA ASP D 51 -12.29 22.81 41.10
C ASP D 51 -13.46 22.54 40.15
N GLY D 52 -13.46 21.35 39.57
CA GLY D 52 -14.53 20.89 38.71
C GLY D 52 -15.59 20.13 39.48
N PRO D 53 -16.44 19.38 38.78
CA PRO D 53 -17.60 18.75 39.42
C PRO D 53 -17.39 17.32 39.92
N CYS D 54 -16.27 16.69 39.62
CA CYS D 54 -16.09 15.30 39.94
C CYS D 54 -15.49 15.12 41.32
N THR D 55 -15.81 13.99 41.93
CA THR D 55 -15.26 13.56 43.21
C THR D 55 -14.86 12.11 43.09
N PRO D 56 -14.07 11.60 44.04
CA PRO D 56 -13.80 10.15 44.06
C PRO D 56 -15.07 9.30 44.05
N ARG D 57 -16.22 9.88 44.45
CA ARG D 57 -17.46 9.13 44.58
C ARG D 57 -18.18 8.96 43.23
N ARG D 58 -18.08 9.95 42.36
CA ARG D 58 -18.86 9.96 41.12
C ARG D 58 -18.23 10.93 40.12
N CYS D 59 -18.14 10.50 38.86
CA CYS D 59 -17.64 11.36 37.78
C CYS D 59 -18.83 12.03 37.09
N LEU D 60 -18.75 13.36 36.97
CA LEU D 60 -19.72 14.18 36.28
C LEU D 60 -19.10 14.79 35.02
N GLY D 61 -18.06 14.15 34.50
CA GLY D 61 -17.37 14.65 33.31
C GLY D 61 -18.27 14.91 32.12
N SER D 62 -19.45 14.29 32.04
CA SER D 62 -20.32 14.48 30.89
C SER D 62 -21.28 15.66 31.03
N LEU D 63 -21.33 16.33 32.19
CA LEU D 63 -22.26 17.44 32.36
C LEU D 63 -21.88 18.62 31.45
N VAL D 64 -22.90 19.24 30.83
CA VAL D 64 -22.64 20.34 29.92
C VAL D 64 -22.22 21.59 30.69
N PHE D 65 -22.95 21.93 31.75
CA PHE D 65 -22.55 23.04 32.61
C PHE D 65 -21.92 22.47 33.87
N PRO D 66 -20.59 22.46 33.99
CA PRO D 66 -19.97 21.86 35.18
C PRO D 66 -20.05 22.75 36.42
N ARG D 67 -20.23 24.06 36.25
CA ARG D 67 -20.24 25.02 37.36
C ARG D 67 -21.63 25.57 37.65
N LYS D 68 -22.67 25.08 36.96
CA LYS D 68 -24.04 25.42 37.32
C LYS D 68 -24.37 24.83 38.69
N ALA D 79 -11.69 39.72 48.79
CA ALA D 79 -11.39 40.08 47.41
C ALA D 79 -9.90 40.34 47.16
N PRO D 80 -9.28 41.32 47.86
CA PRO D 80 -7.99 41.83 47.38
C PRO D 80 -6.89 40.79 47.32
N GLU D 81 -6.72 39.96 48.36
CA GLU D 81 -5.64 38.98 48.33
C GLU D 81 -5.94 37.78 47.43
N GLN D 82 -7.22 37.50 47.17
CA GLN D 82 -7.51 36.48 46.16
C GLN D 82 -7.28 37.01 44.76
N LEU D 83 -7.61 38.28 44.52
CA LEU D 83 -7.29 38.88 43.23
C LEU D 83 -5.78 38.93 43.01
N LEU D 84 -5.03 39.27 44.06
CA LEU D 84 -3.58 39.40 43.96
C LEU D 84 -2.92 38.06 43.66
N SER D 85 -3.38 36.98 44.31
CA SER D 85 -2.83 35.66 44.02
C SER D 85 -3.01 35.29 42.55
N GLN D 86 -4.19 35.55 41.99
CA GLN D 86 -4.43 35.26 40.59
C GLN D 86 -3.63 36.20 39.68
N ALA D 87 -3.50 37.47 40.08
CA ALA D 87 -2.75 38.43 39.27
C ALA D 87 -1.27 38.05 39.23
N ARG D 88 -0.69 37.76 40.39
CA ARG D 88 0.70 37.31 40.44
C ARG D 88 0.93 36.10 39.55
N ASP D 89 0.06 35.10 39.63
CA ASP D 89 0.30 33.89 38.85
C ASP D 89 0.28 34.20 37.37
N PHE D 90 -0.63 35.08 36.94
CA PHE D 90 -0.70 35.46 35.54
C PHE D 90 0.57 36.20 35.10
N ILE D 91 1.05 37.14 35.92
CA ILE D 91 2.27 37.87 35.60
C ILE D 91 3.45 36.91 35.51
N ASN D 92 3.49 35.92 36.40
CA ASN D 92 4.50 34.88 36.30
C ASN D 92 4.38 34.15 34.96
N GLN D 93 3.15 33.87 34.54
CA GLN D 93 2.96 33.16 33.27
C GLN D 93 3.48 34.00 32.11
N TYR D 94 3.16 35.29 32.13
CA TYR D 94 3.62 36.18 31.07
C TYR D 94 5.14 36.21 30.99
N TYR D 95 5.81 36.43 32.12
CA TYR D 95 7.26 36.59 32.05
C TYR D 95 7.98 35.29 31.73
N SER D 96 7.38 34.14 32.03
CA SER D 96 8.06 32.93 31.59
C SER D 96 7.87 32.69 30.09
N SER D 97 6.73 33.13 29.54
CA SER D 97 6.49 32.95 28.11
C SER D 97 7.48 33.72 27.25
N ILE D 98 7.95 34.88 27.71
CA ILE D 98 8.98 35.63 26.99
C ILE D 98 10.37 35.35 27.57
N LYS D 99 10.50 34.29 28.37
CA LYS D 99 11.80 33.82 28.88
C LYS D 99 12.54 34.91 29.65
N ARG D 100 11.81 35.64 30.50
CA ARG D 100 12.39 36.71 31.30
C ARG D 100 11.96 36.59 32.76
N SER D 101 11.77 35.37 33.25
CA SER D 101 11.39 35.17 34.64
CA SER D 101 11.39 35.17 34.64
C SER D 101 12.48 35.66 35.57
N GLY D 102 12.08 36.24 36.70
CA GLY D 102 13.02 36.70 37.68
C GLY D 102 13.78 37.96 37.31
N SER D 103 13.53 38.54 36.13
CA SER D 103 14.22 39.76 35.72
C SER D 103 13.75 40.96 36.55
N GLN D 104 14.43 42.10 36.38
CA GLN D 104 13.96 43.30 37.06
C GLN D 104 12.56 43.69 36.59
N ALA D 105 12.32 43.59 35.27
CA ALA D 105 11.03 43.98 34.74
C ALA D 105 9.92 43.11 35.32
N HIS D 106 10.19 41.80 35.48
CA HIS D 106 9.22 40.89 36.09
C HIS D 106 8.91 41.33 37.52
N GLU D 107 9.95 41.54 38.34
CA GLU D 107 9.78 42.00 39.72
C GLU D 107 9.05 43.35 39.77
N GLN D 108 9.43 44.29 38.91
CA GLN D 108 8.81 45.61 38.95
C GLN D 108 7.33 45.53 38.56
N ARG D 109 7.00 44.67 37.59
CA ARG D 109 5.60 44.57 37.19
C ARG D 109 4.77 43.95 38.30
N LEU D 110 5.31 42.94 38.99
CA LEU D 110 4.65 42.39 40.16
C LEU D 110 4.38 43.48 41.18
N GLN D 111 5.41 44.28 41.51
CA GLN D 111 5.23 45.34 42.49
C GLN D 111 4.24 46.39 41.99
N GLU D 112 4.29 46.69 40.70
CA GLU D 112 3.32 47.63 40.13
C GLU D 112 1.88 47.15 40.36
N VAL D 113 1.62 45.88 40.05
CA VAL D 113 0.25 45.37 40.20
C VAL D 113 -0.17 45.40 41.67
N GLU D 114 0.74 45.02 42.56
CA GLU D 114 0.41 44.97 43.98
C GLU D 114 0.00 46.35 44.50
N ALA D 115 0.59 47.41 43.94
CA ALA D 115 0.27 48.76 44.40
C ALA D 115 -1.02 49.28 43.78
N GLU D 116 -1.31 48.91 42.53
CA GLU D 116 -2.57 49.34 41.95
C GLU D 116 -3.75 48.66 42.65
N VAL D 117 -3.60 47.38 42.97
CA VAL D 117 -4.64 46.66 43.71
C VAL D 117 -4.82 47.27 45.09
N ALA D 118 -3.73 47.67 45.74
CA ALA D 118 -3.83 48.27 47.07
C ALA D 118 -4.55 49.61 47.03
N ALA D 119 -4.34 50.39 45.96
CA ALA D 119 -4.91 51.72 45.88
C ALA D 119 -6.34 51.71 45.37
N THR D 120 -6.65 50.85 44.40
CA THR D 120 -7.91 50.91 43.68
C THR D 120 -8.78 49.69 43.88
N GLY D 121 -8.24 48.60 44.44
CA GLY D 121 -8.97 47.36 44.48
C GLY D 121 -8.97 46.59 43.18
N THR D 122 -8.41 47.15 42.11
CA THR D 122 -8.31 46.47 40.83
C THR D 122 -7.02 46.92 40.14
N TYR D 123 -6.78 46.42 38.92
CA TYR D 123 -5.60 46.83 38.17
C TYR D 123 -5.91 46.73 36.69
N GLN D 124 -4.98 47.24 35.88
CA GLN D 124 -5.13 47.21 34.42
C GLN D 124 -4.05 46.33 33.81
N LEU D 125 -4.42 45.55 32.78
CA LEU D 125 -3.43 44.81 32.01
C LEU D 125 -2.68 45.76 31.08
N ARG D 126 -1.39 45.50 30.93
CA ARG D 126 -0.67 46.08 29.79
C ARG D 126 -1.23 45.48 28.50
N GLU D 127 -1.08 46.22 27.40
CA GLU D 127 -1.56 45.70 26.12
C GLU D 127 -0.96 44.33 25.82
N SER D 128 0.34 44.16 26.05
CA SER D 128 1.01 42.90 25.74
CA SER D 128 1.01 42.90 25.74
C SER D 128 0.48 41.75 26.60
N GLU D 129 0.15 42.04 27.86
CA GLU D 129 -0.44 41.03 28.75
C GLU D 129 -1.84 40.64 28.30
N LEU D 130 -2.61 41.59 27.76
CA LEU D 130 -3.93 41.24 27.25
C LEU D 130 -3.83 40.29 26.04
N VAL D 131 -2.89 40.54 25.13
CA VAL D 131 -2.74 39.64 23.99
C VAL D 131 -2.35 38.24 24.46
N PHE D 132 -1.31 38.17 25.28
CA PHE D 132 -0.88 36.90 25.86
C PHE D 132 -2.03 36.18 26.57
N GLY D 133 -2.81 36.92 27.39
CA GLY D 133 -3.84 36.27 28.18
C GLY D 133 -4.97 35.71 27.33
N ALA D 134 -5.35 36.41 26.26
CA ALA D 134 -6.41 35.90 25.39
C ALA D 134 -5.96 34.62 24.67
N LYS D 135 -4.72 34.61 24.17
CA LYS D 135 -4.18 33.38 23.57
C LYS D 135 -4.11 32.24 24.59
N GLN D 136 -3.73 32.56 25.83
CA GLN D 136 -3.68 31.55 26.87
C GLN D 136 -5.05 30.98 27.18
N ALA D 137 -6.08 31.83 27.19
CA ALA D 137 -7.42 31.35 27.47
C ALA D 137 -7.85 30.35 26.37
N TRP D 138 -7.61 30.70 25.11
CA TRP D 138 -7.87 29.76 24.02
C TRP D 138 -7.08 28.47 24.22
N ARG D 139 -5.78 28.60 24.47
CA ARG D 139 -4.92 27.45 24.70
C ARG D 139 -5.43 26.56 25.84
N ASN D 140 -6.03 27.17 26.86
CA ASN D 140 -6.53 26.43 28.01
C ASN D 140 -7.94 25.86 27.82
N ALA D 141 -8.62 26.12 26.69
CA ALA D 141 -10.02 25.72 26.59
C ALA D 141 -10.14 24.21 26.35
N PRO D 142 -10.59 23.44 27.35
CA PRO D 142 -10.51 21.98 27.23
C PRO D 142 -11.39 21.40 26.13
N ARG D 143 -12.50 22.03 25.78
CA ARG D 143 -13.41 21.49 24.76
C ARG D 143 -13.13 21.94 23.33
N CYS D 144 -12.03 22.67 23.06
CA CYS D 144 -11.74 23.19 21.72
C CYS D 144 -10.75 22.27 21.01
N VAL D 145 -11.19 21.69 19.87
CA VAL D 145 -10.30 20.85 19.08
C VAL D 145 -9.41 21.67 18.16
N GLY D 146 -9.65 22.99 18.02
CA GLY D 146 -8.90 23.78 17.05
C GLY D 146 -7.68 24.52 17.62
N ARG D 147 -7.23 24.08 18.79
CA ARG D 147 -6.20 24.79 19.53
C ARG D 147 -4.80 24.65 18.93
N ILE D 148 -4.59 23.83 17.90
CA ILE D 148 -3.31 23.93 17.19
C ILE D 148 -3.04 25.36 16.78
N GLN D 149 -4.09 26.15 16.57
CA GLN D 149 -3.95 27.50 16.06
C GLN D 149 -3.74 28.57 17.15
N TRP D 150 -3.63 28.18 18.44
CA TRP D 150 -3.79 29.15 19.53
C TRP D 150 -2.78 30.28 19.48
N GLY D 151 -1.61 30.05 18.89
CA GLY D 151 -0.62 31.13 18.82
C GLY D 151 -0.92 32.18 17.77
N LYS D 152 -1.83 31.87 16.84
CA LYS D 152 -2.19 32.80 15.76
C LYS D 152 -3.60 33.28 16.03
N LEU D 153 -3.70 34.30 16.85
CA LEU D 153 -4.96 34.90 17.25
C LEU D 153 -4.79 36.41 17.16
N GLN D 154 -5.66 37.08 16.40
CA GLN D 154 -5.65 38.54 16.30
C GLN D 154 -6.46 39.12 17.45
N VAL D 155 -5.82 39.92 18.31
CA VAL D 155 -6.48 40.45 19.51
C VAL D 155 -6.77 41.92 19.26
N PHE D 156 -8.06 42.27 19.16
CA PHE D 156 -8.46 43.68 19.05
C PHE D 156 -8.74 44.24 20.45
N ASP D 157 -8.08 45.34 20.79
CA ASP D 157 -8.21 45.94 22.13
C ASP D 157 -9.30 47.01 22.08
N ALA D 158 -10.46 46.70 22.64
CA ALA D 158 -11.61 47.59 22.67
C ALA D 158 -11.91 48.08 24.09
N ARG D 159 -10.88 48.09 24.94
CA ARG D 159 -11.13 48.44 26.34
C ARG D 159 -11.45 49.91 26.54
N ASP D 160 -11.29 50.75 25.51
CA ASP D 160 -11.69 52.15 25.60
C ASP D 160 -13.12 52.39 25.12
N CYS D 161 -13.86 51.31 24.85
CA CYS D 161 -15.20 51.42 24.30
C CYS D 161 -16.12 52.09 25.29
N ARG D 162 -16.95 53.03 24.81
CA ARG D 162 -17.71 53.91 25.67
C ARG D 162 -19.21 53.79 25.50
N SER D 163 -19.69 53.14 24.46
CA SER D 163 -21.13 53.11 24.23
C SER D 163 -21.49 51.84 23.47
N ALA D 164 -22.81 51.61 23.33
CA ALA D 164 -23.28 50.48 22.56
C ALA D 164 -23.04 50.70 21.07
N GLN D 165 -23.17 51.95 20.61
CA GLN D 165 -22.84 52.25 19.22
C GLN D 165 -21.39 51.93 18.92
N GLU D 166 -20.49 52.32 19.82
CA GLU D 166 -19.08 51.99 19.63
C GLU D 166 -18.84 50.48 19.72
N MET D 167 -19.58 49.79 20.58
CA MET D 167 -19.54 48.32 20.57
C MET D 167 -19.80 47.78 19.16
N PHE D 168 -20.83 48.31 18.49
CA PHE D 168 -21.24 47.79 17.19
C PHE D 168 -20.19 48.05 16.13
N THR D 169 -19.55 49.23 16.18
CA THR D 169 -18.45 49.51 15.26
C THR D 169 -17.31 48.52 15.45
N TYR D 170 -16.93 48.29 16.71
CA TYR D 170 -15.92 47.29 17.01
C TYR D 170 -16.31 45.91 16.49
N ILE D 171 -17.59 45.54 16.59
CA ILE D 171 -17.99 44.18 16.23
C ILE D 171 -17.99 44.03 14.71
N CYS D 172 -18.48 45.04 13.99
CA CYS D 172 -18.44 44.99 12.53
C CYS D 172 -17.02 44.89 12.02
N ASN D 173 -16.09 45.67 12.61
CA ASN D 173 -14.67 45.54 12.21
C ASN D 173 -14.13 44.14 12.51
N HIS D 174 -14.54 43.54 13.64
CA HIS D 174 -14.13 42.17 13.90
C HIS D 174 -14.64 41.25 12.79
N ILE D 175 -15.93 41.34 12.48
CA ILE D 175 -16.52 40.44 11.48
C ILE D 175 -15.84 40.64 10.14
N LYS D 176 -15.50 41.88 9.80
CA LYS D 176 -14.85 42.14 8.53
C LYS D 176 -13.48 41.49 8.49
N TYR D 177 -12.67 41.70 9.54
CA TYR D 177 -11.33 41.14 9.58
C TYR D 177 -11.35 39.61 9.59
N ALA D 178 -12.22 39.02 10.40
CA ALA D 178 -12.20 37.58 10.59
C ALA D 178 -12.70 36.86 9.35
N THR D 179 -13.68 37.45 8.66
CA THR D 179 -14.27 36.81 7.48
C THR D 179 -13.31 36.88 6.30
N ASN D 180 -12.75 38.07 6.04
CA ASN D 180 -11.69 38.23 5.07
C ASN D 180 -12.05 37.59 3.73
N ARG D 181 -13.26 37.92 3.26
CA ARG D 181 -13.84 37.45 2.00
C ARG D 181 -13.83 35.92 1.87
N GLY D 182 -13.77 35.21 3.00
CA GLY D 182 -13.79 33.78 3.02
C GLY D 182 -12.48 33.13 3.44
N ASN D 183 -11.37 33.87 3.47
CA ASN D 183 -10.12 33.31 3.97
C ASN D 183 -10.02 33.64 5.46
N LEU D 184 -10.67 32.81 6.27
CA LEU D 184 -11.01 33.19 7.63
C LEU D 184 -9.77 33.28 8.53
N ARG D 185 -9.86 34.20 9.50
CA ARG D 185 -8.75 34.52 10.39
C ARG D 185 -9.29 34.60 11.81
N SER D 186 -8.62 33.92 12.74
CA SER D 186 -9.07 33.87 14.12
C SER D 186 -8.87 35.23 14.77
N ALA D 187 -9.83 35.64 15.58
CA ALA D 187 -9.74 36.97 16.19
C ALA D 187 -10.57 37.02 17.47
N ILE D 188 -10.22 37.98 18.34
CA ILE D 188 -11.01 38.23 19.54
C ILE D 188 -11.02 39.74 19.77
N THR D 189 -12.17 40.29 20.13
CA THR D 189 -12.28 41.71 20.51
C THR D 189 -12.61 41.74 21.99
N VAL D 190 -11.80 42.46 22.77
CA VAL D 190 -11.95 42.50 24.22
C VAL D 190 -12.50 43.87 24.60
N PHE D 191 -13.73 43.88 25.09
CA PHE D 191 -14.37 45.10 25.58
C PHE D 191 -14.02 45.33 27.05
N PRO D 192 -14.40 46.46 27.63
CA PRO D 192 -13.87 46.81 28.95
C PRO D 192 -14.16 45.75 30.01
N GLN D 193 -13.23 45.65 30.96
CA GLN D 193 -13.36 44.70 32.04
C GLN D 193 -14.44 45.14 33.02
N ARG D 194 -15.01 44.17 33.71
CA ARG D 194 -15.91 44.43 34.83
C ARG D 194 -15.22 45.24 35.91
N CYS D 195 -15.93 46.24 36.43
N CYS D 195 -15.91 46.26 36.41
CA CYS D 195 -15.40 47.18 37.41
CA CYS D 195 -15.33 47.07 37.48
C CYS D 195 -16.48 47.54 38.42
C CYS D 195 -16.43 47.54 38.42
N PRO D 196 -16.11 47.77 39.69
CA PRO D 196 -17.13 48.17 40.67
C PRO D 196 -17.77 49.50 40.32
N GLY D 197 -19.06 49.62 40.61
CA GLY D 197 -19.76 50.86 40.39
C GLY D 197 -20.17 51.15 38.96
N ARG D 198 -20.17 50.14 38.10
CA ARG D 198 -20.53 50.27 36.69
C ARG D 198 -21.08 48.92 36.24
N GLY D 199 -22.13 48.95 35.42
CA GLY D 199 -22.61 47.74 34.80
C GLY D 199 -21.59 47.17 33.83
N ASP D 200 -21.85 45.93 33.39
CA ASP D 200 -20.99 45.27 32.41
C ASP D 200 -21.42 45.60 30.98
N PHE D 201 -20.44 45.62 30.08
CA PHE D 201 -20.75 45.41 28.68
C PHE D 201 -21.18 43.96 28.49
N ARG D 202 -22.23 43.73 27.71
CA ARG D 202 -22.66 42.38 27.37
C ARG D 202 -23.16 42.35 25.94
N ILE D 203 -22.95 41.21 25.28
CA ILE D 203 -23.57 40.89 24.00
C ILE D 203 -24.61 39.83 24.30
N TRP D 204 -25.89 40.15 24.10
CA TRP D 204 -26.92 39.22 24.51
C TRP D 204 -26.92 37.97 23.62
N ASN D 205 -26.59 38.14 22.34
CA ASN D 205 -26.55 37.01 21.41
C ASN D 205 -25.44 36.03 21.80
N SER D 206 -25.71 34.74 21.58
CA SER D 206 -24.72 33.72 21.89
C SER D 206 -23.62 33.66 20.84
N GLN D 207 -23.93 34.03 19.60
CA GLN D 207 -22.95 34.16 18.55
C GLN D 207 -23.23 35.44 17.79
N LEU D 208 -22.21 35.95 17.12
CA LEU D 208 -22.41 37.17 16.34
C LEU D 208 -23.37 36.94 15.19
N VAL D 209 -23.35 35.75 14.57
CA VAL D 209 -24.24 35.42 13.47
C VAL D 209 -25.07 34.21 13.90
N ARG D 210 -26.39 34.39 13.96
CA ARG D 210 -27.33 33.31 14.28
C ARG D 210 -28.57 33.48 13.42
N TYR D 211 -29.22 32.35 13.12
CA TYR D 211 -30.48 32.37 12.39
C TYR D 211 -31.64 32.43 13.37
N ALA D 212 -32.66 33.19 13.01
CA ALA D 212 -33.83 33.31 13.86
C ALA D 212 -34.55 31.96 13.98
N GLY D 213 -35.19 31.77 15.13
CA GLY D 213 -36.08 30.64 15.31
C GLY D 213 -37.42 31.13 15.78
N TYR D 214 -38.43 31.04 14.91
CA TYR D 214 -39.76 31.57 15.21
C TYR D 214 -40.63 30.45 15.79
N ARG D 215 -40.95 30.56 17.08
CA ARG D 215 -41.75 29.53 17.71
C ARG D 215 -43.20 29.65 17.25
N GLN D 216 -43.75 28.54 16.77
CA GLN D 216 -45.11 28.50 16.27
C GLN D 216 -46.10 28.30 17.41
N GLN D 217 -47.38 28.55 17.11
CA GLN D 217 -48.43 28.19 18.05
C GLN D 217 -48.58 26.68 18.19
N ASP D 218 -48.11 25.90 17.22
CA ASP D 218 -48.05 24.46 17.38
C ASP D 218 -47.14 24.07 18.56
N GLY D 219 -46.12 24.88 18.82
CA GLY D 219 -44.97 24.45 19.60
C GLY D 219 -43.79 24.02 18.76
N SER D 220 -43.96 23.96 17.43
CA SER D 220 -42.85 23.73 16.52
C SER D 220 -42.09 25.04 16.30
N VAL D 221 -41.09 25.00 15.41
CA VAL D 221 -40.21 26.13 15.18
C VAL D 221 -39.90 26.23 13.69
N ARG D 222 -39.93 27.45 13.17
CA ARG D 222 -39.37 27.76 11.85
C ARG D 222 -38.03 28.45 12.05
N GLY D 223 -37.01 27.96 11.35
CA GLY D 223 -35.66 28.45 11.57
C GLY D 223 -34.91 27.58 12.56
N ASP D 224 -34.09 28.21 13.40
CA ASP D 224 -33.20 27.43 14.27
C ASP D 224 -33.78 27.40 15.67
N PRO D 225 -34.16 26.22 16.19
CA PRO D 225 -34.75 26.17 17.54
C PRO D 225 -33.80 26.57 18.65
N ALA D 226 -32.49 26.56 18.40
CA ALA D 226 -31.56 26.97 19.44
C ALA D 226 -31.71 28.44 19.78
N ASN D 227 -32.31 29.23 18.90
CA ASN D 227 -32.34 30.68 18.99
C ASN D 227 -33.75 31.23 19.19
N VAL D 228 -34.68 30.42 19.73
CA VAL D 228 -36.03 30.95 19.94
C VAL D 228 -36.04 32.03 21.01
N GLU D 229 -35.22 31.86 22.06
CA GLU D 229 -35.28 32.81 23.17
C GLU D 229 -34.72 34.16 22.74
N ILE D 230 -33.54 34.16 22.12
CA ILE D 230 -32.94 35.41 21.65
C ILE D 230 -33.79 36.01 20.54
N THR D 231 -34.46 35.17 19.74
CA THR D 231 -35.40 35.67 18.74
C THR D 231 -36.54 36.43 19.39
N GLU D 232 -37.11 35.88 20.46
CA GLU D 232 -38.20 36.56 21.15
C GLU D 232 -37.75 37.87 21.76
N LEU D 233 -36.51 37.92 22.26
CA LEU D 233 -36.01 39.15 22.87
C LEU D 233 -35.79 40.23 21.81
N CYS D 234 -35.26 39.86 20.65
CA CYS D 234 -35.13 40.80 19.54
C CYS D 234 -36.48 41.38 19.14
N ILE D 235 -37.50 40.54 19.04
CA ILE D 235 -38.85 41.02 18.74
C ILE D 235 -39.29 42.05 19.78
N GLN D 236 -39.12 41.71 21.06
CA GLN D 236 -39.58 42.59 22.13
C GLN D 236 -38.87 43.93 22.07
N HIS D 237 -37.58 43.92 21.76
CA HIS D 237 -36.80 45.14 21.71
C HIS D 237 -36.91 45.87 20.37
N GLY D 238 -37.90 45.52 19.55
CA GLY D 238 -38.27 46.30 18.39
C GLY D 238 -37.91 45.72 17.04
N TRP D 239 -37.31 44.53 16.98
CA TRP D 239 -36.94 43.97 15.67
C TRP D 239 -38.18 43.54 14.90
N THR D 240 -38.21 43.88 13.61
CA THR D 240 -39.25 43.38 12.72
C THR D 240 -38.82 42.04 12.17
N PRO D 241 -39.47 40.93 12.52
CA PRO D 241 -38.99 39.61 12.11
C PRO D 241 -39.28 39.31 10.65
N GLY D 242 -38.59 38.30 10.15
CA GLY D 242 -38.91 37.67 8.89
C GLY D 242 -39.73 36.42 9.10
N ASN D 243 -39.80 35.59 8.04
CA ASN D 243 -40.49 34.31 8.13
C ASN D 243 -39.74 33.22 7.37
N GLY D 244 -38.43 33.36 7.25
CA GLY D 244 -37.60 32.35 6.63
C GLY D 244 -36.95 31.42 7.65
N ARG D 245 -36.34 30.37 7.12
CA ARG D 245 -35.63 29.38 7.93
C ARG D 245 -34.21 29.82 8.28
N PHE D 246 -33.67 30.80 7.54
CA PHE D 246 -32.31 31.27 7.77
C PHE D 246 -32.28 32.81 7.82
N ASP D 247 -33.09 33.38 8.71
CA ASP D 247 -33.12 34.83 8.92
C ASP D 247 -32.03 35.22 9.91
N VAL D 248 -31.10 36.05 9.48
CA VAL D 248 -30.01 36.49 10.34
C VAL D 248 -30.54 37.43 11.42
N LEU D 249 -30.22 37.13 12.68
CA LEU D 249 -30.70 37.94 13.77
C LEU D 249 -29.93 39.26 13.88
N PRO D 250 -30.55 40.32 14.39
CA PRO D 250 -29.80 41.52 14.77
C PRO D 250 -29.02 41.28 16.05
N LEU D 251 -28.14 42.23 16.35
CA LEU D 251 -27.38 42.22 17.59
C LEU D 251 -28.11 43.01 18.67
N LEU D 252 -28.12 42.46 19.89
CA LEU D 252 -28.60 43.15 21.08
C LEU D 252 -27.38 43.46 21.92
N LEU D 253 -26.99 44.73 21.96
CA LEU D 253 -25.76 45.16 22.61
C LEU D 253 -26.11 45.93 23.89
N GLN D 254 -25.44 45.57 24.97
CA GLN D 254 -25.67 46.19 26.27
C GLN D 254 -24.42 46.91 26.69
N ALA D 255 -24.51 48.20 26.77
CA ALA D 255 -23.53 49.09 27.38
C ALA D 255 -23.85 49.22 28.87
N PRO D 256 -22.85 49.57 29.69
CA PRO D 256 -23.08 49.62 31.14
C PRO D 256 -24.30 50.40 31.57
N ASP D 257 -25.20 49.72 32.29
CA ASP D 257 -26.32 50.36 33.01
C ASP D 257 -27.35 50.95 32.06
N GLU D 258 -27.43 50.38 30.86
CA GLU D 258 -28.40 50.75 29.85
C GLU D 258 -29.06 49.48 29.34
N PRO D 259 -30.34 49.53 28.99
CA PRO D 259 -30.98 48.35 28.38
C PRO D 259 -30.33 48.01 27.06
N PRO D 260 -30.46 46.78 26.59
CA PRO D 260 -29.83 46.39 25.33
C PRO D 260 -30.39 47.21 24.18
N GLU D 261 -29.54 47.43 23.18
CA GLU D 261 -29.86 48.22 22.00
C GLU D 261 -29.73 47.34 20.77
N LEU D 262 -30.62 47.56 19.81
CA LEU D 262 -30.74 46.69 18.65
C LEU D 262 -29.96 47.26 17.47
N PHE D 263 -29.08 46.44 16.89
CA PHE D 263 -28.30 46.79 15.72
C PHE D 263 -28.44 45.72 14.64
N LEU D 264 -28.67 46.13 13.40
CA LEU D 264 -28.74 45.21 12.26
C LEU D 264 -27.37 45.09 11.61
N LEU D 265 -26.92 43.86 11.41
CA LEU D 265 -25.66 43.65 10.70
C LEU D 265 -25.83 44.01 9.23
N PRO D 266 -24.88 44.75 8.64
CA PRO D 266 -24.94 44.99 7.18
C PRO D 266 -24.87 43.68 6.43
N PRO D 267 -25.86 43.38 5.60
CA PRO D 267 -25.90 42.08 4.91
C PRO D 267 -24.60 41.71 4.22
N GLU D 268 -23.85 42.67 3.67
CA GLU D 268 -22.61 42.35 2.97
C GLU D 268 -21.50 41.92 3.92
N LEU D 269 -21.66 42.15 5.21
CA LEU D 269 -20.70 41.72 6.21
C LEU D 269 -20.89 40.27 6.62
N VAL D 270 -22.06 39.69 6.34
CA VAL D 270 -22.41 38.35 6.80
C VAL D 270 -22.29 37.40 5.62
N LEU D 271 -21.16 36.69 5.55
CA LEU D 271 -20.92 35.77 4.44
C LEU D 271 -21.63 34.45 4.70
N GLU D 272 -22.40 33.99 3.72
CA GLU D 272 -23.17 32.76 3.81
C GLU D 272 -22.79 31.82 2.66
N VAL D 273 -22.93 30.52 2.90
CA VAL D 273 -22.62 29.49 1.92
C VAL D 273 -23.90 28.73 1.59
N PRO D 274 -24.39 28.79 0.36
CA PRO D 274 -25.49 27.91 -0.04
C PRO D 274 -25.00 26.47 -0.14
N LEU D 275 -25.83 25.55 0.32
CA LEU D 275 -25.41 24.15 0.39
C LEU D 275 -25.90 23.38 -0.82
N GLU D 276 -25.00 22.64 -1.45
CA GLU D 276 -25.32 21.67 -2.49
C GLU D 276 -24.41 20.47 -2.36
N HIS D 277 -24.72 19.43 -3.12
CA HIS D 277 -23.93 18.22 -2.97
C HIS D 277 -23.22 17.92 -4.29
N PRO D 278 -21.97 17.45 -4.23
CA PRO D 278 -21.20 17.25 -5.48
C PRO D 278 -21.89 16.33 -6.47
N THR D 279 -22.56 15.28 -6.00
CA THR D 279 -23.23 14.38 -6.90
C THR D 279 -24.73 14.27 -6.71
N LEU D 280 -25.34 14.79 -5.65
CA LEU D 280 -26.80 14.67 -5.51
C LEU D 280 -27.44 16.01 -5.86
N GLU D 281 -27.89 16.14 -7.11
CA GLU D 281 -28.31 17.43 -7.63
C GLU D 281 -29.59 17.95 -6.98
N TRP D 282 -30.46 17.07 -6.48
CA TRP D 282 -31.64 17.56 -5.79
C TRP D 282 -31.31 18.27 -4.48
N PHE D 283 -30.12 18.03 -3.92
CA PHE D 283 -29.79 18.59 -2.62
C PHE D 283 -29.89 20.11 -2.63
N ALA D 284 -29.48 20.75 -3.74
CA ALA D 284 -29.52 22.21 -3.76
C ALA D 284 -30.96 22.72 -3.65
N ALA D 285 -31.94 21.93 -4.10
CA ALA D 285 -33.33 22.35 -4.00
C ALA D 285 -33.85 22.37 -2.56
N LEU D 286 -33.17 21.73 -1.62
CA LEU D 286 -33.56 21.83 -0.20
C LEU D 286 -33.45 23.27 0.31
N GLY D 287 -32.69 24.12 -0.38
CA GLY D 287 -32.56 25.51 0.04
C GLY D 287 -31.77 25.69 1.31
N LEU D 288 -30.79 24.83 1.57
CA LEU D 288 -30.04 24.92 2.79
C LEU D 288 -28.88 25.91 2.64
N ARG D 289 -28.50 26.52 3.75
CA ARG D 289 -27.40 27.46 3.76
C ARG D 289 -26.85 27.50 5.18
N TRP D 290 -25.58 27.88 5.30
CA TRP D 290 -25.04 28.17 6.62
C TRP D 290 -24.13 29.39 6.50
N TYR D 291 -23.70 29.91 7.63
CA TYR D 291 -22.90 31.13 7.59
C TYR D 291 -21.42 30.80 7.73
N ALA D 292 -20.57 31.72 7.27
CA ALA D 292 -19.16 31.42 7.22
C ALA D 292 -18.52 31.44 8.60
N LEU D 293 -18.98 32.31 9.49
CA LEU D 293 -18.18 32.75 10.64
C LEU D 293 -18.78 32.29 11.96
N PRO D 294 -18.14 31.34 12.68
CA PRO D 294 -18.55 31.00 14.05
C PRO D 294 -17.89 31.95 15.03
N ALA D 295 -18.69 32.78 15.68
CA ALA D 295 -18.19 33.87 16.52
C ALA D 295 -18.95 33.81 17.84
N VAL D 296 -18.37 33.18 18.85
CA VAL D 296 -19.01 33.04 20.17
C VAL D 296 -18.91 34.36 20.92
N SER D 297 -20.06 34.89 21.37
CA SER D 297 -20.09 36.23 21.95
C SER D 297 -20.65 36.30 23.38
N ASN D 298 -21.00 35.18 24.00
CA ASN D 298 -21.63 35.24 25.32
C ASN D 298 -20.78 34.62 26.42
N MET D 299 -19.51 34.35 26.18
CA MET D 299 -18.66 33.82 27.23
C MET D 299 -17.82 34.94 27.89
N LEU D 300 -17.39 34.66 29.12
CA LEU D 300 -16.59 35.59 29.89
C LEU D 300 -15.13 35.19 29.79
N LEU D 301 -14.28 36.16 29.49
CA LEU D 301 -12.85 35.95 29.43
C LEU D 301 -12.23 36.38 30.76
N GLU D 302 -11.49 35.49 31.40
CA GLU D 302 -10.87 35.76 32.70
C GLU D 302 -9.36 35.71 32.53
N ILE D 303 -8.68 36.79 32.95
CA ILE D 303 -7.23 36.93 32.82
C ILE D 303 -6.70 37.56 34.12
N GLY D 304 -5.88 36.82 34.85
CA GLY D 304 -5.27 37.36 36.07
C GLY D 304 -6.26 37.87 37.10
N GLY D 305 -7.40 37.19 37.26
CA GLY D 305 -8.42 37.66 38.16
C GLY D 305 -9.30 38.77 37.62
N LEU D 306 -8.95 39.39 36.51
CA LEU D 306 -9.84 40.34 35.88
C LEU D 306 -10.84 39.61 35.01
N GLU D 307 -12.03 40.18 34.86
CA GLU D 307 -13.12 39.53 34.15
C GLU D 307 -13.60 40.45 33.03
N PHE D 308 -13.70 39.89 31.82
CA PHE D 308 -14.15 40.61 30.63
C PHE D 308 -15.44 39.93 30.17
N PRO D 309 -16.61 40.43 30.61
CA PRO D 309 -17.88 39.76 30.26
C PRO D 309 -18.25 39.87 28.80
N ALA D 310 -17.63 40.76 28.03
CA ALA D 310 -17.89 40.89 26.61
C ALA D 310 -16.55 40.80 25.90
N ALA D 311 -16.31 39.66 25.22
CA ALA D 311 -15.07 39.43 24.50
C ALA D 311 -15.31 38.41 23.38
N PRO D 312 -16.10 38.76 22.36
CA PRO D 312 -16.43 37.76 21.31
C PRO D 312 -15.17 37.28 20.60
N PHE D 313 -15.13 35.98 20.28
CA PHE D 313 -14.02 35.39 19.54
C PHE D 313 -14.55 34.52 18.41
N SER D 314 -13.72 34.32 17.39
CA SER D 314 -14.18 33.57 16.23
C SER D 314 -13.02 32.82 15.60
N GLY D 315 -13.34 31.71 14.95
CA GLY D 315 -12.33 31.05 14.15
C GLY D 315 -12.93 30.65 12.83
N TRP D 316 -12.86 29.36 12.52
CA TRP D 316 -13.59 28.79 11.39
C TRP D 316 -14.18 27.45 11.79
N TYR D 317 -15.18 27.03 11.02
CA TYR D 317 -15.97 25.87 11.38
C TYR D 317 -15.21 24.57 11.12
N MET D 318 -15.49 23.58 11.98
CA MET D 318 -15.30 22.18 11.63
C MET D 318 -16.61 21.65 11.06
N SER D 319 -16.53 20.95 9.92
CA SER D 319 -17.74 20.66 9.13
C SER D 319 -18.78 19.85 9.91
N THR D 320 -18.37 19.00 10.85
CA THR D 320 -19.40 18.27 11.58
C THR D 320 -20.24 19.20 12.45
N GLU D 321 -19.76 20.42 12.77
CA GLU D 321 -20.62 21.30 13.55
C GLU D 321 -21.83 21.73 12.74
N ILE D 322 -21.62 21.95 11.44
CA ILE D 322 -22.74 22.34 10.59
C ILE D 322 -23.53 21.11 10.17
N GLY D 323 -22.82 20.15 9.58
CA GLY D 323 -23.51 19.02 8.96
C GLY D 323 -24.21 18.14 9.97
N THR D 324 -23.52 17.80 11.06
CA THR D 324 -24.07 16.84 12.00
C THR D 324 -24.89 17.52 13.10
N ARG D 325 -24.30 18.47 13.82
CA ARG D 325 -25.03 19.09 14.93
C ARG D 325 -26.13 20.02 14.42
N ASN D 326 -25.76 21.08 13.68
CA ASN D 326 -26.74 22.13 13.41
C ASN D 326 -27.86 21.64 12.49
N LEU D 327 -27.52 20.78 11.53
CA LEU D 327 -28.52 20.35 10.56
C LEU D 327 -29.19 19.02 10.94
N CYS D 328 -28.48 18.10 11.60
CA CYS D 328 -29.05 16.79 11.89
C CYS D 328 -29.53 16.62 13.32
N ASP D 329 -29.12 17.46 14.29
CA ASP D 329 -29.68 17.30 15.62
C ASP D 329 -31.21 17.34 15.52
N PRO D 330 -31.91 16.41 16.16
CA PRO D 330 -33.38 16.43 16.08
C PRO D 330 -34.00 17.64 16.74
N HIS D 331 -33.29 18.27 17.68
CA HIS D 331 -33.74 19.52 18.28
C HIS D 331 -33.15 20.75 17.61
N ARG D 332 -32.48 20.59 16.48
CA ARG D 332 -32.05 21.72 15.65
C ARG D 332 -32.83 21.64 14.33
N TYR D 333 -32.17 21.75 13.17
CA TYR D 333 -32.92 21.78 11.91
C TYR D 333 -33.50 20.44 11.52
N ASN D 334 -32.94 19.33 12.02
CA ASN D 334 -33.56 18.00 11.94
C ASN D 334 -33.96 17.64 10.51
N ILE D 335 -32.97 17.62 9.61
CA ILE D 335 -33.23 17.31 8.20
C ILE D 335 -32.91 15.86 7.83
N LEU D 336 -32.42 15.06 8.79
CA LEU D 336 -31.82 13.78 8.47
C LEU D 336 -32.80 12.89 7.73
N GLU D 337 -34.04 12.81 8.21
CA GLU D 337 -35.01 11.90 7.62
C GLU D 337 -35.43 12.36 6.23
N ASP D 338 -35.43 13.66 6.00
CA ASP D 338 -35.79 14.19 4.68
C ASP D 338 -34.72 13.87 3.65
N VAL D 339 -33.45 14.05 4.01
CA VAL D 339 -32.37 13.71 3.11
C VAL D 339 -32.42 12.22 2.79
N ALA D 340 -32.60 11.38 3.81
CA ALA D 340 -32.62 9.92 3.65
C ALA D 340 -33.73 9.47 2.72
N VAL D 341 -34.95 10.02 2.88
CA VAL D 341 -36.01 9.62 1.97
C VAL D 341 -35.69 10.08 0.54
N CYS D 342 -35.12 11.28 0.40
CA CYS D 342 -34.72 11.73 -0.93
C CYS D 342 -33.64 10.84 -1.52
N MET D 343 -32.73 10.33 -0.69
CA MET D 343 -31.74 9.38 -1.14
C MET D 343 -32.34 8.02 -1.47
N ASP D 344 -33.64 7.84 -1.21
CA ASP D 344 -34.38 6.59 -1.40
C ASP D 344 -33.82 5.47 -0.52
N LEU D 345 -33.42 5.82 0.70
CA LEU D 345 -33.05 4.85 1.71
C LEU D 345 -34.29 4.25 2.38
N ASP D 346 -34.12 3.06 2.94
CA ASP D 346 -35.19 2.36 3.65
C ASP D 346 -35.23 2.85 5.09
N THR D 347 -36.07 3.86 5.35
CA THR D 347 -36.13 4.48 6.67
C THR D 347 -37.04 3.72 7.65
N ARG D 348 -37.53 2.54 7.27
CA ARG D 348 -38.44 1.80 8.13
C ARG D 348 -37.73 0.91 9.15
N THR D 349 -36.44 0.62 8.95
CA THR D 349 -35.69 -0.16 9.92
C THR D 349 -34.37 0.55 10.23
N THR D 350 -33.95 0.45 11.49
CA THR D 350 -32.67 1.02 11.88
C THR D 350 -31.49 0.29 11.25
N SER D 351 -31.65 -1.01 10.95
CA SER D 351 -30.50 -1.83 10.55
C SER D 351 -30.05 -1.55 9.13
N SER D 352 -30.79 -0.76 8.35
CA SER D 352 -30.29 -0.28 7.07
C SER D 352 -29.23 0.79 7.23
N LEU D 353 -29.09 1.36 8.43
CA LEU D 353 -28.14 2.44 8.69
C LEU D 353 -28.41 3.65 7.81
N TRP D 354 -29.68 3.88 7.47
CA TRP D 354 -30.04 5.06 6.70
C TRP D 354 -29.64 6.37 7.38
N LYS D 355 -29.68 6.42 8.73
CA LYS D 355 -29.29 7.65 9.40
C LYS D 355 -27.82 7.94 9.20
N ASP D 356 -26.98 6.92 9.36
CA ASP D 356 -25.55 7.08 9.15
C ASP D 356 -25.24 7.50 7.71
N LYS D 357 -25.96 6.91 6.73
CA LYS D 357 -25.71 7.24 5.33
C LYS D 357 -26.15 8.68 4.99
N ALA D 358 -27.32 9.09 5.45
CA ALA D 358 -27.75 10.46 5.13
C ALA D 358 -26.84 11.48 5.82
N ALA D 359 -26.40 11.18 7.04
CA ALA D 359 -25.57 12.13 7.78
C ALA D 359 -24.24 12.32 7.09
N VAL D 360 -23.61 11.21 6.66
CA VAL D 360 -22.35 11.30 5.93
C VAL D 360 -22.50 12.22 4.72
N GLU D 361 -23.59 12.02 3.94
CA GLU D 361 -23.75 12.83 2.72
C GLU D 361 -24.05 14.29 3.05
N ILE D 362 -24.75 14.57 4.17
CA ILE D 362 -24.94 15.96 4.53
C ILE D 362 -23.60 16.60 4.84
N ASN D 363 -22.73 15.88 5.55
CA ASN D 363 -21.40 16.39 5.81
C ASN D 363 -20.60 16.57 4.51
N VAL D 364 -20.68 15.62 3.57
CA VAL D 364 -20.01 15.80 2.27
C VAL D 364 -20.51 17.07 1.59
N ALA D 365 -21.82 17.33 1.64
CA ALA D 365 -22.35 18.55 1.04
C ALA D 365 -21.78 19.81 1.70
N VAL D 366 -21.69 19.82 3.04
CA VAL D 366 -21.16 20.99 3.74
C VAL D 366 -19.74 21.29 3.26
N LEU D 367 -18.86 20.28 3.31
CA LEU D 367 -17.47 20.45 2.90
C LEU D 367 -17.37 20.87 1.45
N HIS D 368 -18.09 20.17 0.57
CA HIS D 368 -18.06 20.56 -0.84
C HIS D 368 -18.53 22.00 -1.02
N SER D 369 -19.57 22.41 -0.29
CA SER D 369 -20.14 23.73 -0.52
C SER D 369 -19.21 24.84 0.01
N TYR D 370 -18.52 24.61 1.14
CA TYR D 370 -17.60 25.63 1.64
C TYR D 370 -16.36 25.75 0.75
N GLN D 371 -15.82 24.60 0.32
CA GLN D 371 -14.68 24.62 -0.60
C GLN D 371 -15.05 25.30 -1.91
N LEU D 372 -16.26 25.03 -2.42
CA LEU D 372 -16.71 25.63 -3.68
C LEU D 372 -16.81 27.14 -3.57
N ALA D 373 -17.36 27.65 -2.46
CA ALA D 373 -17.47 29.09 -2.22
C ALA D 373 -16.18 29.70 -1.70
N LYS D 374 -15.12 28.91 -1.54
CA LYS D 374 -13.81 29.41 -1.09
C LYS D 374 -13.93 30.03 0.31
N VAL D 375 -14.63 29.32 1.20
CA VAL D 375 -14.72 29.68 2.62
C VAL D 375 -13.99 28.60 3.41
N THR D 376 -13.04 29.02 4.24
CA THR D 376 -12.28 28.11 5.10
C THR D 376 -13.22 27.19 5.87
N ILE D 377 -12.86 25.90 5.88
CA ILE D 377 -13.53 24.91 6.72
C ILE D 377 -12.56 23.75 6.86
N VAL D 378 -12.65 23.05 7.97
CA VAL D 378 -11.83 21.86 8.20
C VAL D 378 -12.73 20.67 8.50
N ASP D 379 -12.38 19.50 7.95
CA ASP D 379 -13.18 18.31 8.25
C ASP D 379 -12.68 17.67 9.54
N HIS D 380 -13.48 16.76 10.11
CA HIS D 380 -13.19 16.28 11.45
C HIS D 380 -11.95 15.39 11.49
N HIS D 381 -11.55 14.81 10.36
CA HIS D 381 -10.33 14.00 10.30
C HIS D 381 -9.08 14.86 10.34
N ALA D 382 -9.09 15.96 9.59
CA ALA D 382 -7.96 16.87 9.62
C ALA D 382 -7.87 17.60 10.96
N ALA D 383 -9.01 18.04 11.51
CA ALA D 383 -9.00 18.76 12.77
C ALA D 383 -8.50 17.89 13.93
N THR D 384 -8.96 16.62 13.99
CA THR D 384 -8.50 15.75 15.07
C THR D 384 -7.04 15.34 14.91
N ALA D 385 -6.55 15.17 13.68
CA ALA D 385 -5.13 14.89 13.49
C ALA D 385 -4.27 16.08 13.95
N SER D 386 -4.74 17.30 13.66
CA SER D 386 -3.97 18.47 14.11
C SER D 386 -4.05 18.62 15.62
N PHE D 387 -5.18 18.23 16.22
CA PHE D 387 -5.25 18.26 17.67
C PHE D 387 -4.27 17.27 18.30
N MET D 388 -4.04 16.12 17.66
CA MET D 388 -3.01 15.20 18.15
C MET D 388 -1.63 15.85 18.13
N LYS D 389 -1.35 16.65 17.10
CA LYS D 389 -0.10 17.39 17.08
C LYS D 389 -0.05 18.42 18.20
N HIS D 390 -1.18 19.07 18.49
CA HIS D 390 -1.24 20.01 19.60
C HIS D 390 -0.91 19.34 20.92
N LEU D 391 -1.48 18.15 21.16
CA LEU D 391 -1.19 17.41 22.38
C LEU D 391 0.29 17.10 22.50
N GLU D 392 0.94 16.75 21.38
CA GLU D 392 2.36 16.44 21.43
C GLU D 392 3.19 17.69 21.70
N ASN D 393 2.81 18.83 21.11
CA ASN D 393 3.50 20.08 21.43
C ASN D 393 3.29 20.47 22.88
N GLU D 394 2.06 20.36 23.37
CA GLU D 394 1.78 20.82 24.73
C GLU D 394 2.44 19.92 25.79
N GLN D 395 2.49 18.61 25.54
CA GLN D 395 3.23 17.73 26.43
C GLN D 395 4.68 18.21 26.60
N LYS D 396 5.35 18.52 25.50
CA LYS D 396 6.72 19.03 25.59
C LYS D 396 6.77 20.41 26.24
N ALA D 397 5.84 21.30 25.88
CA ALA D 397 5.93 22.69 26.32
C ALA D 397 5.56 22.87 27.79
N ARG D 398 4.45 22.23 28.22
CA ARG D 398 3.92 22.41 29.57
C ARG D 398 3.72 21.12 30.37
N GLY D 399 3.95 19.95 29.78
CA GLY D 399 3.75 18.72 30.53
C GLY D 399 2.30 18.27 30.61
N GLY D 400 1.47 18.70 29.69
CA GLY D 400 0.08 18.30 29.74
C GLY D 400 -0.78 19.24 28.92
N CYS D 401 -2.05 18.85 28.80
CA CYS D 401 -3.02 19.62 28.06
C CYS D 401 -4.41 19.30 28.59
N PRO D 402 -5.15 20.30 29.08
CA PRO D 402 -6.54 20.04 29.49
C PRO D 402 -7.41 19.75 28.27
N ALA D 403 -8.11 18.61 28.31
CA ALA D 403 -8.96 18.20 27.20
C ALA D 403 -10.18 17.44 27.71
N ASP D 404 -11.33 17.75 27.12
CA ASP D 404 -12.62 17.17 27.48
C ASP D 404 -12.98 16.15 26.39
N TRP D 405 -12.73 14.88 26.66
CA TRP D 405 -12.85 13.83 25.64
C TRP D 405 -14.19 13.88 24.91
N ALA D 406 -15.29 14.05 25.66
CA ALA D 406 -16.61 14.00 25.05
C ALA D 406 -16.86 15.13 24.06
N TRP D 407 -16.12 16.24 24.17
CA TRP D 407 -16.25 17.36 23.23
C TRP D 407 -15.18 17.33 22.15
N ILE D 408 -14.03 16.70 22.43
CA ILE D 408 -12.95 16.63 21.45
C ILE D 408 -13.25 15.58 20.37
N VAL D 409 -13.91 14.48 20.74
CA VAL D 409 -14.29 13.46 19.75
C VAL D 409 -15.49 13.96 18.94
N PRO D 410 -15.43 13.97 17.62
CA PRO D 410 -16.52 14.53 16.81
C PRO D 410 -17.80 13.73 16.95
N PRO D 411 -18.95 14.32 16.60
CA PRO D 411 -20.23 13.64 16.85
C PRO D 411 -20.58 12.55 15.85
N ILE D 412 -19.83 12.42 14.75
CA ILE D 412 -19.91 11.23 13.91
C ILE D 412 -18.50 10.68 13.77
N SER D 413 -18.43 9.36 13.58
CA SER D 413 -17.20 8.68 13.16
C SER D 413 -16.10 8.76 14.22
N GLY D 414 -16.50 8.78 15.49
CA GLY D 414 -15.55 9.09 16.56
C GLY D 414 -14.31 8.21 16.54
N SER D 415 -14.49 6.88 16.52
CA SER D 415 -13.35 5.98 16.56
C SER D 415 -12.57 5.92 15.24
N LEU D 416 -13.08 6.54 14.19
CA LEU D 416 -12.28 6.65 12.99
C LEU D 416 -11.24 7.76 13.09
N THR D 417 -11.28 8.57 14.15
CA THR D 417 -10.33 9.64 14.35
C THR D 417 -9.36 9.28 15.47
N PRO D 418 -8.16 9.87 15.47
CA PRO D 418 -7.15 9.46 16.44
C PRO D 418 -7.46 9.91 17.86
N VAL D 419 -8.26 10.97 18.06
CA VAL D 419 -8.49 11.44 19.43
C VAL D 419 -9.34 10.44 20.21
N PHE D 420 -10.07 9.56 19.51
CA PHE D 420 -10.92 8.58 20.20
C PHE D 420 -10.09 7.67 21.08
N HIS D 421 -8.94 7.22 20.58
CA HIS D 421 -8.10 6.28 21.29
C HIS D 421 -7.13 6.96 22.25
N GLN D 422 -7.23 8.28 22.40
CA GLN D 422 -6.33 9.06 23.27
C GLN D 422 -7.04 9.30 24.59
N GLU D 423 -6.49 8.74 25.68
CA GLU D 423 -6.97 9.13 27.01
C GLU D 423 -6.66 10.60 27.25
N MET D 424 -7.56 11.26 27.98
CA MET D 424 -7.44 12.70 28.19
C MET D 424 -7.72 13.02 29.66
N VAL D 425 -7.12 14.12 30.14
CA VAL D 425 -7.31 14.60 31.50
C VAL D 425 -7.96 15.98 31.39
N ASN D 426 -9.10 16.17 32.04
CA ASN D 426 -9.83 17.42 31.97
C ASN D 426 -9.63 18.24 33.26
N TYR D 427 -9.26 19.51 33.12
CA TYR D 427 -9.10 20.39 34.28
C TYR D 427 -9.11 21.85 33.81
N PHE D 428 -9.20 22.75 34.79
CA PHE D 428 -9.41 24.17 34.53
C PHE D 428 -8.15 24.94 34.88
N LEU D 429 -7.51 25.50 33.86
CA LEU D 429 -6.46 26.48 34.04
C LEU D 429 -7.01 27.87 33.76
N SER D 430 -6.29 28.88 34.26
CA SER D 430 -6.53 30.28 33.99
C SER D 430 -5.27 30.89 33.34
N PRO D 431 -5.42 31.85 32.42
CA PRO D 431 -6.60 32.49 31.83
C PRO D 431 -7.59 31.48 31.20
N ALA D 432 -8.85 31.88 31.18
CA ALA D 432 -9.89 30.93 30.80
C ALA D 432 -11.06 31.67 30.16
N PHE D 433 -11.71 30.98 29.23
CA PHE D 433 -13.05 31.32 28.78
C PHE D 433 -14.04 30.55 29.63
N ARG D 434 -15.09 31.24 30.10
CA ARG D 434 -16.01 30.71 31.10
C ARG D 434 -17.44 31.03 30.67
N TYR D 435 -18.33 30.09 30.97
CA TYR D 435 -19.76 30.36 30.87
C TYR D 435 -20.17 31.38 31.93
N GLN D 436 -21.20 32.15 31.60
CA GLN D 436 -21.74 33.12 32.55
C GLN D 436 -23.24 33.20 32.35
N PRO D 437 -23.98 33.65 33.36
CA PRO D 437 -25.44 33.69 33.21
C PRO D 437 -25.87 34.67 32.12
N ASP D 438 -27.04 34.40 31.56
CA ASP D 438 -27.60 35.30 30.56
C ASP D 438 -27.96 36.62 31.22
N PRO D 439 -27.76 37.74 30.51
CA PRO D 439 -27.97 39.06 31.14
C PRO D 439 -29.39 39.26 31.62
N TRP D 440 -30.36 38.65 30.95
CA TRP D 440 -31.76 38.87 31.24
C TRP D 440 -32.30 37.92 32.31
CHA HEM E . 24.08 2.22 -26.70
CHB HEM E . 21.04 5.31 -24.53
CHC HEM E . 22.78 8.88 -27.34
CHD HEM E . 25.55 5.71 -29.72
C1A HEM E . 23.15 2.74 -25.84
C2A HEM E . 22.47 2.04 -24.78
C3A HEM E . 21.64 2.89 -24.18
C4A HEM E . 21.75 4.16 -24.84
CMA HEM E . 20.70 2.59 -22.99
CAA HEM E . 22.67 0.55 -24.43
CBA HEM E . 23.77 0.37 -23.41
CGA HEM E . 23.13 -0.27 -22.21
O1A HEM E . 21.87 -0.17 -22.08
O2A HEM E . 23.83 -0.89 -21.37
C1B HEM E . 21.19 6.54 -25.15
C2B HEM E . 20.34 7.69 -24.98
C3B HEM E . 20.80 8.69 -25.75
C4B HEM E . 21.97 8.19 -26.45
CMB HEM E . 19.11 7.77 -24.05
CAB HEM E . 20.15 10.09 -25.81
CBB HEM E . 20.55 11.08 -26.60
C1C HEM E . 23.73 8.35 -28.20
C2C HEM E . 24.60 9.10 -29.08
C3C HEM E . 25.39 8.21 -29.74
C4C HEM E . 25.01 6.89 -29.29
CMC HEM E . 24.61 10.64 -29.19
CAC HEM E . 26.49 8.45 -30.80
CBC HEM E . 26.58 9.55 -31.55
C1D HEM E . 25.44 4.50 -29.08
C2D HEM E . 26.20 3.30 -29.37
C3D HEM E . 25.80 2.34 -28.55
C4D HEM E . 24.75 2.88 -27.70
CMD HEM E . 27.30 3.17 -30.45
CAD HEM E . 26.35 0.89 -28.50
CBD HEM E . 27.21 0.81 -27.25
CGD HEM E . 27.99 -0.48 -27.22
O1D HEM E . 27.93 -1.26 -28.20
O2D HEM E . 28.69 -0.71 -26.19
NA HEM E . 22.67 4.03 -25.85
NB HEM E . 22.17 6.87 -26.07
NC HEM E . 24.00 7.01 -28.35
ND HEM E . 24.56 4.20 -28.05
FE HEM E . 23.11 5.45 -27.29
N1 H4B F . 22.21 -5.08 -22.76
C2 H4B F . 22.71 -3.87 -22.46
N2 H4B F . 21.95 -2.80 -22.80
N3 H4B F . 23.91 -3.73 -21.86
C4 H4B F . 24.64 -4.83 -21.55
O4 H4B F . 25.77 -4.71 -20.98
C4A H4B F . 24.13 -6.09 -21.85
C8A H4B F . 22.90 -6.19 -22.47
N5 H4B F . 24.82 -7.23 -21.57
N8 H4B F . 22.36 -7.39 -22.81
C6 H4B F . 24.51 -8.37 -22.42
C7 H4B F . 23.02 -8.64 -22.47
C9 H4B F . 25.29 -9.59 -21.97
O9 H4B F . 25.37 -9.63 -20.54
C10 H4B F . 24.63 -10.88 -22.45
C11 H4B F . 25.47 -12.05 -21.96
O10 H4B F . 24.52 -10.94 -23.88
C13 KLD G . 26.74 -0.28 -21.23
C15 KLD G . 28.95 0.39 -21.92
C12 KLD G . 26.29 1.02 -21.46
C16 KLD G . 28.50 1.68 -22.16
C14 KLD G . 28.08 -0.59 -21.46
C11 KLD G . 27.17 1.99 -21.93
C02 KLD G . 23.89 6.43 -22.88
C03 KLD G . 24.38 7.42 -23.73
C04 KLD G . 25.47 7.13 -24.53
C05 KLD G . 26.03 5.87 -24.50
C06 KLD G . 25.50 4.91 -23.65
C07 KLD G . 26.03 8.17 -25.46
C08 KLD G . 26.11 3.52 -23.59
C09 KLD G . 26.69 3.40 -22.19
C17 KLD G . 30.41 0.11 -22.18
C18 KLD G . 30.73 -1.36 -22.39
C21 KLD G . 31.78 -0.80 -25.02
C22 KLD G . 31.77 -3.20 -24.88
C23 KLD G . 31.36 -4.07 -23.71
C24 KLD G . 30.02 -3.51 -23.27
C25 KLD G . 30.11 -2.03 -23.62
F13 KLD G . 25.90 -1.22 -20.79
F23 KLD G . 32.28 -3.93 -22.70
N01 KLD G . 24.46 5.21 -22.86
N02 KLD G . 22.83 6.68 -22.08
N21 KLD G . 30.93 -1.99 -24.85
C1 BTB H . 16.03 1.81 9.83
O1 BTB H . 17.17 2.58 9.42
C2 BTB H . 16.43 0.35 9.99
C3 BTB H . 16.13 -0.35 8.66
O3 BTB H . 15.95 -1.77 8.75
C4 BTB H . 17.91 0.30 10.33
O4 BTB H . 18.68 0.13 9.14
N BTB H . 15.67 -0.25 11.12
C5 BTB H . 15.63 0.71 12.23
C6 BTB H . 14.18 1.01 12.60
O6 BTB H . 13.44 1.23 11.39
C7 BTB H . 16.34 -1.46 11.61
C8 BTB H . 15.37 -2.38 12.35
O8 BTB H . 14.22 -2.61 11.52
C1 BTB I . 24.13 -12.29 2.65
O1 BTB I . 24.82 -12.59 1.43
C2 BTB I . 23.60 -13.57 3.29
C3 BTB I . 24.50 -14.73 2.94
O3 BTB I . 24.87 -14.70 1.55
C4 BTB I . 23.62 -13.44 4.81
O4 BTB I . 22.98 -14.57 5.41
N BTB I . 22.19 -13.81 2.90
C5 BTB I . 21.97 -13.80 1.44
C6 BTB I . 21.43 -15.14 0.98
O6 BTB I . 22.30 -16.20 1.40
C7 BTB I . 21.33 -12.78 3.52
C8 BTB I . 20.09 -13.45 4.10
O8 BTB I . 20.47 -14.71 4.66
C1 BTB J . 58.04 14.29 -29.31
O1 BTB J . 57.46 14.69 -30.56
C2 BTB J . 58.67 12.90 -29.45
C3 BTB J . 57.66 11.97 -30.12
O3 BTB J . 58.30 10.93 -30.86
C4 BTB J . 59.91 13.03 -30.35
O4 BTB J . 60.48 11.75 -30.56
N BTB J . 59.11 12.40 -28.12
C5 BTB J . 58.11 11.53 -27.48
C6 BTB J . 58.68 10.12 -27.31
O6 BTB J . 60.11 10.19 -27.19
C7 BTB J . 59.41 13.53 -27.23
C8 BTB J . 60.09 13.05 -25.94
O8 BTB J . 61.13 12.13 -26.28
ZN ZN K . 21.34 -14.62 -34.66
C1 GOL L . 35.17 25.90 -39.87
O1 GOL L . 35.89 24.72 -39.58
C2 GOL L . 33.67 25.69 -39.65
O2 GOL L . 33.40 24.41 -39.12
C3 GOL L . 32.91 25.92 -40.96
O3 GOL L . 31.66 25.26 -40.86
CL CL M . 27.87 3.98 -17.73
ZN ZN N . 4.33 -10.54 -22.80
C1 BTB O . 17.92 -9.21 8.12
O1 BTB O . 18.46 -8.49 7.01
C2 BTB O . 16.89 -8.29 8.77
C3 BTB O . 17.02 -8.12 10.28
O3 BTB O . 17.26 -6.74 10.59
C4 BTB O . 17.03 -6.90 8.13
O4 BTB O . 16.28 -5.91 8.86
N BTB O . 15.56 -8.91 8.60
C5 BTB O . 15.62 -10.39 8.82
C6 BTB O . 14.88 -10.75 10.12
O6 BTB O . 14.31 -9.57 10.71
C7 BTB O . 15.08 -8.43 7.31
C8 BTB O . 13.86 -7.67 7.76
O8 BTB O . 13.85 -8.22 9.01
CHA HEM P . 9.47 -23.08 -22.38
CHB HEM P . 9.77 -23.36 -17.58
CHC HEM P . 9.02 -28.15 -17.72
CHD HEM P . 9.57 -27.99 -22.52
C1A HEM P . 9.51 -22.70 -21.08
C2A HEM P . 9.44 -21.33 -20.53
C3A HEM P . 9.51 -21.43 -19.19
C4A HEM P . 9.64 -22.84 -18.84
CMA HEM P . 9.50 -20.30 -18.12
CAA HEM P . 9.28 -20.05 -21.36
CBA HEM P . 7.90 -19.55 -20.97
CGA HEM P . 7.83 -18.04 -20.84
O1A HEM P . 7.55 -17.41 -21.88
O2A HEM P . 7.97 -17.49 -19.72
C1B HEM P . 9.60 -24.66 -17.16
C2B HEM P . 9.59 -25.15 -15.79
C3B HEM P . 9.39 -26.48 -15.81
C4B HEM P . 9.25 -26.88 -17.22
CMB HEM P . 9.79 -24.33 -14.51
CAB HEM P . 9.32 -27.32 -14.52
CBB HEM P . 9.35 -28.66 -14.50
C1C HEM P . 9.07 -28.53 -19.05
C2C HEM P . 8.85 -29.89 -19.55
C3C HEM P . 8.99 -29.85 -20.91
C4C HEM P . 9.33 -28.47 -21.26
CMC HEM P . 8.49 -31.02 -18.57
CAC HEM P . 8.90 -30.98 -21.97
CBC HEM P . 8.94 -32.27 -21.61
C1D HEM P . 9.56 -26.66 -22.90
C2D HEM P . 9.56 -26.15 -24.25
C3D HEM P . 9.53 -24.81 -24.21
C4D HEM P . 9.50 -24.41 -22.83
CMD HEM P . 9.59 -27.04 -25.52
CAD HEM P . 9.51 -23.84 -25.40
CBD HEM P . 8.05 -23.54 -25.74
CGD HEM P . 7.99 -22.66 -26.97
O1D HEM P . 8.97 -22.67 -27.77
O2D HEM P . 6.96 -21.96 -27.16
NA HEM P . 9.65 -23.56 -20.02
NB HEM P . 9.40 -25.75 -18.00
NC HEM P . 9.36 -27.72 -20.11
ND HEM P . 9.53 -25.55 -22.06
FE HEM P . 9.86 -25.63 -20.06
N1 H4B Q . 10.58 -14.83 -23.83
C2 H4B Q . 9.70 -15.68 -23.25
N2 H4B Q . 10.11 -16.53 -22.25
N3 H4B Q . 8.41 -15.71 -23.66
C4 H4B Q . 7.95 -14.90 -24.64
O4 H4B Q . 6.76 -14.95 -25.00
C4A H4B Q . 8.84 -14.02 -25.25
C8A H4B Q . 10.17 -14.00 -24.83
N5 H4B Q . 8.45 -13.21 -26.25
N8 H4B Q . 11.07 -13.15 -25.41
C6 H4B Q . 9.47 -12.79 -27.18
C7 H4B Q . 10.66 -12.20 -26.43
C9 H4B Q . 8.88 -11.86 -28.24
O9 H4B Q . 7.88 -11.01 -27.65
C10 H4B Q . 9.94 -10.98 -28.90
C11 H4B Q . 9.34 -10.24 -30.10
O10 H4B Q . 11.06 -11.74 -29.34
C13 KLD R . 5.09 -19.23 -23.51
C15 KLD R . 3.89 -20.77 -24.91
C12 KLD R . 5.03 -20.16 -22.49
C16 KLD R . 3.84 -21.70 -23.88
C14 KLD R . 4.51 -19.54 -24.72
C11 KLD R . 4.41 -21.38 -22.66
C02 KLD R . 6.24 -24.07 -17.87
C03 KLD R . 6.09 -25.45 -18.11
C04 KLD R . 5.84 -25.91 -19.40
C05 KLD R . 5.77 -24.98 -20.44
C06 KLD R . 5.92 -23.63 -20.14
C07 KLD R . 5.69 -27.39 -19.68
C08 KLD R . 5.86 -22.60 -21.22
C09 KLD R . 4.39 -22.34 -21.51
C17 KLD R . 3.24 -21.14 -26.22
C18 KLD R . 3.31 -20.01 -27.24
C21 KLD R . 3.86 -21.82 -29.35
C22 KLD R . 3.95 -19.65 -30.22
C23 KLD R . 3.99 -18.26 -29.64
C24 KLD R . 4.77 -18.42 -28.35
C25 KLD R . 4.63 -19.89 -28.00
F13 KLD R . 5.70 -18.04 -23.31
F23 KLD R . 2.69 -17.87 -29.39
N01 KLD R . 6.15 -23.20 -18.87
N02 KLD R . 6.47 -23.57 -16.63
N21 KLD R . 4.62 -20.57 -29.30
C1 BTB S . -1.20 -4.13 8.90
O1 BTB S . -0.56 -5.30 9.41
C2 BTB S . -1.38 -4.34 7.39
C3 BTB S . -0.06 -4.05 6.68
O3 BTB S . -0.11 -4.45 5.29
C4 BTB S . -1.77 -5.80 7.15
O4 BTB S . -1.93 -6.01 5.75
N BTB S . -2.47 -3.47 6.87
C5 BTB S . -2.06 -2.06 6.77
C6 BTB S . -2.00 -1.56 5.33
O6 BTB S . -3.33 -1.38 4.83
C7 BTB S . -3.79 -3.64 7.51
C8 BTB S . -4.79 -4.34 6.57
O8 BTB S . -4.98 -3.60 5.35
C1 BTB T . -16.98 -42.65 -39.72
O1 BTB T . -17.51 -41.97 -40.87
C2 BTB T . -16.31 -41.66 -38.75
C3 BTB T . -15.16 -40.92 -39.44
O3 BTB T . -14.21 -41.78 -40.06
C4 BTB T . -17.29 -40.55 -38.41
O4 BTB T . -17.15 -39.56 -39.44
N BTB T . -15.94 -42.42 -37.53
C5 BTB T . -15.15 -43.61 -37.92
C6 BTB T . -14.31 -44.22 -36.80
O6 BTB T . -15.12 -44.72 -35.72
C7 BTB T . -17.19 -42.91 -36.96
C8 BTB T . -17.50 -42.44 -35.53
O8 BTB T . -18.87 -42.81 -35.28
C1 BTB U . -9.27 1.55 -18.77
O1 BTB U . -8.58 2.79 -18.50
C2 BTB U . -8.93 0.56 -17.67
C3 BTB U . -7.64 -0.19 -18.00
O3 BTB U . -7.41 -1.22 -17.02
C4 BTB U . -8.75 1.34 -16.38
O4 BTB U . -8.74 0.44 -15.27
N BTB U . -10.03 -0.43 -17.48
C5 BTB U . -10.08 -1.39 -18.60
C6 BTB U . -10.91 -2.60 -18.20
O6 BTB U . -10.43 -3.11 -16.95
C7 BTB U . -11.35 0.24 -17.38
C8 BTB U . -11.96 0.02 -15.99
O8 BTB U . -11.33 -1.10 -15.35
CL CL V . 0.90 -20.07 -19.63
GD GD W . -2.53 -4.00 4.23
C1 BTB X . -0.09 4.89 1.41
O1 BTB X . 0.89 5.45 0.52
C2 BTB X . -1.11 5.90 1.94
C3 BTB X . -2.20 5.08 2.62
O3 BTB X . -1.61 3.87 3.12
C4 BTB X . -0.52 6.78 3.02
O4 BTB X . -1.49 6.88 4.07
N BTB X . -1.72 6.72 0.87
C5 BTB X . -1.09 8.04 0.75
C6 BTB X . -0.49 8.25 -0.65
O6 BTB X . -0.58 7.03 -1.40
C7 BTB X . -3.18 6.81 1.06
C8 BTB X . -3.79 8.10 0.55
O8 BTB X . -3.76 8.18 -0.88
CHA HEM Y . -19.45 -3.70 27.91
CHB HEM Y . -22.97 -4.66 24.70
CHC HEM Y . -24.32 -8.35 27.54
CHD HEM Y . -21.24 -6.99 31.03
C1A HEM Y . -20.25 -3.66 26.78
C2A HEM Y . -20.10 -2.77 25.65
C3A HEM Y . -21.07 -3.04 24.77
C4A HEM Y . -21.88 -4.11 25.30
CMA HEM Y . -21.32 -2.36 23.41
CAA HEM Y . -19.03 -1.70 25.49
CBA HEM Y . -17.68 -2.35 25.25
CGA HEM Y . -17.32 -1.88 23.87
O1A HEM Y . -18.25 -1.61 23.07
O2A HEM Y . -16.12 -1.75 23.56
C1B HEM Y . -23.68 -5.73 25.20
C2B HEM Y . -24.84 -6.34 24.60
C3B HEM Y . -25.23 -7.36 25.36
C4B HEM Y . -24.32 -7.43 26.50
CMB HEM Y . -25.54 -5.90 23.30
CAB HEM Y . -26.46 -8.23 25.01
CBB HEM Y . -26.84 -9.28 25.75
C1C HEM Y . -23.57 -8.34 28.70
C2C HEM Y . -23.58 -9.37 29.72
C3C HEM Y . -22.72 -9.01 30.69
C4C HEM Y . -22.15 -7.72 30.31
CMC HEM Y . -24.45 -10.65 29.63
CAC HEM Y . -22.34 -9.67 32.03
CBC HEM Y . -23.16 -10.48 32.70
C1D HEM Y . -20.44 -6.00 30.47
C2D HEM Y . -19.26 -5.42 31.07
C3D HEM Y . -18.78 -4.50 30.23
C4D HEM Y . -19.61 -4.49 29.03
CMD HEM Y . -18.66 -5.78 32.45
CAD HEM Y . -17.52 -3.68 30.47
CBD HEM Y . -16.45 -4.40 29.66
CGD HEM Y . -15.15 -3.68 29.66
O1D HEM Y . -14.91 -2.83 30.57
O2D HEM Y . -14.36 -3.96 28.73
NA HEM Y . -21.35 -4.46 26.53
NB HEM Y . -23.38 -6.42 26.36
NC HEM Y . -22.69 -7.35 29.09
ND HEM Y . -20.64 -5.42 29.23
FE HEM Y . -22.26 -5.65 27.96
N1 H4B Z . -15.97 2.80 24.23
C2 H4B Z . -16.18 1.49 23.96
N2 H4B Z . -17.44 1.01 23.86
N3 H4B Z . -15.11 0.67 23.78
C4 H4B Z . -13.84 1.13 23.87
O4 H4B Z . -12.88 0.34 23.70
C4A H4B Z . -13.62 2.49 24.15
C8A H4B Z . -14.73 3.31 24.33
N5 H4B Z . -12.39 3.02 24.26
N8 H4B Z . -14.59 4.63 24.61
C6 H4B Z . -12.29 4.17 25.14
C7 H4B Z . -13.28 5.26 24.71
C9 H4B Z . -10.87 4.74 25.27
O9 H4B Z . -10.21 4.82 23.99
C10 H4B Z . -10.96 6.13 25.89
C11 H4B Z . -9.61 6.84 25.91
O10 H4B Z . -11.49 6.00 27.22
C13 KLD AA . -14.19 -3.66 24.21
C15 KLD AA . -13.10 -5.26 25.60
C12 KLD AA . -15.29 -4.51 24.11
C16 KLD AA . -14.19 -6.11 25.50
C14 KLD AA . -13.09 -4.03 24.95
C11 KLD AA . -15.31 -5.74 24.75
C02 KLD AA . -20.72 -7.52 24.06
C03 KLD AA . -21.15 -8.55 24.89
C04 KLD AA . -20.39 -8.90 25.99
C05 KLD AA . -19.21 -8.22 26.27
C06 KLD AA . -18.82 -7.19 25.43
C07 KLD AA . -20.84 -10.02 26.88
C08 KLD AA . -17.52 -6.45 25.74
C09 KLD AA . -16.51 -6.65 24.62
C17 KLD AA . -11.88 -5.66 26.40
C18 KLD AA . -10.85 -4.54 26.44
C21 KLD AA . -11.59 -5.22 29.47
C22 KLD AA . -9.25 -4.76 29.18
C23 KLD AA . -8.39 -3.99 28.21
C24 KLD AA . -9.35 -3.02 27.51
C25 KLD AA . -10.74 -3.63 27.68
F13 KLD AA . -14.18 -2.47 23.59
F23 KLD AA . -7.80 -4.85 27.32
N01 KLD AA . -19.57 -6.87 24.35
N02 KLD AA . -21.48 -7.17 22.99
N21 KLD AA . -10.61 -4.22 29.03
C1 BTB BA . -14.37 -3.77 -9.54
O1 BTB BA . -13.61 -4.92 -9.93
C2 BTB BA . -13.44 -2.67 -9.04
C3 BTB BA . -14.19 -1.64 -8.23
O3 BTB BA . -13.22 -0.61 -7.98
C4 BTB BA . -12.38 -3.25 -8.12
O4 BTB BA . -13.02 -3.92 -7.02
N BTB BA . -12.83 -1.87 -10.15
C5 BTB BA . -13.54 -2.10 -11.42
C6 BTB BA . -14.35 -0.84 -11.75
O6 BTB BA . -14.01 0.21 -10.83
C7 BTB BA . -11.39 -2.10 -10.31
C8 BTB BA . -10.72 -0.78 -10.64
O8 BTB BA . -11.13 -0.31 -11.93
C1 BTB CA . -1.71 -32.37 40.96
O1 BTB CA . -2.66 -32.91 41.87
C2 BTB CA . -0.35 -32.22 41.65
C3 BTB CA . -0.51 -31.30 42.85
O3 BTB CA . 0.20 -31.82 43.98
C4 BTB CA . 0.12 -33.59 42.11
O4 BTB CA . -1.00 -34.49 42.22
N BTB CA . 0.64 -31.65 40.70
C5 BTB CA . 1.08 -32.69 39.74
C6 BTB CA . 0.59 -32.39 38.33
O6 BTB CA . 1.08 -31.12 37.91
C7 BTB CA . 1.82 -31.13 41.41
C8 BTB CA . 2.34 -29.85 40.77
O8 BTB CA . 2.79 -30.11 39.43
ZN ZN DA . -14.71 12.78 36.07
C1 GOL EA . -27.42 -27.23 41.68
O1 GOL EA . -26.44 -26.38 41.12
C2 GOL EA . -28.77 -26.83 41.12
O2 GOL EA . -28.62 -25.65 40.35
C3 GOL EA . -29.76 -26.58 42.25
O3 GOL EA . -30.58 -25.48 41.90
CL CL FA . -14.99 -8.02 20.73
N1 H4B GA . -19.63 17.65 22.20
C2 H4B GA . -19.63 18.76 21.43
N2 H4B GA . -18.50 19.07 20.73
N3 H4B GA . -20.72 19.55 21.34
C4 H4B GA . -21.84 19.26 22.02
O4 H4B GA . -22.84 20.02 21.93
C4A H4B GA . -21.87 18.13 22.84
C8A H4B GA . -20.73 17.32 22.91
N5 H4B GA . -22.97 17.79 23.56
N8 H4B GA . -20.71 16.21 23.69
C6 H4B GA . -22.68 17.04 24.77
C7 H4B GA . -21.88 15.79 24.44
C9 H4B GA . -23.96 16.72 25.55
O9 H4B GA . -25.04 16.48 24.62
C10 H4B GA . -23.75 15.50 26.43
C11 H4B GA . -24.97 15.14 27.27
O10 H4B GA . -22.63 15.73 27.31
ZN ZN HA . -26.12 17.73 18.97
CHA HEM IA . -15.09 24.78 21.26
CHB HEM IA . -13.32 24.29 16.77
CHC HEM IA . -11.07 28.59 17.17
CHD HEM IA . -12.43 28.80 21.82
C1A HEM IA . -14.86 24.28 20.00
C2A HEM IA . -15.48 23.10 19.41
C3A HEM IA . -14.99 22.96 18.16
C4A HEM IA . -14.04 24.07 17.92
CMA HEM IA . -15.31 21.89 17.12
CAA HEM IA . -16.47 22.21 20.18
CBA HEM IA . -17.91 22.61 19.95
CGA HEM IA . -18.43 21.90 18.72
O1A HEM IA . -18.06 20.72 18.51
O2A HEM IA . -19.22 22.52 17.97
C1B HEM IA . -12.53 25.38 16.48
C2B HEM IA . -11.77 25.60 15.25
C3B HEM IA . -11.15 26.77 15.34
C4B HEM IA . -11.47 27.37 16.65
CMB HEM IA . -11.69 24.64 14.05
CAB HEM IA . -10.25 27.32 14.20
CBB HEM IA . -9.58 28.48 14.31
C1C HEM IA . -11.27 29.03 18.46
C2C HEM IA . -10.83 30.33 18.99
C3C HEM IA . -11.22 30.39 20.29
C4C HEM IA . -11.90 29.14 20.60
CMC HEM IA . -10.09 31.36 18.14
CAC HEM IA . -11.00 31.50 21.34
CBC HEM IA . -10.10 32.49 21.19
C1D HEM IA . -13.29 27.76 22.07
C2D HEM IA . -13.96 27.52 23.32
C3D HEM IA . -14.69 26.41 23.18
C4D HEM IA . -14.50 25.91 21.82
CMD HEM IA . -13.84 28.42 24.58
CAD HEM IA . -15.60 25.79 24.24
CBD HEM IA . -16.97 26.42 24.01
CGD HEM IA . -18.02 25.79 24.90
O1D HEM IA . -17.67 25.03 25.85
O2D HEM IA . -19.22 26.08 24.66
NA HEM IA . -14.02 24.82 19.06
NB HEM IA . -12.31 26.49 17.31
NC HEM IA . -11.89 28.36 19.48
ND HEM IA . -13.63 26.76 21.18
FE HEM IA . -12.69 26.38 19.40
C13 KLD JA . -21.25 24.20 20.70
C15 KLD JA . -21.89 26.22 21.84
C12 KLD JA . -20.16 24.88 20.17
C16 KLD JA . -20.79 26.88 21.30
C14 KLD JA . -22.13 24.87 21.55
C11 KLD JA . -19.92 26.22 20.46
C02 KLD JA . -15.73 26.87 16.01
C03 KLD JA . -15.02 28.03 16.37
C04 KLD JA . -15.44 28.72 17.51
C05 KLD JA . -16.54 28.26 18.25
C06 KLD JA . -17.21 27.10 17.83
C07 KLD JA . -14.70 29.97 17.92
C08 KLD JA . -18.42 26.46 18.50
C09 KLD JA . -18.72 26.96 19.90
C17 KLD JA . -22.83 26.98 22.73
C18 KLD JA . -23.28 26.11 23.89
C21 KLD JA . -22.43 28.27 25.80
C22 KLD JA . -23.70 26.38 26.66
C23 KLD JA . -23.67 24.87 26.51
C24 KLD JA . -22.49 24.57 25.59
C25 KLD JA . -22.22 25.93 24.96
F13 KLD JA . -21.44 22.91 20.42
F23 KLD JA . -24.84 24.44 25.93
N01 KLD JA . -16.78 26.48 16.74
N02 KLD JA . -15.43 26.13 14.95
N21 KLD JA . -22.43 26.83 26.10
C1 BTB KA . -23.27 11.22 -13.14
O1 BTB KA . -22.80 12.34 -13.89
C2 BTB KA . -23.94 11.69 -11.85
C3 BTB KA . -23.64 10.71 -10.71
O3 BTB KA . -23.93 11.31 -9.44
C4 BTB KA . -23.42 13.06 -11.44
O4 BTB KA . -24.51 13.75 -10.79
N BTB KA . -25.42 11.82 -12.05
C5 BTB KA . -26.15 10.59 -11.70
C6 BTB KA . -27.59 10.96 -11.37
O6 BTB KA . -27.96 10.40 -10.12
C7 BTB KA . -25.86 12.39 -13.33
C8 BTB KA . -26.52 13.76 -13.08
O8 BTB KA . -27.33 13.73 -11.90
C1 BTB LA . -31.67 54.64 30.35
O1 BTB LA . -32.79 54.82 31.21
C2 BTB LA . -30.67 55.75 30.66
C3 BTB LA . -31.33 56.73 31.63
O3 BTB LA . -30.79 56.56 32.95
C4 BTB LA . -29.51 55.11 31.38
O4 BTB LA . -28.35 55.95 31.27
N BTB LA . -30.24 56.45 29.42
C5 BTB LA . -30.17 57.91 29.65
C6 BTB LA . -28.82 58.46 29.19
O6 BTB LA . -28.22 57.49 28.32
C7 BTB LA . -31.16 56.15 28.29
C8 BTB LA . -31.45 57.31 27.34
O8 BTB LA . -30.31 57.63 26.54
C1 BTB MA . -41.98 15.19 5.99
O1 BTB MA . -41.24 14.54 4.95
C2 BTB MA . -41.13 15.34 7.25
C3 BTB MA . -41.94 14.85 8.46
O3 BTB MA . -41.15 14.83 9.66
C4 BTB MA . -39.92 14.41 7.07
O4 BTB MA . -39.60 13.70 8.27
N BTB MA . -40.68 16.76 7.43
C5 BTB MA . -41.55 17.51 8.35
C6 BTB MA . -40.79 17.94 9.58
O6 BTB MA . -41.68 18.63 10.45
C7 BTB MA . -40.69 17.51 6.16
C8 BTB MA . -39.54 18.50 6.04
O8 BTB MA . -39.31 19.24 7.23
GD GD NA . -26.28 12.58 -9.58
CL CL OA . -22.55 26.70 15.62
#